data_9J6P
# 
_entry.id   9J6P 
# 
_audit_conform.dict_name       mmcif_pdbx.dic 
_audit_conform.dict_version    5.403 
_audit_conform.dict_location   http://mmcif.pdb.org/dictionaries/ascii/mmcif_pdbx.dic 
# 
loop_
_database_2.database_id 
_database_2.database_code 
_database_2.pdbx_database_accession 
_database_2.pdbx_DOI 
PDB   9J6P         pdb_00009j6p 10.2210/pdb9j6p/pdb 
WWPDB D_1300050452 ?            ?                   
# 
loop_
_pdbx_audit_revision_history.ordinal 
_pdbx_audit_revision_history.data_content_type 
_pdbx_audit_revision_history.major_revision 
_pdbx_audit_revision_history.minor_revision 
_pdbx_audit_revision_history.revision_date 
_pdbx_audit_revision_history.part_number 
1 'Structure model' 1 0 2025-01-15 ? 
2 'Structure model' 1 1 2025-04-16 ? 
# 
_pdbx_audit_revision_details.ordinal             1 
_pdbx_audit_revision_details.revision_ordinal    1 
_pdbx_audit_revision_details.data_content_type   'Structure model' 
_pdbx_audit_revision_details.provider            repository 
_pdbx_audit_revision_details.type                'Initial release' 
_pdbx_audit_revision_details.description         ? 
_pdbx_audit_revision_details.details             ? 
# 
_pdbx_audit_revision_group.ordinal             1 
_pdbx_audit_revision_group.revision_ordinal    2 
_pdbx_audit_revision_group.data_content_type   'Structure model' 
_pdbx_audit_revision_group.group               'Database references' 
# 
loop_
_pdbx_audit_revision_category.ordinal 
_pdbx_audit_revision_category.revision_ordinal 
_pdbx_audit_revision_category.data_content_type 
_pdbx_audit_revision_category.category 
1 2 'Structure model' citation        
2 2 'Structure model' citation_author 
# 
loop_
_pdbx_audit_revision_item.ordinal 
_pdbx_audit_revision_item.revision_ordinal 
_pdbx_audit_revision_item.data_content_type 
_pdbx_audit_revision_item.item 
1  2 'Structure model' '_citation.country'                 
2  2 'Structure model' '_citation.journal_abbrev'          
3  2 'Structure model' '_citation.journal_id_CSD'          
4  2 'Structure model' '_citation.journal_id_ISSN'         
5  2 'Structure model' '_citation.journal_volume'          
6  2 'Structure model' '_citation.page_first'              
7  2 'Structure model' '_citation.page_last'               
8  2 'Structure model' '_citation.pdbx_database_id_DOI'    
9  2 'Structure model' '_citation.pdbx_database_id_PubMed' 
10 2 'Structure model' '_citation.title'                   
11 2 'Structure model' '_citation.year'                    
12 2 'Structure model' '_citation_author.identifier_ORCID' 
# 
_pdbx_database_status.status_code                     REL 
_pdbx_database_status.status_code_sf                  REL 
_pdbx_database_status.status_code_mr                  ? 
_pdbx_database_status.entry_id                        9J6P 
_pdbx_database_status.recvd_initial_deposition_date   2024-08-16 
_pdbx_database_status.SG_entry                        N 
_pdbx_database_status.deposit_site                    PDBJ 
_pdbx_database_status.process_site                    PDBJ 
_pdbx_database_status.status_code_cs                  ? 
_pdbx_database_status.status_code_nmr_data            ? 
_pdbx_database_status.methods_development_category    ? 
_pdbx_database_status.pdb_format_compatible           N 
# 
_pdbx_contact_author.id                 2 
_pdbx_contact_author.email              j.kondo@sophia.ac.jp 
_pdbx_contact_author.name_first         Jiro 
_pdbx_contact_author.name_last          Kondo 
_pdbx_contact_author.name_mi            ? 
_pdbx_contact_author.role               'principal investigator/group leader' 
_pdbx_contact_author.identifier_ORCID   0000-0002-5682-3685 
# 
loop_
_audit_author.name 
_audit_author.pdbx_ordinal 
_audit_author.identifier_ORCID 
'Kondo, J.'     1  0000-0002-5682-3685 
'Nagasawa, R.'  2  ?                   
'Onizuka, K.'   3  ?                   
'Kawamura, K.'  4  ?                   
'Tsuzuki, K.'   5  ?                   
'Murase, H.'    6  ?                   
'Komatsu, K.R.' 7  ?                   
'Miyashita, E.' 8  ?                   
'Saito, H.'     9  ?                   
'Nagatsugi, F.' 10 ?                   
# 
_citation.abstract                  ? 
_citation.abstract_id_CAS           ? 
_citation.book_id_ISBN              ? 
_citation.book_publisher            ? 
_citation.book_publisher_city       ? 
_citation.book_title                ? 
_citation.coordinate_linkage        ? 
_citation.country                   UK 
_citation.database_id_Medline       ? 
_citation.details                   ? 
_citation.id                        primary 
_citation.journal_abbrev            'Chem.Commun.(Camb.)' 
_citation.journal_id_ASTM           ? 
_citation.journal_id_CSD            ? 
_citation.journal_id_ISSN           1364-548X 
_citation.journal_full              ? 
_citation.journal_issue             ? 
_citation.journal_volume            61 
_citation.language                  ? 
_citation.page_first                1120 
_citation.page_last                 1123 
_citation.title                     'Crystallographic analysis of G-clamp-RNA complex assisted by large scale RNA-binding profile.' 
_citation.year                      2025 
_citation.database_id_CSD           ? 
_citation.pdbx_database_id_DOI      10.1039/d4cc04677c 
_citation.pdbx_database_id_PubMed   39641381 
_citation.pdbx_database_id_patent   ? 
_citation.unpublished_flag          ? 
# 
loop_
_citation_author.citation_id 
_citation_author.name 
_citation_author.ordinal 
_citation_author.identifier_ORCID 
primary 'Nagasawa, R.'  1  0009-0002-0474-3218 
primary 'Onizuka, K.'   2  0000-0001-9713-4619 
primary 'Kawamura, K.'  3  ?                   
primary 'Tsuzuki, K.'   4  ?                   
primary 'Murase, H.'    5  0000-0001-5747-191X 
primary 'Komatsu, K.R.' 6  0000-0002-4505-0840 
primary 'Miyashita, E.' 7  ?                   
primary 'Saito, H.'     8  ?                   
primary 'Kondo, J.'     9  0000-0002-5682-3685 
primary 'Nagatsugi, F.' 10 0000-0002-5526-6020 
# 
loop_
_entity.id 
_entity.type 
_entity.src_method 
_entity.pdbx_description 
_entity.formula_weight 
_entity.pdbx_number_of_molecules 
_entity.pdbx_ec 
_entity.pdbx_mutation 
_entity.pdbx_fragment 
_entity.details 
1 polymer     syn 
;RNA (5'-R(P*UP*GP*CP*GP*GP*GP*GP*UP*CP*CP*CP*GP*GP*GP*AP*GP*GP*AP*CP*CP*GP*C)-3')
;
7159.323 2  ? ? ? ? 
2 non-polymer syn 
;~{N}-[2-[2-[2-(2-azanylethoxy)ethoxy]ethoxy]ethyl]-2-[9-(2-azanylethoxy)-2-oxidanylidene-10~{H}-pyrimido[5,4-b][1,4]benzoxazin-3-yl]ethanamide
;
492.525  2  ? ? ? ? 
3 water       nat water 18.015   13 ? ? ? ? 
# 
_entity_poly.entity_id                      1 
_entity_poly.type                           polyribonucleotide 
_entity_poly.nstd_linkage                   no 
_entity_poly.nstd_monomer                   no 
_entity_poly.pdbx_seq_one_letter_code       UGCGGGGUCCCGGGAGGACCGC 
_entity_poly.pdbx_seq_one_letter_code_can   UGCGGGGUCCCGGGAGGACCGC 
_entity_poly.pdbx_strand_id                 A,B 
_entity_poly.pdbx_target_identifier         ? 
# 
loop_
_pdbx_entity_nonpoly.entity_id 
_pdbx_entity_nonpoly.name 
_pdbx_entity_nonpoly.comp_id 
2 
;~{N}-[2-[2-[2-(2-azanylethoxy)ethoxy]ethoxy]ethyl]-2-[9-(2-azanylethoxy)-2-oxidanylidene-10~{H}-pyrimido[5,4-b][1,4]benzoxazin-3-yl]ethanamide
;
A1L3Y 
3 water HOH   
# 
loop_
_entity_poly_seq.entity_id 
_entity_poly_seq.num 
_entity_poly_seq.mon_id 
_entity_poly_seq.hetero 
1 1  U n 
1 2  G n 
1 3  C n 
1 4  G n 
1 5  G n 
1 6  G n 
1 7  G n 
1 8  U n 
1 9  C n 
1 10 C n 
1 11 C n 
1 12 G n 
1 13 G n 
1 14 G n 
1 15 A n 
1 16 G n 
1 17 G n 
1 18 A n 
1 19 C n 
1 20 C n 
1 21 G n 
1 22 C n 
# 
_pdbx_entity_src_syn.entity_id              1 
_pdbx_entity_src_syn.pdbx_src_id            1 
_pdbx_entity_src_syn.pdbx_alt_source_flag   sample 
_pdbx_entity_src_syn.pdbx_beg_seq_num       1 
_pdbx_entity_src_syn.pdbx_end_seq_num       22 
_pdbx_entity_src_syn.organism_scientific    'synthetic construct' 
_pdbx_entity_src_syn.organism_common_name   ? 
_pdbx_entity_src_syn.ncbi_taxonomy_id       32630 
_pdbx_entity_src_syn.details                ? 
# 
loop_
_chem_comp.id 
_chem_comp.type 
_chem_comp.mon_nstd_flag 
_chem_comp.name 
_chem_comp.pdbx_synonyms 
_chem_comp.formula 
_chem_comp.formula_weight 
A     'RNA linking' y "ADENOSINE-5'-MONOPHOSPHATE" ? 'C10 H14 N5 O7 P' 347.221 
A1L3Y non-polymer   . 
;~{N}-[2-[2-[2-(2-azanylethoxy)ethoxy]ethoxy]ethyl]-2-[9-(2-azanylethoxy)-2-oxidanylidene-10~{H}-pyrimido[5,4-b][1,4]benzoxazin-3-yl]ethanamide
;
? 'C22 H32 N6 O7'   492.525 
C     'RNA linking' y "CYTIDINE-5'-MONOPHOSPHATE" ? 'C9 H14 N3 O8 P'  323.197 
G     'RNA linking' y "GUANOSINE-5'-MONOPHOSPHATE" ? 'C10 H14 N5 O8 P' 363.221 
HOH   non-polymer   . WATER ? 'H2 O'            18.015  
U     'RNA linking' y "URIDINE-5'-MONOPHOSPHATE" ? 'C9 H13 N2 O9 P'  324.181 
# 
loop_
_pdbx_poly_seq_scheme.asym_id 
_pdbx_poly_seq_scheme.entity_id 
_pdbx_poly_seq_scheme.seq_id 
_pdbx_poly_seq_scheme.mon_id 
_pdbx_poly_seq_scheme.ndb_seq_num 
_pdbx_poly_seq_scheme.pdb_seq_num 
_pdbx_poly_seq_scheme.auth_seq_num 
_pdbx_poly_seq_scheme.pdb_mon_id 
_pdbx_poly_seq_scheme.auth_mon_id 
_pdbx_poly_seq_scheme.pdb_strand_id 
_pdbx_poly_seq_scheme.pdb_ins_code 
_pdbx_poly_seq_scheme.hetero 
A 1 1  U 1  2  2  U U A . n 
A 1 2  G 2  3  3  G G A . n 
A 1 3  C 3  4  4  C C A . n 
A 1 4  G 4  5  5  G G A . n 
A 1 5  G 5  6  6  G G A . n 
A 1 6  G 6  7  7  G G A . n 
A 1 7  G 7  8  8  G G A . n 
A 1 8  U 8  9  9  U U A . n 
A 1 9  C 9  10 10 C C A . n 
A 1 10 C 10 11 11 C C A . n 
A 1 11 C 11 12 12 C C A . n 
A 1 12 G 12 13 13 G G A . n 
A 1 13 G 13 14 14 G G A . n 
A 1 14 G 14 15 15 G G A . n 
A 1 15 A 15 16 16 A A A . n 
A 1 16 G 16 17 17 G G A . n 
A 1 17 G 17 18 18 G G A . n 
A 1 18 A 18 19 19 A A A . n 
A 1 19 C 19 20 20 C C A . n 
A 1 20 C 20 21 21 C C A . n 
A 1 21 G 21 22 22 G G A . n 
A 1 22 C 22 23 23 C C A . n 
B 1 1  U 1  2  ?  ? ? B . n 
B 1 2  G 2  3  3  G G B . n 
B 1 3  C 3  4  4  C C B . n 
B 1 4  G 4  5  5  G G B . n 
B 1 5  G 5  6  6  G G B . n 
B 1 6  G 6  7  7  G G B . n 
B 1 7  G 7  8  8  G G B . n 
B 1 8  U 8  9  9  U U B . n 
B 1 9  C 9  10 10 C C B . n 
B 1 10 C 10 11 11 C C B . n 
B 1 11 C 11 12 12 C C B . n 
B 1 12 G 12 13 13 G G B . n 
B 1 13 G 13 14 14 G G B . n 
B 1 14 G 14 15 15 G G B . n 
B 1 15 A 15 16 16 A A B . n 
B 1 16 G 16 17 17 G G B . n 
B 1 17 G 17 18 18 G G B . n 
B 1 18 A 18 19 19 A A B . n 
B 1 19 C 19 20 20 C C B . n 
B 1 20 C 20 21 21 C C B . n 
B 1 21 G 21 22 22 G G B . n 
B 1 22 C 22 23 23 C C B . n 
# 
_pdbx_entity_instance_feature.ordinal        1 
_pdbx_entity_instance_feature.comp_id        A1L3Y 
_pdbx_entity_instance_feature.asym_id        ? 
_pdbx_entity_instance_feature.seq_num        ? 
_pdbx_entity_instance_feature.auth_comp_id   A1L3Y 
_pdbx_entity_instance_feature.auth_asym_id   ? 
_pdbx_entity_instance_feature.auth_seq_num   ? 
_pdbx_entity_instance_feature.feature_type   'SUBJECT OF INVESTIGATION' 
_pdbx_entity_instance_feature.details        ? 
# 
loop_
_pdbx_nonpoly_scheme.asym_id 
_pdbx_nonpoly_scheme.entity_id 
_pdbx_nonpoly_scheme.mon_id 
_pdbx_nonpoly_scheme.ndb_seq_num 
_pdbx_nonpoly_scheme.pdb_seq_num 
_pdbx_nonpoly_scheme.auth_seq_num 
_pdbx_nonpoly_scheme.pdb_mon_id 
_pdbx_nonpoly_scheme.auth_mon_id 
_pdbx_nonpoly_scheme.pdb_strand_id 
_pdbx_nonpoly_scheme.pdb_ins_code 
C 2 A1L3Y 1  101 102 A1L3Y LIG A . 
D 2 A1L3Y 1  101 101 A1L3Y LIG B . 
E 3 HOH   1  201 1   HOH   HOH A . 
E 3 HOH   2  202 9   HOH   HOH A . 
E 3 HOH   3  203 7   HOH   HOH A . 
E 3 HOH   4  204 3   HOH   HOH A . 
E 3 HOH   5  205 6   HOH   HOH A . 
E 3 HOH   6  206 4   HOH   HOH A . 
E 3 HOH   7  207 12  HOH   HOH A . 
E 3 HOH   8  208 5   HOH   HOH A . 
E 3 HOH   9  209 2   HOH   HOH A . 
E 3 HOH   10 210 13  HOH   HOH A . 
F 3 HOH   1  201 8   HOH   HOH B . 
F 3 HOH   2  202 11  HOH   HOH B . 
F 3 HOH   3  203 10  HOH   HOH B . 
# 
loop_
_pdbx_unobs_or_zero_occ_atoms.id 
_pdbx_unobs_or_zero_occ_atoms.PDB_model_num 
_pdbx_unobs_or_zero_occ_atoms.polymer_flag 
_pdbx_unobs_or_zero_occ_atoms.occupancy_flag 
_pdbx_unobs_or_zero_occ_atoms.auth_asym_id 
_pdbx_unobs_or_zero_occ_atoms.auth_comp_id 
_pdbx_unobs_or_zero_occ_atoms.auth_seq_id 
_pdbx_unobs_or_zero_occ_atoms.PDB_ins_code 
_pdbx_unobs_or_zero_occ_atoms.auth_atom_id 
_pdbx_unobs_or_zero_occ_atoms.label_alt_id 
_pdbx_unobs_or_zero_occ_atoms.label_asym_id 
_pdbx_unobs_or_zero_occ_atoms.label_comp_id 
_pdbx_unobs_or_zero_occ_atoms.label_seq_id 
_pdbx_unobs_or_zero_occ_atoms.label_atom_id 
1 1 N 1 A A1L3Y 101 ? C03 ? C A1L3Y 1 C03 
2 1 N 1 A A1L3Y 101 ? C08 ? C A1L3Y 1 C08 
3 1 N 1 A A1L3Y 101 ? O01 ? C A1L3Y 1 O01 
4 1 N 1 A A1L3Y 101 ? C04 ? C A1L3Y 1 C04 
5 1 N 1 A A1L3Y 101 ? N01 ? C A1L3Y 1 N01 
6 1 N 1 B A1L3Y 101 ? C04 ? D A1L3Y 1 C04 
7 1 N 1 B A1L3Y 101 ? N01 ? D A1L3Y 1 N01 
# 
loop_
_software.citation_id 
_software.classification 
_software.compiler_name 
_software.compiler_version 
_software.contact_author 
_software.contact_author_email 
_software.date 
_software.description 
_software.dependencies 
_software.hardware 
_software.language 
_software.location 
_software.mods 
_software.name 
_software.os 
_software.os_version 
_software.type 
_software.version 
_software.pdbx_ordinal 
? refinement       ? ? ? ? ? ? ? ? ? ? ? PHENIX ? ? ? '(1.17.1_3660: ???)' 1 
? 'data scaling'   ? ? ? ? ? ? ? ? ? ? ? XSCALE ? ? ? .                    2 
? 'data reduction' ? ? ? ? ? ? ? ? ? ? ? XDS    ? ? ? .                    3 
? phasing          ? ? ? ? ? ? ? ? ? ? ? PHENIX ? ? ? .                    4 
# 
_cell.angle_alpha                  90.00 
_cell.angle_alpha_esd              ? 
_cell.angle_beta                   90.00 
_cell.angle_beta_esd               ? 
_cell.angle_gamma                  120.00 
_cell.angle_gamma_esd              ? 
_cell.entry_id                     9J6P 
_cell.details                      ? 
_cell.formula_units_Z              ? 
_cell.length_a                     46.156 
_cell.length_a_esd                 ? 
_cell.length_b                     46.156 
_cell.length_b_esd                 ? 
_cell.length_c                     336.178 
_cell.length_c_esd                 ? 
_cell.volume                       ? 
_cell.volume_esd                   ? 
_cell.Z_PDB                        36 
_cell.reciprocal_angle_alpha       ? 
_cell.reciprocal_angle_beta        ? 
_cell.reciprocal_angle_gamma       ? 
_cell.reciprocal_angle_alpha_esd   ? 
_cell.reciprocal_angle_beta_esd    ? 
_cell.reciprocal_angle_gamma_esd   ? 
_cell.reciprocal_length_a          ? 
_cell.reciprocal_length_b          ? 
_cell.reciprocal_length_c          ? 
_cell.reciprocal_length_a_esd      ? 
_cell.reciprocal_length_b_esd      ? 
_cell.reciprocal_length_c_esd      ? 
_cell.pdbx_unique_axis             ? 
_cell.pdbx_esd_method              ? 
# 
_symmetry.entry_id                         9J6P 
_symmetry.cell_setting                     ? 
_symmetry.Int_Tables_number                155 
_symmetry.space_group_name_Hall            ? 
_symmetry.space_group_name_H-M             'H 3 2' 
_symmetry.pdbx_full_space_group_name_H-M   ? 
# 
_exptl.absorpt_coefficient_mu     ? 
_exptl.absorpt_correction_T_max   ? 
_exptl.absorpt_correction_T_min   ? 
_exptl.absorpt_correction_type    ? 
_exptl.absorpt_process_details    ? 
_exptl.entry_id                   9J6P 
_exptl.crystals_number            1 
_exptl.details                    ? 
_exptl.method                     'X-RAY DIFFRACTION' 
_exptl.method_details             ? 
# 
_exptl_crystal.colour                       ? 
_exptl_crystal.density_diffrn               ? 
_exptl_crystal.density_Matthews             2.46 
_exptl_crystal.density_method               ? 
_exptl_crystal.density_percent_sol          49.98 
_exptl_crystal.description                  ? 
_exptl_crystal.F_000                        ? 
_exptl_crystal.id                           1 
_exptl_crystal.preparation                  ? 
_exptl_crystal.size_max                     ? 
_exptl_crystal.size_mid                     ? 
_exptl_crystal.size_min                     ? 
_exptl_crystal.size_rad                     ? 
_exptl_crystal.colour_lustre                ? 
_exptl_crystal.colour_modifier              ? 
_exptl_crystal.colour_primary               ? 
_exptl_crystal.density_meas                 ? 
_exptl_crystal.density_meas_esd             ? 
_exptl_crystal.density_meas_gt              ? 
_exptl_crystal.density_meas_lt              ? 
_exptl_crystal.density_meas_temp            ? 
_exptl_crystal.density_meas_temp_esd        ? 
_exptl_crystal.density_meas_temp_gt         ? 
_exptl_crystal.density_meas_temp_lt         ? 
_exptl_crystal.pdbx_crystal_image_url       ? 
_exptl_crystal.pdbx_crystal_image_format    ? 
_exptl_crystal.pdbx_mosaicity               ? 
_exptl_crystal.pdbx_mosaicity_esd           ? 
_exptl_crystal.pdbx_mosaic_method           ? 
_exptl_crystal.pdbx_mosaic_block_size       ? 
_exptl_crystal.pdbx_mosaic_block_size_esd   ? 
# 
_exptl_crystal_grow.apparatus       ? 
_exptl_crystal_grow.atmosphere      ? 
_exptl_crystal_grow.crystal_id      1 
_exptl_crystal_grow.details         ? 
_exptl_crystal_grow.method          'VAPOR DIFFUSION, SITTING DROP' 
_exptl_crystal_grow.method_ref      ? 
_exptl_crystal_grow.pH              ? 
_exptl_crystal_grow.pressure        ? 
_exptl_crystal_grow.pressure_esd    ? 
_exptl_crystal_grow.seeding         ? 
_exptl_crystal_grow.seeding_ref     ? 
_exptl_crystal_grow.temp_details    ? 
_exptl_crystal_grow.temp_esd        ? 
_exptl_crystal_grow.time            ? 
_exptl_crystal_grow.pdbx_details    'MPD, spermine, MOPS' 
_exptl_crystal_grow.pdbx_pH_range   ? 
_exptl_crystal_grow.temp            293 
# 
_diffrn.ambient_environment              ? 
_diffrn.ambient_temp                     100 
_diffrn.ambient_temp_details             ? 
_diffrn.ambient_temp_esd                 ? 
_diffrn.crystal_id                       1 
_diffrn.crystal_support                  ? 
_diffrn.crystal_treatment                ? 
_diffrn.details                          ? 
_diffrn.id                               1 
_diffrn.ambient_pressure                 ? 
_diffrn.ambient_pressure_esd             ? 
_diffrn.ambient_pressure_gt              ? 
_diffrn.ambient_pressure_lt              ? 
_diffrn.ambient_temp_gt                  ? 
_diffrn.ambient_temp_lt                  ? 
_diffrn.pdbx_serial_crystal_experiment   N 
# 
_diffrn_detector.details                      ? 
_diffrn_detector.detector                     PIXEL 
_diffrn_detector.diffrn_id                    1 
_diffrn_detector.type                         'DECTRIS EIGER X 16M' 
_diffrn_detector.area_resol_mean              ? 
_diffrn_detector.dtime                        ? 
_diffrn_detector.pdbx_frames_total            ? 
_diffrn_detector.pdbx_collection_time_total   ? 
_diffrn_detector.pdbx_collection_date         2023-11-26 
_diffrn_detector.pdbx_frequency               ? 
_diffrn_detector.id                           ? 
_diffrn_detector.number_of_axes               ? 
# 
_diffrn_radiation.collimation                      ? 
_diffrn_radiation.diffrn_id                        1 
_diffrn_radiation.filter_edge                      ? 
_diffrn_radiation.inhomogeneity                    ? 
_diffrn_radiation.monochromator                    ? 
_diffrn_radiation.polarisn_norm                    ? 
_diffrn_radiation.polarisn_ratio                   ? 
_diffrn_radiation.probe                            ? 
_diffrn_radiation.type                             ? 
_diffrn_radiation.xray_symbol                      ? 
_diffrn_radiation.wavelength_id                    1 
_diffrn_radiation.pdbx_monochromatic_or_laue_m_l   M 
_diffrn_radiation.pdbx_wavelength_list             ? 
_diffrn_radiation.pdbx_wavelength                  ? 
_diffrn_radiation.pdbx_diffrn_protocol             'SINGLE WAVELENGTH' 
_diffrn_radiation.pdbx_analyzer                    ? 
_diffrn_radiation.pdbx_scattering_type             x-ray 
# 
_diffrn_radiation_wavelength.id           1 
_diffrn_radiation_wavelength.wavelength   1.605 
_diffrn_radiation_wavelength.wt           1.0 
# 
_diffrn_source.current                     ? 
_diffrn_source.details                     ? 
_diffrn_source.diffrn_id                   1 
_diffrn_source.power                       ? 
_diffrn_source.size                        ? 
_diffrn_source.source                      SYNCHROTRON 
_diffrn_source.target                      ? 
_diffrn_source.type                        'PHOTON FACTORY BEAMLINE BL-17A' 
_diffrn_source.voltage                     ? 
_diffrn_source.take-off_angle              ? 
_diffrn_source.pdbx_wavelength_list        1.605 
_diffrn_source.pdbx_wavelength             ? 
_diffrn_source.pdbx_synchrotron_beamline   BL-17A 
_diffrn_source.pdbx_synchrotron_site       'Photon Factory' 
# 
_reflns.B_iso_Wilson_estimate                          ? 
_reflns.entry_id                                       9J6P 
_reflns.data_reduction_details                         ? 
_reflns.data_reduction_method                          ? 
_reflns.d_resolution_high                              2.49 
_reflns.d_resolution_low                               39.7 
_reflns.details                                        ? 
_reflns.limit_h_max                                    ? 
_reflns.limit_h_min                                    ? 
_reflns.limit_k_max                                    ? 
_reflns.limit_k_min                                    ? 
_reflns.limit_l_max                                    ? 
_reflns.limit_l_min                                    ? 
_reflns.number_all                                     ? 
_reflns.number_obs                                     9098 
_reflns.observed_criterion                             ? 
_reflns.observed_criterion_F_max                       ? 
_reflns.observed_criterion_F_min                       ? 
_reflns.observed_criterion_I_max                       ? 
_reflns.observed_criterion_I_min                       ? 
_reflns.observed_criterion_sigma_F                     ? 
_reflns.observed_criterion_sigma_I                     ? 
_reflns.percent_possible_obs                           97.2 
_reflns.R_free_details                                 ? 
_reflns.Rmerge_F_all                                   ? 
_reflns.Rmerge_F_obs                                   ? 
_reflns.Friedel_coverage                               ? 
_reflns.number_gt                                      ? 
_reflns.threshold_expression                           ? 
_reflns.pdbx_redundancy                                10.3 
_reflns.pdbx_netI_over_av_sigmaI                       ? 
_reflns.pdbx_netI_over_sigmaI                          19.09 
_reflns.pdbx_res_netI_over_av_sigmaI_2                 ? 
_reflns.pdbx_res_netI_over_sigmaI_2                    ? 
_reflns.pdbx_chi_squared                               ? 
_reflns.pdbx_scaling_rejects                           ? 
_reflns.pdbx_d_res_high_opt                            ? 
_reflns.pdbx_d_res_low_opt                             ? 
_reflns.pdbx_d_res_opt_method                          ? 
_reflns.phase_calculation_details                      ? 
_reflns.pdbx_Rrim_I_all                                0.095 
_reflns.pdbx_Rpim_I_all                                ? 
_reflns.pdbx_d_opt                                     ? 
_reflns.pdbx_number_measured_all                       ? 
_reflns.pdbx_diffrn_id                                 1 
_reflns.pdbx_ordinal                                   1 
_reflns.pdbx_CC_half                                   0.993 
_reflns.pdbx_CC_star                                   ? 
_reflns.pdbx_R_split                                   ? 
_reflns.pdbx_Rmerge_I_obs                              0.09 
_reflns.pdbx_Rmerge_I_all                              ? 
_reflns.pdbx_Rsym_value                                ? 
_reflns.pdbx_CC_split_method                           ? 
_reflns.pdbx_aniso_diffraction_limit_axis_1_ortho[1]   ? 
_reflns.pdbx_aniso_diffraction_limit_axis_1_ortho[2]   ? 
_reflns.pdbx_aniso_diffraction_limit_axis_1_ortho[3]   ? 
_reflns.pdbx_aniso_diffraction_limit_axis_2_ortho[1]   ? 
_reflns.pdbx_aniso_diffraction_limit_axis_2_ortho[2]   ? 
_reflns.pdbx_aniso_diffraction_limit_axis_2_ortho[3]   ? 
_reflns.pdbx_aniso_diffraction_limit_axis_3_ortho[1]   ? 
_reflns.pdbx_aniso_diffraction_limit_axis_3_ortho[2]   ? 
_reflns.pdbx_aniso_diffraction_limit_axis_3_ortho[3]   ? 
_reflns.pdbx_aniso_diffraction_limit_1                 ? 
_reflns.pdbx_aniso_diffraction_limit_2                 ? 
_reflns.pdbx_aniso_diffraction_limit_3                 ? 
_reflns.pdbx_aniso_B_tensor_eigenvector_1_ortho[1]     ? 
_reflns.pdbx_aniso_B_tensor_eigenvector_1_ortho[2]     ? 
_reflns.pdbx_aniso_B_tensor_eigenvector_1_ortho[3]     ? 
_reflns.pdbx_aniso_B_tensor_eigenvector_2_ortho[1]     ? 
_reflns.pdbx_aniso_B_tensor_eigenvector_2_ortho[2]     ? 
_reflns.pdbx_aniso_B_tensor_eigenvector_2_ortho[3]     ? 
_reflns.pdbx_aniso_B_tensor_eigenvector_3_ortho[1]     ? 
_reflns.pdbx_aniso_B_tensor_eigenvector_3_ortho[2]     ? 
_reflns.pdbx_aniso_B_tensor_eigenvector_3_ortho[3]     ? 
_reflns.pdbx_aniso_B_tensor_eigenvalue_1               ? 
_reflns.pdbx_aniso_B_tensor_eigenvalue_2               ? 
_reflns.pdbx_aniso_B_tensor_eigenvalue_3               ? 
_reflns.pdbx_orthogonalization_convention              ? 
_reflns.pdbx_percent_possible_ellipsoidal              ? 
_reflns.pdbx_percent_possible_spherical                ? 
_reflns.pdbx_percent_possible_ellipsoidal_anomalous    ? 
_reflns.pdbx_percent_possible_spherical_anomalous      ? 
_reflns.pdbx_redundancy_anomalous                      ? 
_reflns.pdbx_CC_half_anomalous                         ? 
_reflns.pdbx_absDiff_over_sigma_anomalous              ? 
_reflns.pdbx_percent_possible_anomalous                ? 
_reflns.pdbx_observed_signal_threshold                 ? 
_reflns.pdbx_signal_type                               ? 
_reflns.pdbx_signal_details                            ? 
_reflns.pdbx_signal_software_id                        ? 
# 
loop_
_reflns_shell.d_res_high 
_reflns_shell.d_res_low 
_reflns_shell.meanI_over_sigI_all 
_reflns_shell.meanI_over_sigI_obs 
_reflns_shell.number_measured_all 
_reflns_shell.number_measured_obs 
_reflns_shell.number_possible 
_reflns_shell.number_unique_all 
_reflns_shell.number_unique_obs 
_reflns_shell.percent_possible_obs 
_reflns_shell.Rmerge_F_all 
_reflns_shell.Rmerge_F_obs 
_reflns_shell.meanI_over_sigI_gt 
_reflns_shell.meanI_over_uI_all 
_reflns_shell.meanI_over_uI_gt 
_reflns_shell.number_measured_gt 
_reflns_shell.number_unique_gt 
_reflns_shell.percent_possible_gt 
_reflns_shell.Rmerge_F_gt 
_reflns_shell.Rmerge_I_gt 
_reflns_shell.pdbx_redundancy 
_reflns_shell.pdbx_chi_squared 
_reflns_shell.pdbx_netI_over_sigmaI_all 
_reflns_shell.pdbx_netI_over_sigmaI_obs 
_reflns_shell.pdbx_Rrim_I_all 
_reflns_shell.pdbx_Rpim_I_all 
_reflns_shell.pdbx_rejects 
_reflns_shell.pdbx_ordinal 
_reflns_shell.pdbx_diffrn_id 
_reflns_shell.pdbx_CC_half 
_reflns_shell.pdbx_CC_star 
_reflns_shell.pdbx_R_split 
_reflns_shell.percent_possible_all 
_reflns_shell.Rmerge_I_all 
_reflns_shell.Rmerge_I_obs 
_reflns_shell.pdbx_Rsym_value 
_reflns_shell.pdbx_percent_possible_ellipsoidal 
_reflns_shell.pdbx_percent_possible_spherical 
_reflns_shell.pdbx_percent_possible_ellipsoidal_anomalous 
_reflns_shell.pdbx_percent_possible_spherical_anomalous 
_reflns_shell.pdbx_redundancy_anomalous 
_reflns_shell.pdbx_CC_half_anomalous 
_reflns_shell.pdbx_absDiff_over_sigma_anomalous 
_reflns_shell.pdbx_percent_possible_anomalous 
2.49  2.56  ? ? ? ? ? ? 671 ? ? ? ? ? ? ? ? ? ? ? ? ? ? ? 0.364 ? ? 1  1 0.964 ? ? ? ? 0.346 ? ? ? ? ? ? ? ? ? 
2.56  2.63  ? ? ? ? ? ? 623 ? ? ? ? ? ? ? ? ? ? ? ? ? ? ? 0.303 ? ? 2  1 0.987 ? ? ? ? 0.289 ? ? ? ? ? ? ? ? ? 
2.63  2.7   ? ? ? ? ? ? 653 ? ? ? ? ? ? ? ? ? ? ? ? ? ? ? 0.241 ? ? 3  1 0.991 ? ? ? ? 0.229 ? ? ? ? ? ? ? ? ? 
2.70  2.79  ? ? ? ? ? ? 584 ? ? ? ? ? ? ? ? ? ? ? ? ? ? ? 0.201 ? ? 4  1 0.991 ? ? ? ? 0.191 ? ? ? ? ? ? ? ? ? 
2.79  2.88  ? ? ? ? ? ? 638 ? ? ? ? ? ? ? ? ? ? ? ? ? ? ? 0.166 ? ? 5  1 0.993 ? ? ? ? 0.157 ? ? ? ? ? ? ? ? ? 
2.88  2.98  ? ? ? ? ? ? 546 ? ? ? ? ? ? ? ? ? ? ? ? ? ? ? 0.129 ? ? 6  1 0.996 ? ? ? ? 0.122 ? ? ? ? ? ? ? ? ? 
2.98  3.09  ? ? ? ? ? ? 574 ? ? ? ? ? ? ? ? ? ? ? ? ? ? ? 0.109 ? ? 7  1 0.993 ? ? ? ? 0.102 ? ? ? ? ? ? ? ? ? 
3.09  3.22  ? ? ? ? ? ? 532 ? ? ? ? ? ? ? ? ? ? ? ? ? ? ? 0.106 ? ? 8  1 0.997 ? ? ? ? 0.101 ? ? ? ? ? ? ? ? ? 
3.22  3.36  ? ? ? ? ? ? 515 ? ? ? ? ? ? ? ? ? ? ? ? ? ? ? 0.106 ? ? 9  1 0.995 ? ? ? ? 0.101 ? ? ? ? ? ? ? ? ? 
3.36  3.53  ? ? ? ? ? ? 500 ? ? ? ? ? ? ? ? ? ? ? ? ? ? ? 0.109 ? ? 10 1 0.994 ? ? ? ? 0.103 ? ? ? ? ? ? ? ? ? 
3.53  3.72  ? ? ? ? ? ? 458 ? ? ? ? ? ? ? ? ? ? ? ? ? ? ? 0.095 ? ? 11 1 0.994 ? ? ? ? 0.089 ? ? ? ? ? ? ? ? ? 
3.72  3.94  ? ? ? ? ? ? 460 ? ? ? ? ? ? ? ? ? ? ? ? ? ? ? 0.078 ? ? 12 1 0.999 ? ? ? ? 0.075 ? ? ? ? ? ? ? ? ? 
3.94  4.21  ? ? ? ? ? ? 436 ? ? ? ? ? ? ? ? ? ? ? ? ? ? ? 0.079 ? ? 13 1 0.997 ? ? ? ? 0.076 ? ? ? ? ? ? ? ? ? 
4.21  4.55  ? ? ? ? ? ? 378 ? ? ? ? ? ? ? ? ? ? ? ? ? ? ? 0.078 ? ? 14 1 0.997 ? ? ? ? 0.074 ? ? ? ? ? ? ? ? ? 
4.55  4.99  ? ? ? ? ? ? 363 ? ? ? ? ? ? ? ? ? ? ? ? ? ? ? 0.08  ? ? 15 1 0.998 ? ? ? ? 0.076 ? ? ? ? ? ? ? ? ? 
4.99  5.58  ? ? ? ? ? ? 333 ? ? ? ? ? ? ? ? ? ? ? ? ? ? ? 0.09  ? ? 16 1 0.994 ? ? ? ? 0.086 ? ? ? ? ? ? ? ? ? 
5.58  6.44  ? ? ? ? ? ? 297 ? ? ? ? ? ? ? ? ? ? ? ? ? ? ? 0.09  ? ? 17 1 0.996 ? ? ? ? 0.086 ? ? ? ? ? ? ? ? ? 
6.44  7.88  ? ? ? ? ? ? 243 ? ? ? ? ? ? ? ? ? ? ? ? ? ? ? 0.084 ? ? 18 1 0.997 ? ? ? ? 0.08  ? ? ? ? ? ? ? ? ? 
7.88  11.15 ? ? ? ? ? ? 193 ? ? ? ? ? ? ? ? ? ? ? ? ? ? ? 0.095 ? ? 19 1 0.997 ? ? ? ? 0.09  ? ? ? ? ? ? ? ? ? 
11.15 39.7  ? ? ? ? ? ? 101 ? ? ? ? ? ? ? ? ? ? ? ? ? ? ? 0.083 ? ? 20 1 0.99  ? ? ? ? 0.077 ? ? ? ? ? ? ? ? ? 
# 
_refine.aniso_B[1][1]                            ? 
_refine.aniso_B[1][2]                            ? 
_refine.aniso_B[1][3]                            ? 
_refine.aniso_B[2][2]                            ? 
_refine.aniso_B[2][3]                            ? 
_refine.aniso_B[3][3]                            ? 
_refine.B_iso_max                                ? 
_refine.B_iso_mean                               ? 
_refine.B_iso_min                                ? 
_refine.correlation_coeff_Fo_to_Fc               ? 
_refine.correlation_coeff_Fo_to_Fc_free          ? 
_refine.details                                  ? 
_refine.diff_density_max                         ? 
_refine.diff_density_max_esd                     ? 
_refine.diff_density_min                         ? 
_refine.diff_density_min_esd                     ? 
_refine.diff_density_rms                         ? 
_refine.diff_density_rms_esd                     ? 
_refine.entry_id                                 9J6P 
_refine.pdbx_refine_id                           'X-RAY DIFFRACTION' 
_refine.ls_abs_structure_details                 ? 
_refine.ls_abs_structure_Flack                   ? 
_refine.ls_abs_structure_Flack_esd               ? 
_refine.ls_abs_structure_Rogers                  ? 
_refine.ls_abs_structure_Rogers_esd              ? 
_refine.ls_d_res_high                            2.49 
_refine.ls_d_res_low                             39.69 
_refine.ls_extinction_coef                       ? 
_refine.ls_extinction_coef_esd                   ? 
_refine.ls_extinction_expression                 ? 
_refine.ls_extinction_method                     ? 
_refine.ls_goodness_of_fit_all                   ? 
_refine.ls_goodness_of_fit_all_esd               ? 
_refine.ls_goodness_of_fit_obs                   ? 
_refine.ls_goodness_of_fit_obs_esd               ? 
_refine.ls_hydrogen_treatment                    ? 
_refine.ls_matrix_type                           ? 
_refine.ls_number_constraints                    ? 
_refine.ls_number_parameters                     ? 
_refine.ls_number_reflns_all                     ? 
_refine.ls_number_reflns_obs                     9010 
_refine.ls_number_reflns_R_free                  898 
_refine.ls_number_reflns_R_work                  ? 
_refine.ls_number_restraints                     ? 
_refine.ls_percent_reflns_obs                    96.31 
_refine.ls_percent_reflns_R_free                 9.97 
_refine.ls_R_factor_all                          ? 
_refine.ls_R_factor_obs                          0.2069 
_refine.ls_R_factor_R_free                       0.2680 
_refine.ls_R_factor_R_free_error                 ? 
_refine.ls_R_factor_R_free_error_details         ? 
_refine.ls_R_factor_R_work                       0.2004 
_refine.ls_R_Fsqd_factor_obs                     ? 
_refine.ls_R_I_factor_obs                        ? 
_refine.ls_redundancy_reflns_all                 ? 
_refine.ls_redundancy_reflns_obs                 ? 
_refine.ls_restrained_S_all                      ? 
_refine.ls_restrained_S_obs                      ? 
_refine.ls_shift_over_esd_max                    ? 
_refine.ls_shift_over_esd_mean                   ? 
_refine.ls_structure_factor_coef                 ? 
_refine.ls_weighting_details                     ? 
_refine.ls_weighting_scheme                      ? 
_refine.ls_wR_factor_all                         ? 
_refine.ls_wR_factor_obs                         ? 
_refine.ls_wR_factor_R_free                      ? 
_refine.ls_wR_factor_R_work                      ? 
_refine.occupancy_max                            ? 
_refine.occupancy_min                            ? 
_refine.solvent_model_details                    'FLAT BULK SOLVENT MODEL' 
_refine.solvent_model_param_bsol                 ? 
_refine.solvent_model_param_ksol                 ? 
_refine.pdbx_R_complete                          ? 
_refine.ls_R_factor_gt                           ? 
_refine.ls_goodness_of_fit_gt                    ? 
_refine.ls_goodness_of_fit_ref                   ? 
_refine.ls_shift_over_su_max                     ? 
_refine.ls_shift_over_su_max_lt                  ? 
_refine.ls_shift_over_su_mean                    ? 
_refine.ls_shift_over_su_mean_lt                 ? 
_refine.pdbx_ls_sigma_I                          ? 
_refine.pdbx_ls_sigma_F                          1.97 
_refine.pdbx_ls_sigma_Fsqd                       ? 
_refine.pdbx_data_cutoff_high_absF               ? 
_refine.pdbx_data_cutoff_high_rms_absF           ? 
_refine.pdbx_data_cutoff_low_absF                ? 
_refine.pdbx_isotropic_thermal_model             ? 
_refine.pdbx_ls_cross_valid_method               'FREE R-VALUE' 
_refine.pdbx_method_to_determine_struct          'MOLECULAR REPLACEMENT' 
_refine.pdbx_starting_model                      ? 
_refine.pdbx_stereochemistry_target_values       ML 
_refine.pdbx_R_Free_selection_details            ? 
_refine.pdbx_stereochem_target_val_spec_case     ? 
_refine.pdbx_overall_ESU_R                       ? 
_refine.pdbx_overall_ESU_R_Free                  ? 
_refine.pdbx_solvent_vdw_probe_radii             1.11 
_refine.pdbx_solvent_ion_probe_radii             ? 
_refine.pdbx_solvent_shrinkage_radii             0.90 
_refine.pdbx_real_space_R                        ? 
_refine.pdbx_density_correlation                 ? 
_refine.pdbx_pd_number_of_powder_patterns        ? 
_refine.pdbx_pd_number_of_points                 ? 
_refine.pdbx_pd_meas_number_of_points            ? 
_refine.pdbx_pd_proc_ls_prof_R_factor            ? 
_refine.pdbx_pd_proc_ls_prof_wR_factor           ? 
_refine.pdbx_pd_Marquardt_correlation_coeff      ? 
_refine.pdbx_pd_Fsqrd_R_factor                   ? 
_refine.pdbx_pd_ls_matrix_band_width             ? 
_refine.pdbx_overall_phase_error                 31.14 
_refine.pdbx_overall_SU_R_free_Cruickshank_DPI   ? 
_refine.pdbx_overall_SU_R_free_Blow_DPI          ? 
_refine.pdbx_overall_SU_R_Blow_DPI               ? 
_refine.pdbx_TLS_residual_ADP_flag               ? 
_refine.pdbx_diffrn_id                           1 
_refine.overall_SU_B                             ? 
_refine.overall_SU_ML                            0.43 
_refine.overall_SU_R_Cruickshank_DPI             ? 
_refine.overall_SU_R_free                        ? 
_refine.overall_FOM_free_R_set                   ? 
_refine.overall_FOM_work_R_set                   ? 
_refine.pdbx_average_fsc_overall                 ? 
_refine.pdbx_average_fsc_work                    ? 
_refine.pdbx_average_fsc_free                    ? 
# 
_refine_hist.pdbx_refine_id                   'X-RAY DIFFRACTION' 
_refine_hist.cycle_id                         LAST 
_refine_hist.pdbx_number_atoms_protein        0 
_refine_hist.pdbx_number_atoms_nucleic_acid   934 
_refine_hist.pdbx_number_atoms_ligand         63 
_refine_hist.number_atoms_solvent             13 
_refine_hist.number_atoms_total               1010 
_refine_hist.d_res_high                       2.49 
_refine_hist.d_res_low                        39.69 
# 
loop_
_refine_ls_restr.pdbx_refine_id 
_refine_ls_restr.criterion 
_refine_ls_restr.dev_ideal 
_refine_ls_restr.dev_ideal_target 
_refine_ls_restr.number 
_refine_ls_restr.rejects 
_refine_ls_restr.type 
_refine_ls_restr.weight 
_refine_ls_restr.pdbx_restraint_function 
'X-RAY DIFFRACTION' ? 0.007 ? 1111 ? f_bond_d           ? ? 
'X-RAY DIFFRACTION' ? 1.199 ? 1715 ? f_angle_d          ? ? 
'X-RAY DIFFRACTION' ? 9.606 ? 529  ? f_dihedral_angle_d ? ? 
'X-RAY DIFFRACTION' ? 0.043 ? 215  ? f_chiral_restr     ? ? 
'X-RAY DIFFRACTION' ? 0.006 ? 47   ? f_plane_restr      ? ? 
# 
loop_
_refine_ls_shell.pdbx_refine_id 
_refine_ls_shell.d_res_high 
_refine_ls_shell.d_res_low 
_refine_ls_shell.number_reflns_all 
_refine_ls_shell.number_reflns_obs 
_refine_ls_shell.number_reflns_R_free 
_refine_ls_shell.number_reflns_R_work 
_refine_ls_shell.percent_reflns_obs 
_refine_ls_shell.percent_reflns_R_free 
_refine_ls_shell.R_factor_all 
_refine_ls_shell.R_factor_obs 
_refine_ls_shell.R_factor_R_free_error 
_refine_ls_shell.R_factor_R_work 
_refine_ls_shell.redundancy_reflns_all 
_refine_ls_shell.redundancy_reflns_obs 
_refine_ls_shell.wR_factor_all 
_refine_ls_shell.wR_factor_obs 
_refine_ls_shell.wR_factor_R_free 
_refine_ls_shell.wR_factor_R_work 
_refine_ls_shell.pdbx_R_complete 
_refine_ls_shell.pdbx_total_number_of_bins_used 
_refine_ls_shell.pdbx_phase_error 
_refine_ls_shell.pdbx_fsc_work 
_refine_ls_shell.pdbx_fsc_free 
_refine_ls_shell.R_factor_R_free 
'X-RAY DIFFRACTION' 2.49 2.65  . . 151 1345 96.00 . . . . 0.3207 . . . . . . . . . . . 0.4482 
'X-RAY DIFFRACTION' 2.65 2.85  . . 150 1349 97.00 . . . . 0.3001 . . . . . . . . . . . 0.3594 
'X-RAY DIFFRACTION' 2.85 3.14  . . 149 1337 96.00 . . . . 0.2697 . . . . . . . . . . . 0.3402 
'X-RAY DIFFRACTION' 3.14 3.59  . . 145 1325 94.00 . . . . 0.2180 . . . . . . . . . . . 0.2729 
'X-RAY DIFFRACTION' 3.60 4.52  . . 154 1359 97.00 . . . . 0.1738 . . . . . . . . . . . 0.2419 
'X-RAY DIFFRACTION' 4.53 39.69 . . 149 1397 99.00 . . . . 0.1508 . . . . . . . . . . . 0.2084 
# 
_struct.entry_id                     9J6P 
_struct.title                        'pre-mir-125a internal loop in complex with G-clamp' 
_struct.pdbx_model_details           ? 
_struct.pdbx_formula_weight          ? 
_struct.pdbx_formula_weight_method   ? 
_struct.pdbx_model_type_details      ? 
_struct.pdbx_CASP_flag               N 
# 
_struct_keywords.entry_id        9J6P 
_struct_keywords.text            'micro RNA, G-clamp, RNA' 
_struct_keywords.pdbx_keywords   RNA 
# 
loop_
_struct_asym.id 
_struct_asym.pdbx_blank_PDB_chainid_flag 
_struct_asym.pdbx_modified 
_struct_asym.entity_id 
_struct_asym.details 
A N N 1 ? 
B N N 1 ? 
C N N 2 ? 
D N N 2 ? 
E N N 3 ? 
F N N 3 ? 
# 
_struct_ref.id                         1 
_struct_ref.db_name                    PDB 
_struct_ref.db_code                    9J6P 
_struct_ref.pdbx_db_accession          9J6P 
_struct_ref.pdbx_db_isoform            ? 
_struct_ref.entity_id                  1 
_struct_ref.pdbx_seq_one_letter_code   ? 
_struct_ref.pdbx_align_begin           1 
# 
loop_
_struct_ref_seq.align_id 
_struct_ref_seq.ref_id 
_struct_ref_seq.pdbx_PDB_id_code 
_struct_ref_seq.pdbx_strand_id 
_struct_ref_seq.seq_align_beg 
_struct_ref_seq.pdbx_seq_align_beg_ins_code 
_struct_ref_seq.seq_align_end 
_struct_ref_seq.pdbx_seq_align_end_ins_code 
_struct_ref_seq.pdbx_db_accession 
_struct_ref_seq.db_align_beg 
_struct_ref_seq.pdbx_db_align_beg_ins_code 
_struct_ref_seq.db_align_end 
_struct_ref_seq.pdbx_db_align_end_ins_code 
_struct_ref_seq.pdbx_auth_seq_align_beg 
_struct_ref_seq.pdbx_auth_seq_align_end 
1 1 9J6P A 1 ? 22 ? 9J6P 2 ? 23 ? 2 23 
2 1 9J6P B 1 ? 22 ? 9J6P 2 ? 23 ? 2 23 
# 
_pdbx_struct_assembly.id                   1 
_pdbx_struct_assembly.details              author_and_software_defined_assembly 
_pdbx_struct_assembly.method_details       PISA 
_pdbx_struct_assembly.oligomeric_details   dimeric 
_pdbx_struct_assembly.oligomeric_count     2 
# 
loop_
_pdbx_struct_assembly_prop.biol_id 
_pdbx_struct_assembly_prop.type 
_pdbx_struct_assembly_prop.value 
_pdbx_struct_assembly_prop.details 
1 'ABSA (A^2)' 2510 ? 
1 MORE         -9   ? 
1 'SSA (A^2)'  8470 ? 
# 
_pdbx_struct_assembly_gen.assembly_id       1 
_pdbx_struct_assembly_gen.oper_expression   1 
_pdbx_struct_assembly_gen.asym_id_list      A,B,C,D,E,F 
# 
_pdbx_struct_assembly_auth_evidence.id                     1 
_pdbx_struct_assembly_auth_evidence.assembly_id            1 
_pdbx_struct_assembly_auth_evidence.experimental_support   none 
_pdbx_struct_assembly_auth_evidence.details                ? 
# 
_pdbx_struct_oper_list.id                   1 
_pdbx_struct_oper_list.type                 'identity operation' 
_pdbx_struct_oper_list.name                 1_555 
_pdbx_struct_oper_list.symmetry_operation   x,y,z 
_pdbx_struct_oper_list.matrix[1][1]         1.0000000000 
_pdbx_struct_oper_list.matrix[1][2]         0.0000000000 
_pdbx_struct_oper_list.matrix[1][3]         0.0000000000 
_pdbx_struct_oper_list.vector[1]            0.0000000000 
_pdbx_struct_oper_list.matrix[2][1]         0.0000000000 
_pdbx_struct_oper_list.matrix[2][2]         1.0000000000 
_pdbx_struct_oper_list.matrix[2][3]         0.0000000000 
_pdbx_struct_oper_list.vector[2]            0.0000000000 
_pdbx_struct_oper_list.matrix[3][1]         0.0000000000 
_pdbx_struct_oper_list.matrix[3][2]         0.0000000000 
_pdbx_struct_oper_list.matrix[3][3]         1.0000000000 
_pdbx_struct_oper_list.vector[3]            0.0000000000 
# 
loop_
_struct_conn.id 
_struct_conn.conn_type_id 
_struct_conn.pdbx_leaving_atom_flag 
_struct_conn.pdbx_PDB_id 
_struct_conn.ptnr1_label_asym_id 
_struct_conn.ptnr1_label_comp_id 
_struct_conn.ptnr1_label_seq_id 
_struct_conn.ptnr1_label_atom_id 
_struct_conn.pdbx_ptnr1_label_alt_id 
_struct_conn.pdbx_ptnr1_PDB_ins_code 
_struct_conn.pdbx_ptnr1_standard_comp_id 
_struct_conn.ptnr1_symmetry 
_struct_conn.ptnr2_label_asym_id 
_struct_conn.ptnr2_label_comp_id 
_struct_conn.ptnr2_label_seq_id 
_struct_conn.ptnr2_label_atom_id 
_struct_conn.pdbx_ptnr2_label_alt_id 
_struct_conn.pdbx_ptnr2_PDB_ins_code 
_struct_conn.ptnr1_auth_asym_id 
_struct_conn.ptnr1_auth_comp_id 
_struct_conn.ptnr1_auth_seq_id 
_struct_conn.ptnr2_auth_asym_id 
_struct_conn.ptnr2_auth_comp_id 
_struct_conn.ptnr2_auth_seq_id 
_struct_conn.ptnr2_symmetry 
_struct_conn.pdbx_ptnr3_label_atom_id 
_struct_conn.pdbx_ptnr3_label_seq_id 
_struct_conn.pdbx_ptnr3_label_comp_id 
_struct_conn.pdbx_ptnr3_label_asym_id 
_struct_conn.pdbx_ptnr3_label_alt_id 
_struct_conn.pdbx_ptnr3_PDB_ins_code 
_struct_conn.details 
_struct_conn.pdbx_dist_value 
_struct_conn.pdbx_value_order 
_struct_conn.pdbx_role 
hydrog1  hydrog ? ? A U 1  O4 ? ? ? 1_555 B C 19 N4 ? ? A U 2  B C 20 1_555 ? ? ? ? ? ? 'U-C MISPAIR' ? ? ? 
hydrog2  hydrog ? ? A G 2  N1 ? ? ? 1_555 B C 22 N3 ? ? A G 3  B C 23 1_555 ? ? ? ? ? ? WATSON-CRICK  ? ? ? 
hydrog3  hydrog ? ? A G 2  N2 ? ? ? 1_555 B C 22 O2 ? ? A G 3  B C 23 1_555 ? ? ? ? ? ? WATSON-CRICK  ? ? ? 
hydrog4  hydrog ? ? A G 2  O6 ? ? ? 1_555 B C 22 N4 ? ? A G 3  B C 23 1_555 ? ? ? ? ? ? WATSON-CRICK  ? ? ? 
hydrog5  hydrog ? ? A C 3  N3 ? ? ? 1_555 B G 21 N1 ? ? A C 4  B G 22 1_555 ? ? ? ? ? ? WATSON-CRICK  ? ? ? 
hydrog6  hydrog ? ? A C 3  N4 ? ? ? 1_555 B G 21 O6 ? ? A C 4  B G 22 1_555 ? ? ? ? ? ? WATSON-CRICK  ? ? ? 
hydrog7  hydrog ? ? A C 3  O2 ? ? ? 1_555 B G 21 N2 ? ? A C 4  B G 22 1_555 ? ? ? ? ? ? WATSON-CRICK  ? ? ? 
hydrog8  hydrog ? ? A G 4  N1 ? ? ? 1_555 B C 20 N3 ? ? A G 5  B C 21 1_555 ? ? ? ? ? ? WATSON-CRICK  ? ? ? 
hydrog9  hydrog ? ? A G 4  N2 ? ? ? 1_555 B C 20 O2 ? ? A G 5  B C 21 1_555 ? ? ? ? ? ? WATSON-CRICK  ? ? ? 
hydrog10 hydrog ? ? A G 4  O6 ? ? ? 1_555 B C 20 N4 ? ? A G 5  B C 21 1_555 ? ? ? ? ? ? WATSON-CRICK  ? ? ? 
hydrog11 hydrog ? ? A G 5  N1 ? ? ? 1_555 B C 19 N3 ? ? A G 6  B C 20 1_555 ? ? ? ? ? ? WATSON-CRICK  ? ? ? 
hydrog12 hydrog ? ? A G 5  N2 ? ? ? 1_555 B C 19 O2 ? ? A G 6  B C 20 1_555 ? ? ? ? ? ? WATSON-CRICK  ? ? ? 
hydrog13 hydrog ? ? A G 5  O6 ? ? ? 1_555 B C 19 N4 ? ? A G 6  B C 20 1_555 ? ? ? ? ? ? WATSON-CRICK  ? ? ? 
hydrog14 hydrog ? ? A G 7  N1 ? ? ? 1_555 B G 16 O6 ? ? A G 8  B G 17 1_555 ? ? ? ? ? ? TYPE_6_PAIR   ? ? ? 
hydrog15 hydrog ? ? A G 7  N2 ? ? ? 1_555 B G 16 N7 ? ? A G 8  B G 17 1_555 ? ? ? ? ? ? TYPE_6_PAIR   ? ? ? 
hydrog16 hydrog ? ? A U 8  N3 ? ? ? 1_555 B A 15 N1 ? ? A U 9  B A 16 1_555 ? ? ? ? ? ? WATSON-CRICK  ? ? ? 
hydrog17 hydrog ? ? A U 8  O4 ? ? ? 1_555 B A 15 N6 ? ? A U 9  B A 16 1_555 ? ? ? ? ? ? WATSON-CRICK  ? ? ? 
hydrog18 hydrog ? ? A C 9  N3 ? ? ? 1_555 B G 14 N1 ? ? A C 10 B G 15 1_555 ? ? ? ? ? ? WATSON-CRICK  ? ? ? 
hydrog19 hydrog ? ? A C 9  N4 ? ? ? 1_555 B G 14 O6 ? ? A C 10 B G 15 1_555 ? ? ? ? ? ? WATSON-CRICK  ? ? ? 
hydrog20 hydrog ? ? A C 9  O2 ? ? ? 1_555 B G 14 N2 ? ? A C 10 B G 15 1_555 ? ? ? ? ? ? WATSON-CRICK  ? ? ? 
hydrog21 hydrog ? ? A C 10 N3 ? ? ? 1_555 B G 13 N1 ? ? A C 11 B G 14 1_555 ? ? ? ? ? ? WATSON-CRICK  ? ? ? 
hydrog22 hydrog ? ? A C 10 N4 ? ? ? 1_555 B G 13 O6 ? ? A C 11 B G 14 1_555 ? ? ? ? ? ? WATSON-CRICK  ? ? ? 
hydrog23 hydrog ? ? A C 10 O2 ? ? ? 1_555 B G 13 N2 ? ? A C 11 B G 14 1_555 ? ? ? ? ? ? WATSON-CRICK  ? ? ? 
hydrog24 hydrog ? ? A C 11 N3 ? ? ? 1_555 B G 12 N1 ? ? A C 12 B G 13 1_555 ? ? ? ? ? ? WATSON-CRICK  ? ? ? 
hydrog25 hydrog ? ? A C 11 N4 ? ? ? 1_555 B G 12 O6 ? ? A C 12 B G 13 1_555 ? ? ? ? ? ? WATSON-CRICK  ? ? ? 
hydrog26 hydrog ? ? A C 11 O2 ? ? ? 1_555 B G 12 N2 ? ? A C 12 B G 13 1_555 ? ? ? ? ? ? WATSON-CRICK  ? ? ? 
hydrog27 hydrog ? ? A G 12 N1 ? ? ? 1_555 B C 11 N3 ? ? A G 13 B C 12 1_555 ? ? ? ? ? ? WATSON-CRICK  ? ? ? 
hydrog28 hydrog ? ? A G 12 N2 ? ? ? 1_555 B C 11 O2 ? ? A G 13 B C 12 1_555 ? ? ? ? ? ? WATSON-CRICK  ? ? ? 
hydrog29 hydrog ? ? A G 12 O6 ? ? ? 1_555 B C 11 N4 ? ? A G 13 B C 12 1_555 ? ? ? ? ? ? WATSON-CRICK  ? ? ? 
hydrog30 hydrog ? ? A G 13 N1 ? ? ? 1_555 B C 10 N3 ? ? A G 14 B C 11 1_555 ? ? ? ? ? ? WATSON-CRICK  ? ? ? 
hydrog31 hydrog ? ? A G 13 N2 ? ? ? 1_555 B C 10 O2 ? ? A G 14 B C 11 1_555 ? ? ? ? ? ? WATSON-CRICK  ? ? ? 
hydrog32 hydrog ? ? A G 13 O6 ? ? ? 1_555 B C 10 N4 ? ? A G 14 B C 11 1_555 ? ? ? ? ? ? WATSON-CRICK  ? ? ? 
hydrog33 hydrog ? ? A G 14 N1 ? ? ? 1_555 B C 9  N3 ? ? A G 15 B C 10 1_555 ? ? ? ? ? ? WATSON-CRICK  ? ? ? 
hydrog34 hydrog ? ? A G 14 N2 ? ? ? 1_555 B C 9  O2 ? ? A G 15 B C 10 1_555 ? ? ? ? ? ? WATSON-CRICK  ? ? ? 
hydrog35 hydrog ? ? A G 14 O6 ? ? ? 1_555 B C 9  N4 ? ? A G 15 B C 10 1_555 ? ? ? ? ? ? WATSON-CRICK  ? ? ? 
hydrog36 hydrog ? ? A A 15 N1 ? ? ? 1_555 B U 8  N3 ? ? A A 16 B U 9  1_555 ? ? ? ? ? ? WATSON-CRICK  ? ? ? 
hydrog37 hydrog ? ? A A 15 N6 ? ? ? 1_555 B U 8  O4 ? ? A A 16 B U 9  1_555 ? ? ? ? ? ? WATSON-CRICK  ? ? ? 
hydrog38 hydrog ? ? A G 16 N7 ? ? ? 1_555 B G 7  N2 ? ? A G 17 B G 8  1_555 ? ? ? ? ? ? TYPE_6_PAIR   ? ? ? 
hydrog39 hydrog ? ? A G 16 O6 ? ? ? 1_555 B G 7  N1 ? ? A G 17 B G 8  1_555 ? ? ? ? ? ? TYPE_6_PAIR   ? ? ? 
hydrog40 hydrog ? ? A C 19 N3 ? ? ? 1_555 B G 5  N1 ? ? A C 20 B G 6  1_555 ? ? ? ? ? ? WATSON-CRICK  ? ? ? 
hydrog41 hydrog ? ? A C 19 N4 ? ? ? 1_555 B G 5  O6 ? ? A C 20 B G 6  1_555 ? ? ? ? ? ? WATSON-CRICK  ? ? ? 
hydrog42 hydrog ? ? A C 19 O2 ? ? ? 1_555 B G 5  N2 ? ? A C 20 B G 6  1_555 ? ? ? ? ? ? WATSON-CRICK  ? ? ? 
hydrog43 hydrog ? ? A C 20 N3 ? ? ? 1_555 B G 4  N1 ? ? A C 21 B G 5  1_555 ? ? ? ? ? ? WATSON-CRICK  ? ? ? 
hydrog44 hydrog ? ? A C 20 N4 ? ? ? 1_555 B G 4  O6 ? ? A C 21 B G 5  1_555 ? ? ? ? ? ? WATSON-CRICK  ? ? ? 
hydrog45 hydrog ? ? A C 20 O2 ? ? ? 1_555 B G 4  N2 ? ? A C 21 B G 5  1_555 ? ? ? ? ? ? WATSON-CRICK  ? ? ? 
hydrog46 hydrog ? ? A G 21 N1 ? ? ? 1_555 B C 3  N3 ? ? A G 22 B C 4  1_555 ? ? ? ? ? ? WATSON-CRICK  ? ? ? 
hydrog47 hydrog ? ? A G 21 N2 ? ? ? 1_555 B C 3  O2 ? ? A G 22 B C 4  1_555 ? ? ? ? ? ? WATSON-CRICK  ? ? ? 
hydrog48 hydrog ? ? A G 21 O6 ? ? ? 1_555 B C 3  N4 ? ? A G 22 B C 4  1_555 ? ? ? ? ? ? WATSON-CRICK  ? ? ? 
hydrog49 hydrog ? ? A C 22 N3 ? ? ? 1_555 B G 2  N1 ? ? A C 23 B G 3  1_555 ? ? ? ? ? ? WATSON-CRICK  ? ? ? 
hydrog50 hydrog ? ? A C 22 N4 ? ? ? 1_555 B G 2  O6 ? ? A C 23 B G 3  1_555 ? ? ? ? ? ? WATSON-CRICK  ? ? ? 
hydrog51 hydrog ? ? A C 22 O2 ? ? ? 1_555 B G 2  N2 ? ? A C 23 B G 3  1_555 ? ? ? ? ? ? WATSON-CRICK  ? ? ? 
# 
_struct_conn_type.id          hydrog 
_struct_conn_type.criteria    ? 
_struct_conn_type.reference   ? 
# 
_pdbx_entry_details.entry_id                   9J6P 
_pdbx_entry_details.has_ligand_of_interest     Y 
_pdbx_entry_details.compound_details           ? 
_pdbx_entry_details.source_details             ? 
_pdbx_entry_details.nonpolymer_details         ? 
_pdbx_entry_details.sequence_details           ? 
_pdbx_entry_details.has_protein_modification   N 
# 
loop_
_pdbx_struct_special_symmetry.id 
_pdbx_struct_special_symmetry.PDB_model_num 
_pdbx_struct_special_symmetry.auth_asym_id 
_pdbx_struct_special_symmetry.auth_comp_id 
_pdbx_struct_special_symmetry.auth_seq_id 
_pdbx_struct_special_symmetry.PDB_ins_code 
_pdbx_struct_special_symmetry.label_asym_id 
_pdbx_struct_special_symmetry.label_comp_id 
_pdbx_struct_special_symmetry.label_seq_id 
1 1 A HOH 201 ? E HOH . 
2 1 A HOH 206 ? E HOH . 
3 1 A HOH 209 ? E HOH . 
4 1 A HOH 210 ? E HOH . 
# 
_pdbx_unobs_or_zero_occ_residues.id               1 
_pdbx_unobs_or_zero_occ_residues.PDB_model_num    1 
_pdbx_unobs_or_zero_occ_residues.polymer_flag     Y 
_pdbx_unobs_or_zero_occ_residues.occupancy_flag   1 
_pdbx_unobs_or_zero_occ_residues.auth_asym_id     B 
_pdbx_unobs_or_zero_occ_residues.auth_comp_id     U 
_pdbx_unobs_or_zero_occ_residues.auth_seq_id      2 
_pdbx_unobs_or_zero_occ_residues.PDB_ins_code     ? 
_pdbx_unobs_or_zero_occ_residues.label_asym_id    B 
_pdbx_unobs_or_zero_occ_residues.label_comp_id    U 
_pdbx_unobs_or_zero_occ_residues.label_seq_id     1 
# 
loop_
_chem_comp_atom.comp_id 
_chem_comp_atom.atom_id 
_chem_comp_atom.type_symbol 
_chem_comp_atom.pdbx_aromatic_flag 
_chem_comp_atom.pdbx_stereo_config 
_chem_comp_atom.pdbx_ordinal 
A     OP3    O N N 1   
A     P      P N N 2   
A     OP1    O N N 3   
A     OP2    O N N 4   
A     "O5'"  O N N 5   
A     "C5'"  C N N 6   
A     "C4'"  C N R 7   
A     "O4'"  O N N 8   
A     "C3'"  C N S 9   
A     "O3'"  O N N 10  
A     "C2'"  C N R 11  
A     "O2'"  O N N 12  
A     "C1'"  C N R 13  
A     N9     N Y N 14  
A     C8     C Y N 15  
A     N7     N Y N 16  
A     C5     C Y N 17  
A     C6     C Y N 18  
A     N6     N N N 19  
A     N1     N Y N 20  
A     C2     C Y N 21  
A     N3     N Y N 22  
A     C4     C Y N 23  
A     HOP3   H N N 24  
A     HOP2   H N N 25  
A     "H5'"  H N N 26  
A     "H5''" H N N 27  
A     "H4'"  H N N 28  
A     "H3'"  H N N 29  
A     "HO3'" H N N 30  
A     "H2'"  H N N 31  
A     "HO2'" H N N 32  
A     "H1'"  H N N 33  
A     H8     H N N 34  
A     H61    H N N 35  
A     H62    H N N 36  
A     H2     H N N 37  
A1L3Y C10    C N N 38  
A1L3Y C13    C N N 39  
A1L3Y C15    C N N 40  
A1L3Y C17    C Y N 41  
A1L3Y C20    C Y N 42  
A1L3Y C21    C N N 43  
A1L3Y C22    C N N 44  
A1L3Y C01    C N N 45  
A1L3Y C02    C N N 46  
A1L3Y C03    C N N 47  
A1L3Y C06    C N N 48  
A1L3Y C07    C N N 49  
A1L3Y C08    C N N 50  
A1L3Y C09    C Y N 51  
A1L3Y C11    C N N 52  
A1L3Y C12    C Y N 53  
A1L3Y C14    C N N 54  
A1L3Y C16    C N N 55  
A1L3Y C18    C Y N 56  
A1L3Y C19    C Y N 57  
A1L3Y C23    C N N 58  
A1L3Y N02    N N N 59  
A1L3Y N03    N N N 60  
A1L3Y N04    N N N 61  
A1L3Y N05    N N N 62  
A1L3Y N06    N N N 63  
A1L3Y O01    O N N 64  
A1L3Y O02    O N N 65  
A1L3Y O03    O N N 66  
A1L3Y O05    O N N 67  
A1L3Y O06    O N N 68  
A1L3Y O07    O N N 69  
A1L3Y O08    O N N 70  
A1L3Y H1     H N N 71  
A1L3Y H2     H N N 72  
A1L3Y H3     H N N 73  
A1L3Y H5     H N N 74  
A1L3Y H6     H N N 75  
A1L3Y H7     H N N 76  
A1L3Y H8     H N N 77  
A1L3Y H9     H N N 78  
A1L3Y H10    H N N 79  
A1L3Y H11    H N N 80  
A1L3Y H12    H N N 81  
A1L3Y H13    H N N 82  
A1L3Y H14    H N N 83  
A1L3Y H15    H N N 84  
A1L3Y H17    H N N 85  
A1L3Y H18    H N N 86  
A1L3Y H19    H N N 87  
A1L3Y H20    H N N 88  
A1L3Y H21    H N N 89  
A1L3Y H22    H N N 90  
A1L3Y H23    H N N 91  
A1L3Y H24    H N N 92  
A1L3Y H25    H N N 93  
A1L3Y H26    H N N 94  
A1L3Y H27    H N N 95  
A1L3Y H28    H N N 96  
A1L3Y H31    H N N 97  
A1L3Y C04    C N N 98  
A1L3Y N01    N N N 99  
A1L3Y H29    H N N 100 
A1L3Y H32    H N N 101 
A1L3Y H33    H N N 102 
A1L3Y H34    H N N 103 
A1L3Y H4     H N N 104 
C     OP3    O N N 105 
C     P      P N N 106 
C     OP1    O N N 107 
C     OP2    O N N 108 
C     "O5'"  O N N 109 
C     "C5'"  C N N 110 
C     "C4'"  C N R 111 
C     "O4'"  O N N 112 
C     "C3'"  C N S 113 
C     "O3'"  O N N 114 
C     "C2'"  C N R 115 
C     "O2'"  O N N 116 
C     "C1'"  C N R 117 
C     N1     N N N 118 
C     C2     C N N 119 
C     O2     O N N 120 
C     N3     N N N 121 
C     C4     C N N 122 
C     N4     N N N 123 
C     C5     C N N 124 
C     C6     C N N 125 
C     HOP3   H N N 126 
C     HOP2   H N N 127 
C     "H5'"  H N N 128 
C     "H5''" H N N 129 
C     "H4'"  H N N 130 
C     "H3'"  H N N 131 
C     "HO3'" H N N 132 
C     "H2'"  H N N 133 
C     "HO2'" H N N 134 
C     "H1'"  H N N 135 
C     H41    H N N 136 
C     H42    H N N 137 
C     H5     H N N 138 
C     H6     H N N 139 
G     OP3    O N N 140 
G     P      P N N 141 
G     OP1    O N N 142 
G     OP2    O N N 143 
G     "O5'"  O N N 144 
G     "C5'"  C N N 145 
G     "C4'"  C N R 146 
G     "O4'"  O N N 147 
G     "C3'"  C N S 148 
G     "O3'"  O N N 149 
G     "C2'"  C N R 150 
G     "O2'"  O N N 151 
G     "C1'"  C N R 152 
G     N9     N Y N 153 
G     C8     C Y N 154 
G     N7     N Y N 155 
G     C5     C Y N 156 
G     C6     C N N 157 
G     O6     O N N 158 
G     N1     N N N 159 
G     C2     C N N 160 
G     N2     N N N 161 
G     N3     N N N 162 
G     C4     C Y N 163 
G     HOP3   H N N 164 
G     HOP2   H N N 165 
G     "H5'"  H N N 166 
G     "H5''" H N N 167 
G     "H4'"  H N N 168 
G     "H3'"  H N N 169 
G     "HO3'" H N N 170 
G     "H2'"  H N N 171 
G     "HO2'" H N N 172 
G     "H1'"  H N N 173 
G     H8     H N N 174 
G     H1     H N N 175 
G     H21    H N N 176 
G     H22    H N N 177 
HOH   O      O N N 178 
HOH   H1     H N N 179 
HOH   H2     H N N 180 
U     OP3    O N N 181 
U     P      P N N 182 
U     OP1    O N N 183 
U     OP2    O N N 184 
U     "O5'"  O N N 185 
U     "C5'"  C N N 186 
U     "C4'"  C N R 187 
U     "O4'"  O N N 188 
U     "C3'"  C N S 189 
U     "O3'"  O N N 190 
U     "C2'"  C N R 191 
U     "O2'"  O N N 192 
U     "C1'"  C N R 193 
U     N1     N N N 194 
U     C2     C N N 195 
U     O2     O N N 196 
U     N3     N N N 197 
U     C4     C N N 198 
U     O4     O N N 199 
U     C5     C N N 200 
U     C6     C N N 201 
U     HOP3   H N N 202 
U     HOP2   H N N 203 
U     "H5'"  H N N 204 
U     "H5''" H N N 205 
U     "H4'"  H N N 206 
U     "H3'"  H N N 207 
U     "HO3'" H N N 208 
U     "H2'"  H N N 209 
U     "HO2'" H N N 210 
U     "H1'"  H N N 211 
U     H3     H N N 212 
U     H5     H N N 213 
U     H6     H N N 214 
# 
loop_
_chem_comp_bond.comp_id 
_chem_comp_bond.atom_id_1 
_chem_comp_bond.atom_id_2 
_chem_comp_bond.value_order 
_chem_comp_bond.pdbx_aromatic_flag 
_chem_comp_bond.pdbx_stereo_config 
_chem_comp_bond.pdbx_ordinal 
A     OP3   P      sing N N 1   
A     OP3   HOP3   sing N N 2   
A     P     OP1    doub N N 3   
A     P     OP2    sing N N 4   
A     P     "O5'"  sing N N 5   
A     OP2   HOP2   sing N N 6   
A     "O5'" "C5'"  sing N N 7   
A     "C5'" "C4'"  sing N N 8   
A     "C5'" "H5'"  sing N N 9   
A     "C5'" "H5''" sing N N 10  
A     "C4'" "O4'"  sing N N 11  
A     "C4'" "C3'"  sing N N 12  
A     "C4'" "H4'"  sing N N 13  
A     "O4'" "C1'"  sing N N 14  
A     "C3'" "O3'"  sing N N 15  
A     "C3'" "C2'"  sing N N 16  
A     "C3'" "H3'"  sing N N 17  
A     "O3'" "HO3'" sing N N 18  
A     "C2'" "O2'"  sing N N 19  
A     "C2'" "C1'"  sing N N 20  
A     "C2'" "H2'"  sing N N 21  
A     "O2'" "HO2'" sing N N 22  
A     "C1'" N9     sing N N 23  
A     "C1'" "H1'"  sing N N 24  
A     N9    C8     sing Y N 25  
A     N9    C4     sing Y N 26  
A     C8    N7     doub Y N 27  
A     C8    H8     sing N N 28  
A     N7    C5     sing Y N 29  
A     C5    C6     sing Y N 30  
A     C5    C4     doub Y N 31  
A     C6    N6     sing N N 32  
A     C6    N1     doub Y N 33  
A     N6    H61    sing N N 34  
A     N6    H62    sing N N 35  
A     N1    C2     sing Y N 36  
A     C2    N3     doub Y N 37  
A     C2    H2     sing N N 38  
A     N3    C4     sing Y N 39  
A1L3Y C18   C17    sing Y N 40  
A1L3Y C18   C19    doub Y N 41  
A1L3Y C17   C12    doub Y N 42  
A1L3Y C19   C20    sing Y N 43  
A1L3Y C12   O05    sing N N 44  
A1L3Y C12   C09    sing Y N 45  
A1L3Y O05   C16    sing N N 46  
A1L3Y C20   C09    doub Y N 47  
A1L3Y C20   O08    sing N N 48  
A1L3Y C09   N03    sing N N 49  
A1L3Y O08   C21    sing N N 50  
A1L3Y C16   C15    doub N N 51  
A1L3Y C16   C10    sing N N 52  
A1L3Y C15   N05    sing N N 53  
A1L3Y N03   C10    sing N N 54  
A1L3Y C10   N04    doub N N 55  
A1L3Y N05   C13    sing N N 56  
A1L3Y N05   C11    sing N N 57  
A1L3Y C13   C14    sing N N 58  
A1L3Y N04   C11    sing N N 59  
A1L3Y N02   C22    sing N N 60  
A1L3Y C11   O06    doub N N 61  
A1L3Y C21   C22    sing N N 62  
A1L3Y C08   C06    sing N N 63  
A1L3Y C08   O01    sing N N 64  
A1L3Y C14   N06    sing N N 65  
A1L3Y C14   O07    doub N N 66  
A1L3Y C06   O02    sing N N 67  
A1L3Y O01   C03    sing N N 68  
A1L3Y N06   C23    sing N N 69  
A1L3Y O02   C02    sing N N 70  
A1L3Y C23   C07    sing N N 71  
A1L3Y C02   C01    sing N N 72  
A1L3Y C07   O03    sing N N 73  
A1L3Y C01   O03    sing N N 74  
A1L3Y C13   H1     sing N N 75  
A1L3Y C13   H2     sing N N 76  
A1L3Y C15   H3     sing N N 77  
A1L3Y C17   H5     sing N N 78  
A1L3Y C21   H6     sing N N 79  
A1L3Y C21   H7     sing N N 80  
A1L3Y C22   H8     sing N N 81  
A1L3Y C22   H9     sing N N 82  
A1L3Y C01   H10    sing N N 83  
A1L3Y C01   H11    sing N N 84  
A1L3Y C02   H12    sing N N 85  
A1L3Y C02   H13    sing N N 86  
A1L3Y C03   H14    sing N N 87  
A1L3Y C03   H15    sing N N 88  
A1L3Y C06   H17    sing N N 89  
A1L3Y C06   H18    sing N N 90  
A1L3Y C07   H19    sing N N 91  
A1L3Y C07   H20    sing N N 92  
A1L3Y C08   H21    sing N N 93  
A1L3Y C08   H22    sing N N 94  
A1L3Y C18   H23    sing N N 95  
A1L3Y C19   H24    sing N N 96  
A1L3Y C23   H25    sing N N 97  
A1L3Y C23   H26    sing N N 98  
A1L3Y N02   H27    sing N N 99  
A1L3Y N02   H28    sing N N 100 
A1L3Y N06   H31    sing N N 101 
A1L3Y C03   C04    sing N N 102 
A1L3Y C04   N01    sing N N 103 
A1L3Y C04   H29    sing N N 104 
A1L3Y C04   H32    sing N N 105 
A1L3Y N01   H33    sing N N 106 
A1L3Y N01   H34    sing N N 107 
A1L3Y N03   H4     sing N N 108 
C     OP3   P      sing N N 109 
C     OP3   HOP3   sing N N 110 
C     P     OP1    doub N N 111 
C     P     OP2    sing N N 112 
C     P     "O5'"  sing N N 113 
C     OP2   HOP2   sing N N 114 
C     "O5'" "C5'"  sing N N 115 
C     "C5'" "C4'"  sing N N 116 
C     "C5'" "H5'"  sing N N 117 
C     "C5'" "H5''" sing N N 118 
C     "C4'" "O4'"  sing N N 119 
C     "C4'" "C3'"  sing N N 120 
C     "C4'" "H4'"  sing N N 121 
C     "O4'" "C1'"  sing N N 122 
C     "C3'" "O3'"  sing N N 123 
C     "C3'" "C2'"  sing N N 124 
C     "C3'" "H3'"  sing N N 125 
C     "O3'" "HO3'" sing N N 126 
C     "C2'" "O2'"  sing N N 127 
C     "C2'" "C1'"  sing N N 128 
C     "C2'" "H2'"  sing N N 129 
C     "O2'" "HO2'" sing N N 130 
C     "C1'" N1     sing N N 131 
C     "C1'" "H1'"  sing N N 132 
C     N1    C2     sing N N 133 
C     N1    C6     sing N N 134 
C     C2    O2     doub N N 135 
C     C2    N3     sing N N 136 
C     N3    C4     doub N N 137 
C     C4    N4     sing N N 138 
C     C4    C5     sing N N 139 
C     N4    H41    sing N N 140 
C     N4    H42    sing N N 141 
C     C5    C6     doub N N 142 
C     C5    H5     sing N N 143 
C     C6    H6     sing N N 144 
G     OP3   P      sing N N 145 
G     OP3   HOP3   sing N N 146 
G     P     OP1    doub N N 147 
G     P     OP2    sing N N 148 
G     P     "O5'"  sing N N 149 
G     OP2   HOP2   sing N N 150 
G     "O5'" "C5'"  sing N N 151 
G     "C5'" "C4'"  sing N N 152 
G     "C5'" "H5'"  sing N N 153 
G     "C5'" "H5''" sing N N 154 
G     "C4'" "O4'"  sing N N 155 
G     "C4'" "C3'"  sing N N 156 
G     "C4'" "H4'"  sing N N 157 
G     "O4'" "C1'"  sing N N 158 
G     "C3'" "O3'"  sing N N 159 
G     "C3'" "C2'"  sing N N 160 
G     "C3'" "H3'"  sing N N 161 
G     "O3'" "HO3'" sing N N 162 
G     "C2'" "O2'"  sing N N 163 
G     "C2'" "C1'"  sing N N 164 
G     "C2'" "H2'"  sing N N 165 
G     "O2'" "HO2'" sing N N 166 
G     "C1'" N9     sing N N 167 
G     "C1'" "H1'"  sing N N 168 
G     N9    C8     sing Y N 169 
G     N9    C4     sing Y N 170 
G     C8    N7     doub Y N 171 
G     C8    H8     sing N N 172 
G     N7    C5     sing Y N 173 
G     C5    C6     sing N N 174 
G     C5    C4     doub Y N 175 
G     C6    O6     doub N N 176 
G     C6    N1     sing N N 177 
G     N1    C2     sing N N 178 
G     N1    H1     sing N N 179 
G     C2    N2     sing N N 180 
G     C2    N3     doub N N 181 
G     N2    H21    sing N N 182 
G     N2    H22    sing N N 183 
G     N3    C4     sing N N 184 
HOH   O     H1     sing N N 185 
HOH   O     H2     sing N N 186 
U     OP3   P      sing N N 187 
U     OP3   HOP3   sing N N 188 
U     P     OP1    doub N N 189 
U     P     OP2    sing N N 190 
U     P     "O5'"  sing N N 191 
U     OP2   HOP2   sing N N 192 
U     "O5'" "C5'"  sing N N 193 
U     "C5'" "C4'"  sing N N 194 
U     "C5'" "H5'"  sing N N 195 
U     "C5'" "H5''" sing N N 196 
U     "C4'" "O4'"  sing N N 197 
U     "C4'" "C3'"  sing N N 198 
U     "C4'" "H4'"  sing N N 199 
U     "O4'" "C1'"  sing N N 200 
U     "C3'" "O3'"  sing N N 201 
U     "C3'" "C2'"  sing N N 202 
U     "C3'" "H3'"  sing N N 203 
U     "O3'" "HO3'" sing N N 204 
U     "C2'" "O2'"  sing N N 205 
U     "C2'" "C1'"  sing N N 206 
U     "C2'" "H2'"  sing N N 207 
U     "O2'" "HO2'" sing N N 208 
U     "C1'" N1     sing N N 209 
U     "C1'" "H1'"  sing N N 210 
U     N1    C2     sing N N 211 
U     N1    C6     sing N N 212 
U     C2    O2     doub N N 213 
U     C2    N3     sing N N 214 
U     N3    C4     sing N N 215 
U     N3    H3     sing N N 216 
U     C4    O4     doub N N 217 
U     C4    C5     sing N N 218 
U     C5    C6     doub N N 219 
U     C5    H5     sing N N 220 
U     C6    H6     sing N N 221 
# 
loop_
_ndb_struct_conf_na.entry_id 
_ndb_struct_conf_na.feature 
9J6P 'double helix'        
9J6P 'a-form double helix' 
# 
loop_
_ndb_struct_na_base_pair.model_number 
_ndb_struct_na_base_pair.i_label_asym_id 
_ndb_struct_na_base_pair.i_label_comp_id 
_ndb_struct_na_base_pair.i_label_seq_id 
_ndb_struct_na_base_pair.i_symmetry 
_ndb_struct_na_base_pair.j_label_asym_id 
_ndb_struct_na_base_pair.j_label_comp_id 
_ndb_struct_na_base_pair.j_label_seq_id 
_ndb_struct_na_base_pair.j_symmetry 
_ndb_struct_na_base_pair.shear 
_ndb_struct_na_base_pair.stretch 
_ndb_struct_na_base_pair.stagger 
_ndb_struct_na_base_pair.buckle 
_ndb_struct_na_base_pair.propeller 
_ndb_struct_na_base_pair.opening 
_ndb_struct_na_base_pair.pair_number 
_ndb_struct_na_base_pair.pair_name 
_ndb_struct_na_base_pair.i_auth_asym_id 
_ndb_struct_na_base_pair.i_auth_seq_id 
_ndb_struct_na_base_pair.i_PDB_ins_code 
_ndb_struct_na_base_pair.j_auth_asym_id 
_ndb_struct_na_base_pair.j_auth_seq_id 
_ndb_struct_na_base_pair.j_PDB_ins_code 
_ndb_struct_na_base_pair.hbond_type_28 
_ndb_struct_na_base_pair.hbond_type_12 
1 A G 2  1_555 B C 22 1_555 -0.056 -0.214 0.175  1.598   -7.788  -3.593  1  A_G3:C23_B  A 3  ? B 23 ? 19 1 
1 A C 3  1_555 B G 21 1_555 -0.091 -0.101 -0.313 9.091   -14.327 -3.599  2  A_C4:G22_B  A 4  ? B 22 ? 19 1 
1 A G 4  1_555 B C 20 1_555 -0.184 -0.234 -0.279 -0.013  -8.606  1.164   3  A_G5:C21_B  A 5  ? B 21 ? 19 1 
1 A G 5  1_555 B C 19 1_555 -0.058 -0.350 -0.140 2.693   2.034   -3.570  4  A_G6:C20_B  A 6  ? B 20 ? 19 1 
1 A G 7  1_555 B G 16 1_555 1.603  3.616  0.448  -14.265 -2.221  -87.416 5  A_G8:G17_B  A 8  ? B 17 ? 6  3 
1 A U 8  1_555 B A 15 1_555 -0.130 -0.293 -0.216 2.767   -22.413 0.769   6  A_U9:A16_B  A 9  ? B 16 ? 20 1 
1 A C 9  1_555 B G 14 1_555 0.238  -0.338 0.224  6.235   -10.403 -1.327  7  A_C10:G15_B A 10 ? B 15 ? 19 1 
1 A C 10 1_555 B G 13 1_555 0.004  -0.050 -0.227 3.152   -12.137 0.273   8  A_C11:G14_B A 11 ? B 14 ? 19 1 
1 A C 11 1_555 B G 12 1_555 0.049  -0.129 0.063  4.881   -9.586  -3.067  9  A_C12:G13_B A 12 ? B 13 ? 19 1 
1 A G 12 1_555 B C 11 1_555 -0.258 -0.162 -0.305 -10.765 -12.888 -3.681  10 A_G13:C12_B A 13 ? B 12 ? 19 1 
1 A G 13 1_555 B C 10 1_555 0.063  -0.116 -0.259 -7.811  -9.791  0.286   11 A_G14:C11_B A 14 ? B 11 ? 19 1 
1 A G 14 1_555 B C 9  1_555 -0.170 -0.092 0.281  -2.448  -9.589  -0.246  12 A_G15:C10_B A 15 ? B 10 ? 19 1 
1 A A 15 1_555 B U 8  1_555 -0.041 -0.066 -0.096 -8.244  -10.410 2.052   13 A_A16:U9_B  A 16 ? B 9  ? 20 1 
1 A G 16 1_555 B G 7  1_555 -1.965 -3.436 -0.326 12.672  -6.622  86.481  14 A_G17:G8_B  A 17 ? B 8  ? 6  3 
1 A C 19 1_555 B G 5  1_555 -0.125 -0.205 0.216  -2.637  -2.701  -5.611  15 A_C20:G6_B  A 20 ? B 6  ? 19 1 
1 A C 20 1_555 B G 4  1_555 0.198  -0.235 -0.361 3.533   -3.448  -1.443  16 A_C21:G5_B  A 21 ? B 5  ? 19 1 
1 A G 21 1_555 B C 3  1_555 -0.029 -0.072 -0.322 -8.884  -11.836 -0.952  17 A_G22:C4_B  A 22 ? B 4  ? 19 1 
1 A C 22 1_555 B G 2  1_555 0.276  -0.016 0.074  2.081   -7.052  -2.689  18 A_C23:G3_B  A 23 ? B 3  ? 19 1 
# 
loop_
_ndb_struct_na_base_pair_step.model_number 
_ndb_struct_na_base_pair_step.i_label_asym_id_1 
_ndb_struct_na_base_pair_step.i_label_comp_id_1 
_ndb_struct_na_base_pair_step.i_label_seq_id_1 
_ndb_struct_na_base_pair_step.i_symmetry_1 
_ndb_struct_na_base_pair_step.j_label_asym_id_1 
_ndb_struct_na_base_pair_step.j_label_comp_id_1 
_ndb_struct_na_base_pair_step.j_label_seq_id_1 
_ndb_struct_na_base_pair_step.j_symmetry_1 
_ndb_struct_na_base_pair_step.i_label_asym_id_2 
_ndb_struct_na_base_pair_step.i_label_comp_id_2 
_ndb_struct_na_base_pair_step.i_label_seq_id_2 
_ndb_struct_na_base_pair_step.i_symmetry_2 
_ndb_struct_na_base_pair_step.j_label_asym_id_2 
_ndb_struct_na_base_pair_step.j_label_comp_id_2 
_ndb_struct_na_base_pair_step.j_label_seq_id_2 
_ndb_struct_na_base_pair_step.j_symmetry_2 
_ndb_struct_na_base_pair_step.shift 
_ndb_struct_na_base_pair_step.slide 
_ndb_struct_na_base_pair_step.rise 
_ndb_struct_na_base_pair_step.tilt 
_ndb_struct_na_base_pair_step.roll 
_ndb_struct_na_base_pair_step.twist 
_ndb_struct_na_base_pair_step.x_displacement 
_ndb_struct_na_base_pair_step.y_displacement 
_ndb_struct_na_base_pair_step.helical_rise 
_ndb_struct_na_base_pair_step.inclination 
_ndb_struct_na_base_pair_step.tip 
_ndb_struct_na_base_pair_step.helical_twist 
_ndb_struct_na_base_pair_step.step_number 
_ndb_struct_na_base_pair_step.step_name 
_ndb_struct_na_base_pair_step.i_auth_asym_id_1 
_ndb_struct_na_base_pair_step.i_auth_seq_id_1 
_ndb_struct_na_base_pair_step.i_PDB_ins_code_1 
_ndb_struct_na_base_pair_step.j_auth_asym_id_1 
_ndb_struct_na_base_pair_step.j_auth_seq_id_1 
_ndb_struct_na_base_pair_step.j_PDB_ins_code_1 
_ndb_struct_na_base_pair_step.i_auth_asym_id_2 
_ndb_struct_na_base_pair_step.i_auth_seq_id_2 
_ndb_struct_na_base_pair_step.i_PDB_ins_code_2 
_ndb_struct_na_base_pair_step.j_auth_asym_id_2 
_ndb_struct_na_base_pair_step.j_auth_seq_id_2 
_ndb_struct_na_base_pair_step.j_PDB_ins_code_2 
1 A G 2  1_555 B C 22 1_555 A C 3  1_555 B G 21 1_555 -0.573 -1.901 3.088  2.447   -1.707  32.494   -3.102 1.425  3.130  -3.043  
-4.361 32.627   1  AA_G3C4:G22C23_BB   A 3  ? B 23 ? A 4  ? B 22 ? 
1 A C 3  1_555 B G 21 1_555 A G 4  1_555 B C 20 1_555 0.762  -1.916 3.546  0.581   10.079  28.893   -5.614 -1.331 2.752  19.466  
-1.121 30.570   2  AA_C4G5:C21G22_BB   A 4  ? B 22 ? A 5  ? B 21 ? 
1 A G 4  1_555 B C 20 1_555 A G 5  1_555 B C 19 1_555 -0.607 -1.983 3.273  -4.367  5.334   31.750   -4.448 0.347  2.964  9.608   
7.867  32.471   3  AA_G5G6:C20C21_BB   A 5  ? B 21 ? A 6  ? B 20 ? 
1 A G 7  1_555 B G 16 1_555 A U 8  1_555 B A 15 1_555 -0.878 1.400  3.055  4.238   9.362   -20.502  -6.416 -0.902 2.333  -24.420 
11.055 -22.909  4  AA_G8U9:A16G17_BB   A 8  ? B 17 ? A 9  ? B 16 ? 
1 A U 8  1_555 B A 15 1_555 A C 9  1_555 B G 14 1_555 0.220  -1.351 3.185  -5.465  6.269   34.298   -3.098 -1.120 2.834  10.440  
9.102  35.263   5  AA_U9C10:G15A16_BB  A 9  ? B 16 ? A 10 ? B 15 ? 
1 A C 9  1_555 B G 14 1_555 A C 10 1_555 B G 13 1_555 0.405  -1.870 3.302  4.771   8.014   28.734   -5.133 0.139  2.724  15.636  
-9.310 30.179   6  AA_C10C11:G14G15_BB A 10 ? B 15 ? A 11 ? B 14 ? 
1 A C 10 1_555 B G 13 1_555 A C 11 1_555 B G 12 1_555 -0.332 -2.059 3.199  -3.445  5.336   31.432   -4.625 0.022  2.839  9.726   
6.280  32.052   7  AA_C11C12:G13G14_BB A 11 ? B 14 ? A 12 ? B 13 ? 
1 A C 11 1_555 B G 12 1_555 A G 12 1_555 B C 11 1_555 -0.154 -1.960 3.634  1.337   11.906  28.401   -6.009 0.551  2.610  23.015  
-2.584 30.777   8  AA_C12G13:C12G13_BB A 12 ? B 13 ? A 13 ? B 12 ? 
1 A G 12 1_555 B C 11 1_555 A G 13 1_555 B C 10 1_555 0.158  -1.828 3.118  -0.787  11.515  32.131   -4.693 -0.377 2.339  20.015  
1.368  34.089   9  AA_G13G14:C11C12_BB A 13 ? B 12 ? A 14 ? B 11 ? 
1 A G 13 1_555 B C 10 1_555 A G 14 1_555 B C 9  1_555 0.550  -1.946 3.089  -2.345  6.643   28.274   -5.136 -1.540 2.523  13.339  
4.708  29.121   10 AA_G14G15:C10C11_BB A 14 ? B 11 ? A 15 ? B 10 ? 
1 A G 14 1_555 B C 9  1_555 A A 15 1_555 B U 8  1_555 0.127  -1.644 3.271  5.544   9.104   33.271   -4.040 0.579  2.726  15.416  
-9.387 34.891   11 AA_G15A16:U9C10_BB  A 15 ? B 10 ? A 16 ? B 9  ? 
1 A A 15 1_555 B U 8  1_555 A G 16 1_555 B G 7  1_555 0.167  3.079  -1.237 171.231 -34.284 -166.768 -1.553 0.015  -1.178 17.146  
85.633 -179.381 12 AA_A16G17:G8U9_BB   A 16 ? B 9  ? A 17 ? B 8  ? 
1 A C 19 1_555 B G 5  1_555 A C 20 1_555 B G 4  1_555 1.018  -2.559 3.168  4.779   0.054   27.891   -5.248 -0.982 3.289  0.110   
-9.823 28.290   13 AA_C20C21:G5G6_BB   A 20 ? B 6  ? A 21 ? B 5  ? 
1 A C 20 1_555 B G 4  1_555 A G 21 1_555 B C 3  1_555 -1.310 -2.253 3.854  -2.830  6.724   26.991   -6.452 1.961  3.323  14.082  
5.926  27.942   14 AA_C21G22:C4G5_BB   A 21 ? B 5  ? A 22 ? B 4  ? 
1 A G 21 1_555 B C 3  1_555 A C 22 1_555 B G 2  1_555 0.292  -1.616 3.069  -2.887  0.096   34.364   -2.740 -0.912 3.031  0.162   
4.875  34.482   15 AA_G22C23:G3C4_BB   A 22 ? B 4  ? A 23 ? B 3  ? 
# 
loop_
_pdbx_audit_support.funding_organization 
_pdbx_audit_support.country 
_pdbx_audit_support.grant_number 
_pdbx_audit_support.ordinal 
'Japan Agency for Medical Research and Development (AMED)' Japan JP23ama121014 1 
'Japan Science and Technology'                             Japan JPMJFR2002    2 
'Japan Science and Technology'                             Japan JPMJSP2114    3 
# 
_pdbx_initial_refinement_model.id               1 
_pdbx_initial_refinement_model.entity_id_list   ? 
_pdbx_initial_refinement_model.type             'in silico model' 
_pdbx_initial_refinement_model.source_name      Other 
_pdbx_initial_refinement_model.accession_code   ? 
_pdbx_initial_refinement_model.details          Coot 
# 
_atom_sites.entry_id                    9J6P 
_atom_sites.Cartn_transf_matrix[1][1]   ? 
_atom_sites.Cartn_transf_matrix[1][2]   ? 
_atom_sites.Cartn_transf_matrix[1][3]   ? 
_atom_sites.Cartn_transf_matrix[2][1]   ? 
_atom_sites.Cartn_transf_matrix[2][2]   ? 
_atom_sites.Cartn_transf_matrix[2][3]   ? 
_atom_sites.Cartn_transf_matrix[3][1]   ? 
_atom_sites.Cartn_transf_matrix[3][2]   ? 
_atom_sites.Cartn_transf_matrix[3][3]   ? 
_atom_sites.Cartn_transf_vector[1]      ? 
_atom_sites.Cartn_transf_vector[2]      ? 
_atom_sites.Cartn_transf_vector[3]      ? 
_atom_sites.Cartn_transform_axes        ? 
_atom_sites.fract_transf_matrix[1][1]   -0.01654431 
_atom_sites.fract_transf_matrix[1][2]   0.01746151 
_atom_sites.fract_transf_matrix[1][3]   -0.00687547 
_atom_sites.fract_transf_matrix[2][1]   -0.02423019 
_atom_sites.fract_transf_matrix[2][2]   -0.00586125 
_atom_sites.fract_transf_matrix[2][3]   -0.00209619 
_atom_sites.fract_transf_matrix[3][1]   -0.00042209 
_atom_sites.fract_transf_matrix[3][2]   0.00072404 
_atom_sites.fract_transf_matrix[3][3]   0.00285451 
_atom_sites.fract_transf_vector[1]      0.394802 
_atom_sites.fract_transf_vector[2]      0.366992 
_atom_sites.fract_transf_vector[3]      0.086685 
_atom_sites.solution_primary            ? 
_atom_sites.solution_secondary          ? 
_atom_sites.solution_hydrogens          ? 
_atom_sites.special_details             ? 
# 
loop_
_atom_type.symbol 
C 
N 
O 
P 
# 
loop_
_atom_site.group_PDB 
_atom_site.id 
_atom_site.type_symbol 
_atom_site.label_atom_id 
_atom_site.label_alt_id 
_atom_site.label_comp_id 
_atom_site.label_asym_id 
_atom_site.label_entity_id 
_atom_site.label_seq_id 
_atom_site.pdbx_PDB_ins_code 
_atom_site.Cartn_x 
_atom_site.Cartn_y 
_atom_site.Cartn_z 
_atom_site.occupancy 
_atom_site.B_iso_or_equiv 
_atom_site.pdbx_formal_charge 
_atom_site.auth_seq_id 
_atom_site.auth_comp_id 
_atom_site.auth_asym_id 
_atom_site.auth_atom_id 
_atom_site.pdbx_PDB_model_num 
ATOM   1    P P     . U     A 1 1  ? 5.782   4.078   23.303  1.00 87.36 ? 2   U     A P     1 
ATOM   2    O OP1   . U     A 1 1  ? 6.798   3.369   24.127  1.00 81.82 ? 2   U     A OP1   1 
ATOM   3    O OP2   . U     A 1 1  ? 5.415   5.478   23.650  1.00 79.01 ? 2   U     A OP2   1 
ATOM   4    O "O5'" . U     A 1 1  ? 4.445   3.198   23.247  1.00 79.12 ? 2   U     A "O5'" 1 
ATOM   5    C "C5'" . U     A 1 1  ? 3.379   3.423   24.168  1.00 64.87 ? 2   U     A "C5'" 1 
ATOM   6    C "C4'" . U     A 1 1  ? 2.104   2.700   23.782  1.00 64.72 ? 2   U     A "C4'" 1 
ATOM   7    O "O4'" . U     A 1 1  ? 1.259   3.559   22.963  1.00 63.56 ? 2   U     A "O4'" 1 
ATOM   8    C "C3'" . U     A 1 1  ? 2.257   1.384   23.011  1.00 61.45 ? 2   U     A "C3'" 1 
ATOM   9    O "O3'" . U     A 1 1  ? 1.281   0.465   23.481  1.00 58.81 ? 2   U     A "O3'" 1 
ATOM   10   C "C2'" . U     A 1 1  ? 1.886   1.772   21.580  1.00 59.05 ? 2   U     A "C2'" 1 
ATOM   11   O "O2'" . U     A 1 1  ? 1.346   0.715   20.817  1.00 55.50 ? 2   U     A "O2'" 1 
ATOM   12   C "C1'" . U     A 1 1  ? 0.834   2.851   21.813  1.00 59.35 ? 2   U     A "C1'" 1 
ATOM   13   N N1    . U     A 1 1  ? 0.691   3.796   20.691  1.00 53.77 ? 2   U     A N1    1 
ATOM   14   C C2    . U     A 1 1  ? -0.574  3.962   20.126  1.00 55.12 ? 2   U     A C2    1 
ATOM   15   O O2    . U     A 1 1  ? -1.563  3.361   20.539  1.00 52.09 ? 2   U     A O2    1 
ATOM   16   N N3    . U     A 1 1  ? -0.639  4.872   19.077  1.00 48.05 ? 2   U     A N3    1 
ATOM   17   C C4    . U     A 1 1  ? 0.426   5.605   18.548  1.00 47.28 ? 2   U     A C4    1 
ATOM   18   O O4    . U     A 1 1  ? 0.245   6.392   17.605  1.00 38.86 ? 2   U     A O4    1 
ATOM   19   C C5    . U     A 1 1  ? 1.697   5.360   19.187  1.00 44.95 ? 2   U     A C5    1 
ATOM   20   C C6    . U     A 1 1  ? 1.778   4.491   20.206  1.00 49.53 ? 2   U     A C6    1 
ATOM   21   P P     . G     A 1 2  ? 1.693   -1.024  23.909  1.00 62.77 ? 3   G     A P     1 
ATOM   22   O OP1   . G     A 1 2  ? 2.848   -0.867  24.833  1.00 59.92 ? 3   G     A OP1   1 
ATOM   23   O OP2   . G     A 1 2  ? 1.846   -1.885  22.705  1.00 58.77 ? 3   G     A OP2   1 
ATOM   24   O "O5'" . G     A 1 2  ? 0.407   -1.513  24.710  1.00 47.44 ? 3   G     A "O5'" 1 
ATOM   25   C "C5'" . G     A 1 2  ? -0.011  -2.865  24.704  1.00 45.66 ? 3   G     A "C5'" 1 
ATOM   26   C "C4'" . G     A 1 2  ? -1.482  -2.973  25.029  1.00 44.76 ? 3   G     A "C4'" 1 
ATOM   27   O "O4'" . G     A 1 2  ? -1.829  -1.968  26.011  1.00 44.70 ? 3   G     A "O4'" 1 
ATOM   28   C "C3'" . G     A 1 2  ? -2.419  -2.702  23.864  1.00 45.84 ? 3   G     A "C3'" 1 
ATOM   29   O "O3'" . G     A 1 2  ? -2.620  -3.849  23.059  1.00 51.12 ? 3   G     A "O3'" 1 
ATOM   30   C "C2'" . G     A 1 2  ? -3.683  -2.173  24.539  1.00 44.33 ? 3   G     A "C2'" 1 
ATOM   31   O "O2'" . G     A 1 2  ? -4.504  -3.220  25.036  1.00 40.55 ? 3   G     A "O2'" 1 
ATOM   32   C "C1'" . G     A 1 2  ? -3.101  -1.420  25.727  1.00 45.93 ? 3   G     A "C1'" 1 
ATOM   33   N N9    . G     A 1 2  ? -2.958  0.024   25.468  1.00 45.03 ? 3   G     A N9    1 
ATOM   34   C C8    . G     A 1 2  ? -1.796  0.766   25.404  1.00 46.64 ? 3   G     A C8    1 
ATOM   35   N N7    . G     A 1 2  ? -2.020  2.036   25.183  1.00 46.92 ? 3   G     A N7    1 
ATOM   36   C C5    . G     A 1 2  ? -3.408  2.132   25.094  1.00 43.77 ? 3   G     A C5    1 
ATOM   37   C C6    . G     A 1 2  ? -4.255  3.247   24.875  1.00 42.45 ? 3   G     A C6    1 
ATOM   38   O O6    . G     A 1 2  ? -3.976  4.434   24.701  1.00 43.28 ? 3   G     A O6    1 
ATOM   39   N N1    . G     A 1 2  ? -5.585  2.877   24.870  1.00 45.88 ? 3   G     A N1    1 
ATOM   40   C C2    . G     A 1 2  ? -6.062  1.612   25.055  1.00 41.81 ? 3   G     A C2    1 
ATOM   41   N N2    . G     A 1 2  ? -7.393  1.483   25.020  1.00 41.88 ? 3   G     A N2    1 
ATOM   42   N N3    . G     A 1 2  ? -5.294  0.568   25.260  1.00 42.24 ? 3   G     A N3    1 
ATOM   43   C C4    . G     A 1 2  ? -3.993  0.899   25.275  1.00 42.30 ? 3   G     A C4    1 
ATOM   44   P P     . C     A 1 3  ? -2.767  -3.704  21.464  1.00 53.46 ? 4   C     A P     1 
ATOM   45   O OP1   . C     A 1 3  ? -2.751  -5.091  20.930  1.00 50.89 ? 4   C     A OP1   1 
ATOM   46   O OP2   . C     A 1 3  ? -1.746  -2.738  20.979  1.00 45.26 ? 4   C     A OP2   1 
ATOM   47   O "O5'" . C     A 1 3  ? -4.269  -3.211  21.296  1.00 40.05 ? 4   C     A "O5'" 1 
ATOM   48   C "C5'" . C     A 1 3  ? -5.288  -3.937  21.970  1.00 46.35 ? 4   C     A "C5'" 1 
ATOM   49   C "C4'" . C     A 1 3  ? -6.641  -3.295  21.835  1.00 45.65 ? 4   C     A "C4'" 1 
ATOM   50   O "O4'" . C     A 1 3  ? -6.744  -2.142  22.702  1.00 51.45 ? 4   C     A "O4'" 1 
ATOM   51   C "C3'" . C     A 1 3  ? -6.965  -2.755  20.457  1.00 52.90 ? 4   C     A "C3'" 1 
ATOM   52   O "O3'" . C     A 1 3  ? -7.394  -3.777  19.576  1.00 57.39 ? 4   C     A "O3'" 1 
ATOM   53   C "C2'" . C     A 1 3  ? -8.027  -1.709  20.756  1.00 52.13 ? 4   C     A "C2'" 1 
ATOM   54   O "O2'" . C     A 1 3  ? -9.272  -2.345  20.997  1.00 57.60 ? 4   C     A "O2'" 1 
ATOM   55   C "C1'" . C     A 1 3  ? -7.520  -1.140  22.081  1.00 49.75 ? 4   C     A "C1'" 1 
ATOM   56   N N1    . C     A 1 3  ? -6.668  0.059   21.909  1.00 41.64 ? 4   C     A N1    1 
ATOM   57   C C2    . C     A 1 3  ? -7.278  1.307   21.884  1.00 45.10 ? 4   C     A C2    1 
ATOM   58   O O2    . C     A 1 3  ? -8.514  1.356   21.993  1.00 50.41 ? 4   C     A O2    1 
ATOM   59   N N3    . C     A 1 3  ? -6.515  2.416   21.753  1.00 42.61 ? 4   C     A N3    1 
ATOM   60   C C4    . C     A 1 3  ? -5.191  2.302   21.644  1.00 42.16 ? 4   C     A C4    1 
ATOM   61   N N4    . C     A 1 3  ? -4.466  3.416   21.509  1.00 38.48 ? 4   C     A N4    1 
ATOM   62   C C5    . C     A 1 3  ? -4.544  1.034   21.660  1.00 41.30 ? 4   C     A C5    1 
ATOM   63   C C6    . C     A 1 3  ? -5.314  -0.045  21.799  1.00 40.66 ? 4   C     A C6    1 
ATOM   64   P P     . G     A 1 4  ? -7.295  -3.568  17.991  1.00 64.33 ? 5   G     A P     1 
ATOM   65   O OP1   . G     A 1 4  ? -7.690  -4.880  17.420  1.00 58.66 ? 5   G     A OP1   1 
ATOM   66   O OP2   . G     A 1 4  ? -6.001  -2.906  17.601  1.00 43.19 ? 5   G     A OP2   1 
ATOM   67   O "O5'" . G     A 1 4  ? -8.466  -2.532  17.699  1.00 54.31 ? 5   G     A "O5'" 1 
ATOM   68   C "C5'" . G     A 1 4  ? -8.306  -1.545  16.704  1.00 50.76 ? 5   G     A "C5'" 1 
ATOM   69   C "C4'" . G     A 1 4  ? -9.342  -0.463  16.825  1.00 53.18 ? 5   G     A "C4'" 1 
ATOM   70   O "O4'" . G     A 1 4  ? -9.134  0.296   18.042  1.00 50.10 ? 5   G     A "O4'" 1 
ATOM   71   C "C3'" . G     A 1 4  ? -9.300  0.564   15.706  1.00 45.18 ? 5   G     A "C3'" 1 
ATOM   72   O "O3'" . G     A 1 4  ? -10.087 0.145   14.612  1.00 43.94 ? 5   G     A "O3'" 1 
ATOM   73   C "C2'" . G     A 1 4  ? -9.822  1.824   16.368  1.00 43.39 ? 5   G     A "C2'" 1 
ATOM   74   O "O2'" . G     A 1 4  ? -11.240 1.809   16.403  1.00 43.50 ? 5   G     A "O2'" 1 
ATOM   75   C "C1'" . G     A 1 4  ? -9.281  1.670   17.790  1.00 47.98 ? 5   G     A "C1'" 1 
ATOM   76   N N9    . G     A 1 4  ? -7.948  2.295   17.956  1.00 47.53 ? 5   G     A N9    1 
ATOM   77   C C8    . G     A 1 4  ? -6.765  1.631   18.187  1.00 42.65 ? 5   G     A C8    1 
ATOM   78   N N7    . G     A 1 4  ? -5.736  2.422   18.296  1.00 40.37 ? 5   G     A N7    1 
ATOM   79   C C5    . G     A 1 4  ? -6.271  3.692   18.131  1.00 41.03 ? 5   G     A C5    1 
ATOM   80   C C6    . G     A 1 4  ? -5.629  4.961   18.149  1.00 41.83 ? 5   G     A C6    1 
ATOM   81   O O6    . G     A 1 4  ? -4.418  5.183   18.319  1.00 38.74 ? 5   G     A O6    1 
ATOM   82   N N1    . G     A 1 4  ? -6.538  6.003   17.924  1.00 39.08 ? 5   G     A N1    1 
ATOM   83   C C2    . G     A 1 4  ? -7.891  5.823   17.718  1.00 40.52 ? 5   G     A C2    1 
ATOM   84   N N2    . G     A 1 4  ? -8.641  6.907   17.516  1.00 39.95 ? 5   G     A N2    1 
ATOM   85   N N3    . G     A 1 4  ? -8.495  4.651   17.713  1.00 40.93 ? 5   G     A N3    1 
ATOM   86   C C4    . G     A 1 4  ? -7.630  3.634   17.920  1.00 42.25 ? 5   G     A C4    1 
ATOM   87   P P     . G     A 1 5  ? -9.478  0.109   13.134  1.00 53.38 ? 6   G     A P     1 
ATOM   88   O OP1   . G     A 1 5  ? -10.462 -0.722  12.377  1.00 56.38 ? 6   G     A OP1   1 
ATOM   89   O OP2   . G     A 1 5  ? -8.049  -0.281  13.165  1.00 27.88 ? 6   G     A OP2   1 
ATOM   90   O "O5'" . G     A 1 5  ? -9.618  1.621   12.656  1.00 42.48 ? 6   G     A "O5'" 1 
ATOM   91   C "C5'" . G     A 1 5  ? -10.851 2.297   12.831  1.00 37.68 ? 6   G     A "C5'" 1 
ATOM   92   C "C4'" . G     A 1 5  ? -10.723 3.775   12.580  1.00 45.79 ? 6   G     A "C4'" 1 
ATOM   93   O "O4'" . G     A 1 5  ? -10.310 4.483   13.785  1.00 44.44 ? 6   G     A "O4'" 1 
ATOM   94   C "C3'" . G     A 1 5  ? -9.702  4.204   11.544  1.00 42.58 ? 6   G     A "C3'" 1 
ATOM   95   O "O3'" . G     A 1 5  ? -10.137 3.984   10.221  1.00 36.71 ? 6   G     A "O3'" 1 
ATOM   96   C "C2'" . G     A 1 5  ? -9.502  5.673   11.894  1.00 44.65 ? 6   G     A "C2'" 1 
ATOM   97   O "O2'" . G     A 1 5  ? -10.571 6.472   11.407  1.00 47.22 ? 6   G     A "O2'" 1 
ATOM   98   C "C1'" . G     A 1 5  ? -9.560  5.625   13.423  1.00 44.20 ? 6   G     A "C1'" 1 
ATOM   99   N N9    . G     A 1 5  ? -8.195  5.485   13.945  1.00 42.77 ? 6   G     A N9    1 
ATOM   100  C C8    . G     A 1 5  ? -7.565  4.343   14.357  1.00 40.40 ? 6   G     A C8    1 
ATOM   101  N N7    . G     A 1 5  ? -6.334  4.552   14.710  1.00 35.48 ? 6   G     A N7    1 
ATOM   102  C C5    . G     A 1 5  ? -6.150  5.903   14.505  1.00 38.02 ? 6   G     A C5    1 
ATOM   103  C C6    . G     A 1 5  ? -5.008  6.697   14.720  1.00 36.82 ? 6   G     A C6    1 
ATOM   104  O O6    . G     A 1 5  ? -3.921  6.317   15.148  1.00 36.68 ? 6   G     A O6    1 
ATOM   105  N N1    . G     A 1 5  ? -5.232  8.024   14.383  1.00 35.66 ? 6   G     A N1    1 
ATOM   106  C C2    . G     A 1 5  ? -6.423  8.522   13.900  1.00 36.95 ? 6   G     A C2    1 
ATOM   107  N N2    . G     A 1 5  ? -6.467  9.839   13.626  1.00 34.06 ? 6   G     A N2    1 
ATOM   108  N N3    . G     A 1 5  ? -7.496  7.781   13.699  1.00 35.17 ? 6   G     A N3    1 
ATOM   109  C C4    . G     A 1 5  ? -7.282  6.496   14.019  1.00 36.95 ? 6   G     A C4    1 
ATOM   110  P P     . G     A 1 6  ? -9.082  3.788   9.019   1.00 51.09 ? 7   G     A P     1 
ATOM   111  O OP1   . G     A 1 6  ? -9.884  3.656   7.776   1.00 51.75 ? 7   G     A OP1   1 
ATOM   112  O OP2   . G     A 1 6  ? -8.092  2.739   9.326   1.00 45.69 ? 7   G     A OP2   1 
ATOM   113  O "O5'" . G     A 1 6  ? -8.330  5.189   8.924   1.00 46.98 ? 7   G     A "O5'" 1 
ATOM   114  C "C5'" . G     A 1 6  ? -9.049  6.361   8.592   1.00 39.14 ? 7   G     A "C5'" 1 
ATOM   115  C "C4'" . G     A 1 6  ? -8.205  7.592   8.755   1.00 43.59 ? 7   G     A "C4'" 1 
ATOM   116  O "O4'" . G     A 1 6  ? -7.789  7.751   10.144  1.00 46.47 ? 7   G     A "O4'" 1 
ATOM   117  C "C3'" . G     A 1 6  ? -6.902  7.603   7.983   1.00 41.47 ? 7   G     A "C3'" 1 
ATOM   118  O "O3'" . G     A 1 6  ? -7.086  7.914   6.607   1.00 47.58 ? 7   G     A "O3'" 1 
ATOM   119  C "C2'" . G     A 1 6  ? -6.087  8.633   8.757   1.00 38.74 ? 7   G     A "C2'" 1 
ATOM   120  O "O2'" . G     A 1 6  ? -6.551  9.945   8.487   1.00 41.73 ? 7   G     A "O2'" 1 
ATOM   121  C "C1'" . G     A 1 6  ? -6.493  8.308   10.191  1.00 39.75 ? 7   G     A "C1'" 1 
ATOM   122  N N9    . G     A 1 6  ? -5.570  7.337   10.809  1.00 39.67 ? 7   G     A N9    1 
ATOM   123  C C8    . G     A 1 6  ? -5.815  6.018   11.095  1.00 39.55 ? 7   G     A C8    1 
ATOM   124  N N7    . G     A 1 6  ? -4.789  5.425   11.630  1.00 37.23 ? 7   G     A N7    1 
ATOM   125  C C5    . G     A 1 6  ? -3.809  6.405   11.697  1.00 38.49 ? 7   G     A C5    1 
ATOM   126  C C6    . G     A 1 6  ? -2.482  6.356   12.196  1.00 34.49 ? 7   G     A C6    1 
ATOM   127  O O6    . G     A 1 6  ? -1.904  5.402   12.697  1.00 32.56 ? 7   G     A O6    1 
ATOM   128  N N1    . G     A 1 6  ? -1.827  7.568   12.070  1.00 35.52 ? 7   G     A N1    1 
ATOM   129  C C2    . G     A 1 6  ? -2.389  8.707   11.548  1.00 38.47 ? 7   G     A C2    1 
ATOM   130  N N2    . G     A 1 6  ? -1.616  9.802   11.511  1.00 40.42 ? 7   G     A N2    1 
ATOM   131  N N3    . G     A 1 6  ? -3.624  8.773   11.095  1.00 37.33 ? 7   G     A N3    1 
ATOM   132  C C4    . G     A 1 6  ? -4.274  7.593   11.194  1.00 38.34 ? 7   G     A C4    1 
ATOM   133  P P     . G     A 1 7  ? -6.256  7.136   5.462   1.00 43.79 ? 8   G     A P     1 
ATOM   134  O OP1   . G     A 1 7  ? -6.742  7.630   4.152   1.00 52.29 ? 8   G     A OP1   1 
ATOM   135  O OP2   . G     A 1 7  ? -6.287  5.682   5.746   1.00 43.13 ? 8   G     A OP2   1 
ATOM   136  O "O5'" . G     A 1 7  ? -4.759  7.679   5.619   1.00 42.15 ? 8   G     A "O5'" 1 
ATOM   137  C "C5'" . G     A 1 7  ? -4.508  9.079   5.676   1.00 44.04 ? 8   G     A "C5'" 1 
ATOM   138  C "C4'" . G     A 1 7  ? -3.134  9.394   6.211   1.00 43.84 ? 8   G     A "C4'" 1 
ATOM   139  O "O4'" . G     A 1 7  ? -3.029  9.032   7.616   1.00 44.34 ? 8   G     A "O4'" 1 
ATOM   140  C "C3'" . G     A 1 7  ? -1.998  8.644   5.549   1.00 43.96 ? 8   G     A "C3'" 1 
ATOM   141  O "O3'" . G     A 1 7  ? -1.620  9.248   4.333   1.00 44.42 ? 8   G     A "O3'" 1 
ATOM   142  C "C2'" . G     A 1 7  ? -0.907  8.678   6.614   1.00 43.28 ? 8   G     A "C2'" 1 
ATOM   143  O "O2'" . G     A 1 7  ? -0.279  9.953   6.637   1.00 46.97 ? 8   G     A "O2'" 1 
ATOM   144  C "C1'" . G     A 1 7  ? -1.730  8.544   7.890   1.00 36.37 ? 8   G     A "C1'" 1 
ATOM   145  N N9    . G     A 1 7  ? -1.833  7.154   8.382   1.00 39.67 ? 8   G     A N9    1 
ATOM   146  C C8    . G     A 1 7  ? -2.914  6.304   8.291   1.00 39.83 ? 8   G     A C8    1 
ATOM   147  N N7    . G     A 1 7  ? -2.726  5.141   8.856   1.00 35.24 ? 8   G     A N7    1 
ATOM   148  C C5    . G     A 1 7  ? -1.445  5.229   9.368   1.00 38.34 ? 8   G     A C5    1 
ATOM   149  C C6    . G     A 1 7  ? -0.690  4.285   10.098  1.00 31.95 ? 8   G     A C6    1 
ATOM   150  O O6    . G     A 1 7  ? -1.023  3.156   10.426  1.00 26.56 ? 8   G     A O6    1 
ATOM   151  N N1    . G     A 1 7  ? 0.564   4.767   10.430  1.00 34.49 ? 8   G     A N1    1 
ATOM   152  C C2    . G     A 1 7  ? 1.034   6.015   10.110  1.00 40.12 ? 8   G     A C2    1 
ATOM   153  N N2    . G     A 1 7  ? 2.278   6.327   10.523  1.00 41.80 ? 8   G     A N2    1 
ATOM   154  N N3    . G     A 1 7  ? 0.340   6.906   9.430   1.00 39.19 ? 8   G     A N3    1 
ATOM   155  C C4    . G     A 1 7  ? -0.881  6.457   9.090   1.00 39.95 ? 8   G     A C4    1 
ATOM   156  P P     . U     A 1 8  ? -1.028  8.367   3.128   1.00 51.91 ? 9   U     A P     1 
ATOM   157  O OP1   . U     A 1 8  ? -1.132  9.223   1.901   1.00 45.23 ? 9   U     A OP1   1 
ATOM   158  O OP2   . U     A 1 8  ? -1.606  7.006   3.176   1.00 45.10 ? 9   U     A OP2   1 
ATOM   159  O "O5'" . U     A 1 8  ? 0.503   8.185   3.503   1.00 46.46 ? 9   U     A "O5'" 1 
ATOM   160  C "C5'" . U     A 1 8  ? 1.335   9.309   3.737   1.00 45.76 ? 9   U     A "C5'" 1 
ATOM   161  C "C4'" . U     A 1 8  ? 2.613   8.870   4.390   1.00 48.29 ? 9   U     A "C4'" 1 
ATOM   162  O "O4'" . U     A 1 8  ? 2.313   8.386   5.723   1.00 50.27 ? 9   U     A "O4'" 1 
ATOM   163  C "C3'" . U     A 1 8  ? 3.314   7.693   3.721   1.00 46.06 ? 9   U     A "C3'" 1 
ATOM   164  O "O3'" . U     A 1 8  ? 4.106   8.066   2.605   1.00 55.93 ? 9   U     A "O3'" 1 
ATOM   165  C "C2'" . U     A 1 8  ? 4.116   7.085   4.861   1.00 46.96 ? 9   U     A "C2'" 1 
ATOM   166  O "O2'" . U     A 1 8  ? 5.313   7.813   5.075   1.00 48.68 ? 9   U     A "O2'" 1 
ATOM   167  C "C1'" . U     A 1 8  ? 3.190   7.326   6.055   1.00 49.80 ? 9   U     A "C1'" 1 
ATOM   168  N N1    . U     A 1 8  ? 2.402   6.129   6.422   1.00 43.64 ? 9   U     A N1    1 
ATOM   169  C C2    . U     A 1 8  ? 3.026   5.283   7.313   1.00 42.13 ? 9   U     A C2    1 
ATOM   170  O O2    . U     A 1 8  ? 4.139   5.519   7.742   1.00 43.71 ? 9   U     A O2    1 
ATOM   171  N N3    . U     A 1 8  ? 2.306   4.173   7.687   1.00 42.24 ? 9   U     A N3    1 
ATOM   172  C C4    . U     A 1 8  ? 1.041   3.844   7.242   1.00 39.63 ? 9   U     A C4    1 
ATOM   173  O O4    . U     A 1 8  ? 0.530   2.815   7.666   1.00 34.79 ? 9   U     A O4    1 
ATOM   174  C C5    . U     A 1 8  ? 0.456   4.766   6.302   1.00 40.44 ? 9   U     A C5    1 
ATOM   175  C C6    . U     A 1 8  ? 1.142   5.860   5.928   1.00 42.48 ? 9   U     A C6    1 
ATOM   176  P P     . C     A 1 9  ? 4.333   7.031   1.389   1.00 66.37 ? 10  C     A P     1 
ATOM   177  O OP1   . C     A 1 9  ? 5.069   7.742   0.303   1.00 58.69 ? 10  C     A OP1   1 
ATOM   178  O OP2   . C     A 1 9  ? 3.026   6.381   1.099   1.00 53.21 ? 10  C     A OP2   1 
ATOM   179  O "O5'" . C     A 1 9  ? 5.278   5.900   2.005   1.00 53.48 ? 10  C     A "O5'" 1 
ATOM   180  C "C5'" . C     A 1 9  ? 6.602   6.195   2.424   1.00 47.85 ? 10  C     A "C5'" 1 
ATOM   181  C "C4'" . C     A 1 9  ? 7.198   5.078   3.253   1.00 53.15 ? 10  C     A "C4'" 1 
ATOM   182  O "O4'" . C     A 1 9  ? 6.425   4.866   4.464   1.00 54.17 ? 10  C     A "O4'" 1 
ATOM   183  C "C3'" . C     A 1 9  ? 7.240   3.694   2.632   1.00 54.73 ? 10  C     A "C3'" 1 
ATOM   184  O "O3'" . C     A 1 9  ? 8.243   3.540   1.645   1.00 57.66 ? 10  C     A "O3'" 1 
ATOM   185  C "C2'" . C     A 1 9  ? 7.432   2.804   3.856   1.00 54.80 ? 10  C     A "C2'" 1 
ATOM   186  O "O2'" . C     A 1 9  ? 8.773   2.866   4.327   1.00 55.20 ? 10  C     A "O2'" 1 
ATOM   187  C "C1'" . C     A 1 9  ? 6.556   3.519   4.879   1.00 48.51 ? 10  C     A "C1'" 1 
ATOM   188  N N1    . C     A 1 9  ? 5.216   2.903   5.004   1.00 45.89 ? 10  C     A N1    1 
ATOM   189  C C2    . C     A 1 9  ? 5.115   1.767   5.815   1.00 44.14 ? 10  C     A C2    1 
ATOM   190  O O2    . C     A 1 9  ? 6.142   1.341   6.372   1.00 43.00 ? 10  C     A O2    1 
ATOM   191  N N3    . C     A 1 9  ? 3.913   1.164   5.981   1.00 42.16 ? 10  C     A N3    1 
ATOM   192  C C4    . C     A 1 9  ? 2.838   1.665   5.366   1.00 43.46 ? 10  C     A C4    1 
ATOM   193  N N4    . C     A 1 9  ? 1.666   1.043   5.555   1.00 37.82 ? 10  C     A N4    1 
ATOM   194  C C5    . C     A 1 9  ? 2.918   2.825   4.532   1.00 43.46 ? 10  C     A C5    1 
ATOM   195  C C6    . C     A 1 9  ? 4.115   3.413   4.375   1.00 45.07 ? 10  C     A C6    1 
ATOM   196  P P     . C     A 1 10 ? 7.994   2.542   0.408   1.00 68.32 ? 11  C     A P     1 
ATOM   197  O OP1   . C     A 1 10 ? 9.177   2.690   -0.477  1.00 60.49 ? 11  C     A OP1   1 
ATOM   198  O OP2   . C     A 1 10 ? 6.613   2.742   -0.116  1.00 67.06 ? 11  C     A OP2   1 
ATOM   199  O "O5'" . C     A 1 10 ? 8.039   1.085   1.052   1.00 56.25 ? 11  C     A "O5'" 1 
ATOM   200  C "C5'" . C     A 1 10 ? 9.267   0.566   1.524   1.00 58.75 ? 11  C     A "C5'" 1 
ATOM   201  C "C4'" . C     A 1 10 ? 9.081   -0.644  2.404   1.00 57.32 ? 11  C     A "C4'" 1 
ATOM   202  O "O4'" . C     A 1 10 ? 8.135   -0.363  3.470   1.00 59.65 ? 11  C     A "O4'" 1 
ATOM   203  C "C3'" . C     A 1 10 ? 8.506   -1.892  1.765   1.00 55.51 ? 11  C     A "C3'" 1 
ATOM   204  O "O3'" . C     A 1 10 ? 9.406   -2.592  0.926   1.00 61.78 ? 11  C     A "O3'" 1 
ATOM   205  C "C2'" . C     A 1 10 ? 8.082   -2.684  2.991   1.00 52.29 ? 11  C     A "C2'" 1 
ATOM   206  O "O2'" . C     A 1 10 ? 9.229   -3.181  3.660   1.00 47.89 ? 11  C     A "O2'" 1 
ATOM   207  C "C1'" . C     A 1 10 ? 7.498   -1.573  3.855   1.00 52.90 ? 11  C     A "C1'" 1 
ATOM   208  N N1    . C     A 1 10 ? 6.028   -1.451  3.706   1.00 46.42 ? 11  C     A N1    1 
ATOM   209  C C2    . C     A 1 10 ? 5.260   -2.381  4.427   1.00 46.48 ? 11  C     A C2    1 
ATOM   210  O O2    . C     A 1 10 ? 5.861   -3.238  5.109   1.00 44.25 ? 11  C     A O2    1 
ATOM   211  N N3    . C     A 1 10 ? 3.899   -2.320  4.370   1.00 41.83 ? 11  C     A N3    1 
ATOM   212  C C4    . C     A 1 10 ? 3.302   -1.379  3.626   1.00 42.53 ? 11  C     A C4    1 
ATOM   213  N N4    . C     A 1 10 ? 1.957   -1.371  3.592   1.00 36.18 ? 11  C     A N4    1 
ATOM   214  C C5    . C     A 1 10 ? 4.070   -0.418  2.884   1.00 41.48 ? 11  C     A C5    1 
ATOM   215  C C6    . C     A 1 10 ? 5.416   -0.484  2.948   1.00 43.53 ? 11  C     A C6    1 
ATOM   216  P P     . C     A 1 11 ? 8.828   -3.607  -0.184  1.00 64.65 ? 12  C     A P     1 
ATOM   217  O OP1   . C     A 1 11 ? 9.993   -4.112  -0.956  1.00 61.02 ? 12  C     A OP1   1 
ATOM   218  O OP2   . C     A 1 11 ? 7.642   -2.991  -0.834  1.00 51.45 ? 12  C     A OP2   1 
ATOM   219  O "O5'" . C     A 1 11 ? 8.236   -4.827  0.650   1.00 57.64 ? 12  C     A "O5'" 1 
ATOM   220  C "C5'" . C     A 1 11 ? 9.083   -5.658  1.424   1.00 53.08 ? 12  C     A "C5'" 1 
ATOM   221  C "C4'" . C     A 1 11 ? 8.294   -6.757  2.080   1.00 52.18 ? 12  C     A "C4'" 1 
ATOM   222  O "O4'" . C     A 1 11 ? 7.354   -6.209  3.043   1.00 51.08 ? 12  C     A "O4'" 1 
ATOM   223  C "C3'" . C     A 1 11 ? 7.406   -7.574  1.168   1.00 51.61 ? 12  C     A "C3'" 1 
ATOM   224  O "O3'" . C     A 1 11 ? 8.115   -8.504  0.379   1.00 59.75 ? 12  C     A "O3'" 1 
ATOM   225  C "C2'" . C     A 1 11 ? 6.452   -8.211  2.165   1.00 51.55 ? 12  C     A "C2'" 1 
ATOM   226  O "O2'" . C     A 1 11 ? 7.115   -9.226  2.900   1.00 49.66 ? 12  C     A "O2'" 1 
ATOM   227  C "C1'" . C     A 1 11 ? 6.210   -7.043  3.107   1.00 47.39 ? 12  C     A "C1'" 1 
ATOM   228  N N1    . C     A 1 11 ? 5.010   -6.267  2.715   1.00 45.34 ? 12  C     A N1    1 
ATOM   229  C C2    . C     A 1 11 ? 3.771   -6.764  3.125   1.00 44.66 ? 12  C     A C2    1 
ATOM   230  O O2    . C     A 1 11 ? 3.739   -7.821  3.788   1.00 41.60 ? 12  C     A O2    1 
ATOM   231  N N3    . C     A 1 11 ? 2.647   -6.078  2.798   1.00 40.70 ? 12  C     A N3    1 
ATOM   232  C C4    . C     A 1 11 ? 2.727   -4.955  2.093   1.00 40.29 ? 12  C     A C4    1 
ATOM   233  N N4    . C     A 1 11 ? 1.587   -4.317  1.805   1.00 38.38 ? 12  C     A N4    1 
ATOM   234  C C5    . C     A 1 11 ? 3.982   -4.434  1.665   1.00 37.58 ? 12  C     A C5    1 
ATOM   235  C C6    . C     A 1 11 ? 5.081   -5.115  1.991   1.00 41.32 ? 12  C     A C6    1 
ATOM   236  P P     . G     A 1 12 ? 7.450   -9.123  -0.946  1.00 57.43 ? 13  G     A P     1 
ATOM   237  O OP1   . G     A 1 12 ? 8.516   -10.053 -1.407  1.00 57.67 ? 13  G     A OP1   1 
ATOM   238  O OP2   . G     A 1 12 ? 6.920   -8.063  -1.853  1.00 48.53 ? 13  G     A OP2   1 
ATOM   239  O "O5'" . G     A 1 12 ? 6.186   -9.942  -0.415  1.00 46.43 ? 13  G     A "O5'" 1 
ATOM   240  C "C5'" . G     A 1 12 ? 6.341   -11.203 0.218   1.00 46.36 ? 13  G     A "C5'" 1 
ATOM   241  C "C4'" . G     A 1 12 ? 5.016   -11.788 0.650   1.00 47.51 ? 13  G     A "C4'" 1 
ATOM   242  O "O4'" . G     A 1 12 ? 4.323   -10.871 1.539   1.00 49.79 ? 13  G     A "O4'" 1 
ATOM   243  C "C3'" . G     A 1 12 ? 3.985   -12.048 -0.436  1.00 49.24 ? 13  G     A "C3'" 1 
ATOM   244  O "O3'" . G     A 1 12 ? 4.248   -13.193 -1.223  1.00 47.26 ? 13  G     A "O3'" 1 
ATOM   245  C "C2'" . G     A 1 12 ? 2.704   -12.144 0.378   1.00 45.22 ? 13  G     A "C2'" 1 
ATOM   246  O "O2'" . G     A 1 12 ? 2.676   -13.351 1.113   1.00 42.97 ? 13  G     A "O2'" 1 
ATOM   247  C "C1'" . G     A 1 12 ? 2.922   -11.021 1.376   1.00 45.42 ? 13  G     A "C1'" 1 
ATOM   248  N N9    . G     A 1 12 ? 2.339   -9.762  0.880   1.00 41.36 ? 13  G     A N9    1 
ATOM   249  C C8    . G     A 1 12 ? 2.966   -8.641  0.404   1.00 41.17 ? 13  G     A C8    1 
ATOM   250  N N7    . G     A 1 12 ? 2.127   -7.705  0.045   1.00 37.23 ? 13  G     A N7    1 
ATOM   251  C C5    . G     A 1 12 ? 0.884   -8.257  0.299   1.00 36.88 ? 13  G     A C5    1 
ATOM   252  C C6    . G     A 1 12 ? -0.402  -7.708  0.111   1.00 38.32 ? 13  G     A C6    1 
ATOM   253  O O6    . G     A 1 12 ? -0.664  -6.579  -0.338  1.00 37.89 ? 13  G     A O6    1 
ATOM   254  N N1    . G     A 1 12 ? -1.404  -8.603  0.493   1.00 37.37 ? 13  G     A N1    1 
ATOM   255  C C2    . G     A 1 12 ? -1.180  -9.866  0.995   1.00 40.54 ? 13  G     A C2    1 
ATOM   256  N N2    . G     A 1 12 ? -2.252  -10.613 1.321   1.00 39.19 ? 13  G     A N2    1 
ATOM   257  N N3    . G     A 1 12 ? 0.027   -10.376 1.176   1.00 40.25 ? 13  G     A N3    1 
ATOM   258  C C4    . G     A 1 12 ? 0.996   -9.520  0.806   1.00 36.83 ? 13  G     A C4    1 
ATOM   259  P P     . G     A 1 13 ? 3.969   -13.150 -2.802  1.00 49.53 ? 14  G     A P     1 
ATOM   260  O OP1   . G     A 1 13 ? 4.641   -14.359 -3.353  1.00 58.84 ? 14  G     A OP1   1 
ATOM   261  O OP2   . G     A 1 13 ? 4.330   -11.793 -3.291  1.00 48.32 ? 14  G     A OP2   1 
ATOM   262  O "O5'" . G     A 1 13 ? 2.388   -13.339 -2.945  1.00 48.97 ? 14  G     A "O5'" 1 
ATOM   263  C "C5'" . G     A 1 13 ? 1.720   -14.397 -2.266  1.00 42.55 ? 14  G     A "C5'" 1 
ATOM   264  C "C4'" . G     A 1 13 ? 0.218   -14.290 -2.375  1.00 41.76 ? 14  G     A "C4'" 1 
ATOM   265  O "O4'" . G     A 1 13 ? -0.286  -13.289 -1.457  1.00 41.70 ? 14  G     A "O4'" 1 
ATOM   266  C "C3'" . G     A 1 13 ? -0.349  -13.856 -3.717  1.00 40.97 ? 14  G     A "C3'" 1 
ATOM   267  O "O3'" . G     A 1 13 ? -0.366  -14.894 -4.676  1.00 46.11 ? 14  G     A "O3'" 1 
ATOM   268  C "C2'" . G     A 1 13 ? -1.735  -13.359 -3.331  1.00 42.79 ? 14  G     A "C2'" 1 
ATOM   269  O "O2'" . G     A 1 13 ? -2.628  -14.435 -3.087  1.00 46.57 ? 14  G     A "O2'" 1 
ATOM   270  C "C1'" . G     A 1 13 ? -1.437  -12.677 -2.001  1.00 44.09 ? 14  G     A "C1'" 1 
ATOM   271  N N9    . G     A 1 13 ? -1.162  -11.254 -2.235  1.00 41.06 ? 14  G     A N9    1 
ATOM   272  C C8    . G     A 1 13 ? 0.052   -10.644 -2.371  1.00 37.85 ? 14  G     A C8    1 
ATOM   273  N N7    . G     A 1 13 ? -0.072  -9.372  -2.605  1.00 38.80 ? 14  G     A N7    1 
ATOM   274  C C5    . G     A 1 13 ? -1.442  -9.156  -2.657  1.00 38.14 ? 14  G     A C5    1 
ATOM   275  C C6    . G     A 1 13 ? -2.162  -7.968  -2.893  1.00 37.22 ? 14  G     A C6    1 
ATOM   276  O O6    . G     A 1 13 ? -1.692  -6.852  -3.110  1.00 38.35 ? 14  G     A O6    1 
ATOM   277  N N1    . G     A 1 13 ? -3.536  -8.179  -2.858  1.00 39.03 ? 14  G     A N1    1 
ATOM   278  C C2    . G     A 1 13 ? -4.136  -9.402  -2.626  1.00 40.46 ? 14  G     A C2    1 
ATOM   279  N N2    . G     A 1 13 ? -5.479  -9.416  -2.623  1.00 32.25 ? 14  G     A N2    1 
ATOM   280  N N3    . G     A 1 13 ? -3.463  -10.528 -2.402  1.00 36.64 ? 14  G     A N3    1 
ATOM   281  C C4    . G     A 1 13 ? -2.132  -10.313 -2.434  1.00 36.44 ? 14  G     A C4    1 
ATOM   282  P P     . G     A 1 14 ? -0.290  -14.560 -6.244  1.00 49.08 ? 15  G     A P     1 
ATOM   283  O OP1   . G     A 1 14 ? -0.355  -15.879 -6.932  1.00 46.81 ? 15  G     A OP1   1 
ATOM   284  O OP2   . G     A 1 14 ? 0.844   -13.639 -6.528  1.00 44.61 ? 15  G     A OP2   1 
ATOM   285  O "O5'" . G     A 1 14 ? -1.655  -13.794 -6.532  1.00 46.91 ? 15  G     A "O5'" 1 
ATOM   286  C "C5'" . G     A 1 14 ? -2.884  -14.499 -6.430  1.00 46.37 ? 15  G     A "C5'" 1 
ATOM   287  C "C4'" . G     A 1 14 ? -4.078  -13.594 -6.577  1.00 44.44 ? 15  G     A "C4'" 1 
ATOM   288  O "O4'" . G     A 1 14 ? -4.061  -12.563 -5.558  1.00 44.88 ? 15  G     A "O4'" 1 
ATOM   289  C "C3'" . G     A 1 14 ? -4.201  -12.803 -7.870  1.00 41.40 ? 15  G     A "C3'" 1 
ATOM   290  O "O3'" . G     A 1 14 ? -4.631  -13.589 -8.966  1.00 41.64 ? 15  G     A "O3'" 1 
ATOM   291  C "C2'" . G     A 1 14 ? -5.196  -11.734 -7.465  1.00 40.88 ? 15  G     A "C2'" 1 
ATOM   292  O "O2'" . G     A 1 14 ? -6.489  -12.310 -7.354  1.00 45.30 ? 15  G     A "O2'" 1 
ATOM   293  C "C1'" . G     A 1 14 ? -4.707  -11.409 -6.051  1.00 43.43 ? 15  G     A "C1'" 1 
ATOM   294  N N9    . G     A 1 14 ? -3.753  -10.283 -6.072  1.00 44.02 ? 15  G     A N9    1 
ATOM   295  C C8    . G     A 1 14 ? -2.381  -10.292 -5.989  1.00 43.02 ? 15  G     A C8    1 
ATOM   296  N N7    . G     A 1 14 ? -1.860  -9.094  -6.077  1.00 43.21 ? 15  G     A N7    1 
ATOM   297  C C5    . G     A 1 14 ? -2.963  -8.259  -6.235  1.00 42.50 ? 15  G     A C5    1 
ATOM   298  C C6    . G     A 1 14 ? -3.040  -6.855  -6.382  1.00 41.74 ? 15  G     A C6    1 
ATOM   299  O O6    . G     A 1 14 ? -2.107  -6.046  -6.399  1.00 44.77 ? 15  G     A O6    1 
ATOM   300  N N1    . G     A 1 14 ? -4.355  -6.429  -6.515  1.00 40.33 ? 15  G     A N1    1 
ATOM   301  C C2    . G     A 1 14 ? -5.460  -7.249  -6.500  1.00 40.63 ? 15  G     A C2    1 
ATOM   302  N N2    . G     A 1 14 ? -6.665  -6.673  -6.635  1.00 37.65 ? 15  G     A N2    1 
ATOM   303  N N3    . G     A 1 14 ? -5.396  -8.556  -6.355  1.00 40.87 ? 15  G     A N3    1 
ATOM   304  C C4    . G     A 1 14 ? -4.129  -8.978  -6.231  1.00 40.18 ? 15  G     A C4    1 
ATOM   305  P P     . A     A 1 15 ? -4.335  -13.143 -10.485 1.00 48.12 ? 16  A     A P     1 
ATOM   306  O OP1   . A     A 1 15 ? -4.946  -14.225 -11.300 1.00 46.69 ? 16  A     A OP1   1 
ATOM   307  O OP2   . A     A 1 15 ? -2.919  -12.724 -10.692 1.00 35.23 ? 16  A     A OP2   1 
ATOM   308  O "O5'" . A     A 1 15 ? -5.230  -11.845 -10.713 1.00 44.48 ? 16  A     A "O5'" 1 
ATOM   309  C "C5'" . A     A 1 15 ? -6.639  -11.952 -10.780 1.00 39.76 ? 16  A     A "C5'" 1 
ATOM   310  C "C4'" . A     A 1 15 ? -7.277  -10.603 -10.938 1.00 44.30 ? 16  A     A "C4'" 1 
ATOM   311  O "O4'" . A     A 1 15 ? -6.947  -9.752  -9.811  1.00 44.27 ? 16  A     A "O4'" 1 
ATOM   312  C "C3'" . A     A 1 15 ? -6.833  -9.785  -12.135 1.00 45.37 ? 16  A     A "C3'" 1 
ATOM   313  O "O3'" . A     A 1 15 ? -7.435  -10.206 -13.341 1.00 38.72 ? 16  A     A "O3'" 1 
ATOM   314  C "C2'" . A     A 1 15 ? -7.228  -8.375  -11.711 1.00 43.27 ? 16  A     A "C2'" 1 
ATOM   315  O "O2'" . A     A 1 15 ? -8.637  -8.218  -11.771 1.00 43.25 ? 16  A     A "O2'" 1 
ATOM   316  C "C1'" . A     A 1 15 ? -6.856  -8.404  -10.241 1.00 39.74 ? 16  A     A "C1'" 1 
ATOM   317  N N9    . A     A 1 15 ? -5.489  -7.914  -10.009 1.00 35.68 ? 16  A     A N9    1 
ATOM   318  C C8    . A     A 1 15 ? -4.367  -8.655  -9.794  1.00 41.23 ? 16  A     A C8    1 
ATOM   319  N N7    . A     A 1 15 ? -3.293  -7.933  -9.595  1.00 44.92 ? 16  A     A N7    1 
ATOM   320  C C5    . A     A 1 15 ? -3.740  -6.629  -9.694  1.00 44.07 ? 16  A     A C5    1 
ATOM   321  C C6    . A     A 1 15 ? -3.075  -5.395  -9.562  1.00 42.11 ? 16  A     A C6    1 
ATOM   322  N N6    . A     A 1 15 ? -1.765  -5.271  -9.325  1.00 38.78 ? 16  A     A N6    1 
ATOM   323  N N1    . A     A 1 15 ? -3.824  -4.283  -9.702  1.00 40.43 ? 16  A     A N1    1 
ATOM   324  C C2    . A     A 1 15 ? -5.137  -4.413  -9.955  1.00 41.60 ? 16  A     A C2    1 
ATOM   325  N N3    . A     A 1 15 ? -5.879  -5.508  -10.088 1.00 40.64 ? 16  A     A N3    1 
ATOM   326  C C4    . A     A 1 15 ? -5.102  -6.602  -9.947  1.00 42.41 ? 16  A     A C4    1 
ATOM   327  P P     . G     A 1 16 ? -6.730  -9.884  -14.744 1.00 45.33 ? 17  G     A P     1 
ATOM   328  O OP1   . G     A 1 16 ? -7.382  -10.754 -15.766 1.00 41.76 ? 17  G     A OP1   1 
ATOM   329  O OP2   . G     A 1 16 ? -5.259  -9.979  -14.539 1.00 43.14 ? 17  G     A OP2   1 
ATOM   330  O "O5'" . G     A 1 16 ? -7.092  -8.355  -15.016 1.00 45.65 ? 17  G     A "O5'" 1 
ATOM   331  C "C5'" . G     A 1 16 ? -8.421  -7.886  -14.830 1.00 44.24 ? 17  G     A "C5'" 1 
ATOM   332  C "C4'" . G     A 1 16 ? -8.529  -6.387  -14.980 1.00 51.55 ? 17  G     A "C4'" 1 
ATOM   333  O "O4'" . G     A 1 16 ? -7.629  -5.690  -14.061 1.00 40.07 ? 17  G     A "O4'" 1 
ATOM   334  C "C3'" . G     A 1 16 ? -8.210  -5.843  -16.374 1.00 51.74 ? 17  G     A "C3'" 1 
ATOM   335  O "O3'" . G     A 1 16 ? -9.056  -4.721  -16.608 1.00 57.15 ? 17  G     A "O3'" 1 
ATOM   336  C "C2'" . G     A 1 16 ? -6.789  -5.328  -16.202 1.00 49.13 ? 17  G     A "C2'" 1 
ATOM   337  O "O2'" . G     A 1 16 ? -6.398  -4.359  -17.154 1.00 51.86 ? 17  G     A "O2'" 1 
ATOM   338  C "C1'" . G     A 1 16 ? -6.884  -4.746  -14.798 1.00 42.13 ? 17  G     A "C1'" 1 
ATOM   339  N N9    . G     A 1 16 ? -5.603  -4.469  -14.146 1.00 43.00 ? 17  G     A N9    1 
ATOM   340  C C8    . G     A 1 16 ? -5.185  -3.220  -13.768 1.00 39.99 ? 17  G     A C8    1 
ATOM   341  N N7    . G     A 1 16 ? -4.008  -3.196  -13.226 1.00 39.29 ? 17  G     A N7    1 
ATOM   342  C C5    . G     A 1 16 ? -3.621  -4.521  -13.255 1.00 42.60 ? 17  G     A C5    1 
ATOM   343  C C6    . G     A 1 16 ? -2.425  -5.100  -12.806 1.00 37.95 ? 17  G     A C6    1 
ATOM   344  O O6    . G     A 1 16 ? -1.476  -4.529  -12.286 1.00 37.02 ? 17  G     A O6    1 
ATOM   345  N N1    . G     A 1 16 ? -2.416  -6.472  -13.013 1.00 41.98 ? 17  G     A N1    1 
ATOM   346  C C2    . G     A 1 16 ? -3.430  -7.199  -13.590 1.00 41.49 ? 17  G     A C2    1 
ATOM   347  N N2    . G     A 1 16 ? -3.229  -8.522  -13.708 1.00 36.13 ? 17  G     A N2    1 
ATOM   348  N N3    . G     A 1 16 ? -4.556  -6.662  -14.031 1.00 44.37 ? 17  G     A N3    1 
ATOM   349  C C4    . G     A 1 16 ? -4.583  -5.328  -13.827 1.00 45.44 ? 17  G     A C4    1 
ATOM   350  P P     . G     A 1 17 ? -10.357 -4.844  -17.542 1.00 67.76 ? 18  G     A P     1 
ATOM   351  O OP1   . G     A 1 17 ? -11.365 -3.952  -16.891 1.00 53.07 ? 18  G     A OP1   1 
ATOM   352  O OP2   . G     A 1 17 ? -10.676 -6.287  -17.768 1.00 56.90 ? 18  G     A OP2   1 
ATOM   353  O "O5'" . G     A 1 17 ? -9.900  -4.193  -18.934 1.00 54.43 ? 18  G     A "O5'" 1 
ATOM   354  C "C5'" . G     A 1 17 ? -8.901  -4.795  -19.753 1.00 53.81 ? 18  G     A "C5'" 1 
ATOM   355  C "C4'" . G     A 1 17 ? -8.576  -3.937  -20.961 1.00 61.58 ? 18  G     A "C4'" 1 
ATOM   356  O "O4'" . G     A 1 17 ? -9.683  -3.954  -21.900 1.00 59.80 ? 18  G     A "O4'" 1 
ATOM   357  C "C3'" . G     A 1 17 ? -8.328  -2.456  -20.682 1.00 61.08 ? 18  G     A "C3'" 1 
ATOM   358  O "O3'" . G     A 1 17 ? -6.981  -2.215  -20.300 1.00 56.80 ? 18  G     A "O3'" 1 
ATOM   359  C "C2'" . G     A 1 17 ? -8.727  -1.774  -21.992 1.00 54.37 ? 18  G     A "C2'" 1 
ATOM   360  O "O2'" . G     A 1 17 ? -7.663  -1.806  -22.933 1.00 52.02 ? 18  G     A "O2'" 1 
ATOM   361  C "C1'" . G     A 1 17 ? -9.850  -2.684  -22.494 1.00 54.13 ? 18  G     A "C1'" 1 
ATOM   362  N N9    . G     A 1 17 ? -11.198 -2.195  -22.150 1.00 59.21 ? 18  G     A N9    1 
ATOM   363  C C8    . G     A 1 17 ? -11.898 -2.485  -20.997 1.00 55.23 ? 18  G     A C8    1 
ATOM   364  N N7    . G     A 1 17 ? -13.082 -1.942  -20.967 1.00 57.10 ? 18  G     A N7    1 
ATOM   365  C C5    . G     A 1 17 ? -13.179 -1.264  -22.178 1.00 58.02 ? 18  G     A C5    1 
ATOM   366  C C6    . G     A 1 17 ? -14.242 -0.488  -22.709 1.00 56.39 ? 18  G     A C6    1 
ATOM   367  O O6    . G     A 1 17 ? -15.336 -0.244  -22.195 1.00 60.94 ? 18  G     A O6    1 
ATOM   368  N N1    . G     A 1 17 ? -13.938 0.035   -23.960 1.00 56.76 ? 18  G     A N1    1 
ATOM   369  C C2    . G     A 1 17 ? -12.754 -0.169  -24.627 1.00 60.60 ? 18  G     A C2    1 
ATOM   370  N N2    . G     A 1 17 ? -12.661 0.421   -25.833 1.00 56.10 ? 18  G     A N2    1 
ATOM   371  N N3    . G     A 1 17 ? -11.750 -0.901  -24.146 1.00 58.03 ? 18  G     A N3    1 
ATOM   372  C C4    . G     A 1 17 ? -12.028 -1.412  -22.926 1.00 57.71 ? 18  G     A C4    1 
ATOM   373  P P     . A     A 1 18 ? -6.553  -0.891  -19.495 1.00 53.47 ? 19  A     A P     1 
ATOM   374  O OP1   . A     A 1 18 ? -5.082  -1.033  -19.374 1.00 52.55 ? 19  A     A OP1   1 
ATOM   375  O OP2   . A     A 1 18 ? -7.382  -0.642  -18.285 1.00 43.38 ? 19  A     A OP2   1 
ATOM   376  O "O5'" . A     A 1 18 ? -6.898  0.300   -20.497 1.00 54.24 ? 19  A     A "O5'" 1 
ATOM   377  C "C5'" . A     A 1 18 ? -6.035  0.663   -21.565 1.00 46.18 ? 19  A     A "C5'" 1 
ATOM   378  C "C4'" . A     A 1 18 ? -6.491  1.966   -22.160 1.00 50.71 ? 19  A     A "C4'" 1 
ATOM   379  O "O4'" . A     A 1 18 ? -7.800  1.783   -22.764 1.00 50.74 ? 19  A     A "O4'" 1 
ATOM   380  C "C3'" . A     A 1 18 ? -6.684  3.089   -21.147 1.00 48.47 ? 19  A     A "C3'" 1 
ATOM   381  O "O3'" . A     A 1 18 ? -5.488  3.806   -20.917 1.00 43.06 ? 19  A     A "O3'" 1 
ATOM   382  C "C2'" . A     A 1 18 ? -7.782  3.949   -21.768 1.00 48.67 ? 19  A     A "C2'" 1 
ATOM   383  O "O2'" . A     A 1 18 ? -7.239  4.879   -22.691 1.00 42.77 ? 19  A     A "O2'" 1 
ATOM   384  C "C1'" . A     A 1 18 ? -8.606  2.917   -22.539 1.00 46.94 ? 19  A     A "C1'" 1 
ATOM   385  N N9    . A     A 1 18 ? -9.830  2.509   -21.828 1.00 49.10 ? 19  A     A N9    1 
ATOM   386  C C8    . A     A 1 18 ? -9.968  1.795   -20.667 1.00 53.06 ? 19  A     A C8    1 
ATOM   387  N N7    . A     A 1 18 ? -11.218 1.594   -20.318 1.00 53.61 ? 19  A     A N7    1 
ATOM   388  C C5    . A     A 1 18 ? -11.943 2.210   -21.320 1.00 53.70 ? 19  A     A C5    1 
ATOM   389  C C6    . A     A 1 18 ? -13.319 2.357   -21.537 1.00 55.51 ? 19  A     A C6    1 
ATOM   390  N N6    . A     A 1 18 ? -14.243 1.870   -20.713 1.00 61.42 ? 19  A     A N6    1 
ATOM   391  N N1    . A     A 1 18 ? -13.724 3.032   -22.636 1.00 54.20 ? 19  A     A N1    1 
ATOM   392  C C2    . A     A 1 18 ? -12.790 3.522   -23.460 1.00 55.10 ? 19  A     A C2    1 
ATOM   393  N N3    . A     A 1 18 ? -11.464 3.455   -23.364 1.00 52.66 ? 19  A     A N3    1 
ATOM   394  C C4    . A     A 1 18 ? -11.104 2.774   -22.258 1.00 54.03 ? 19  A     A C4    1 
ATOM   395  P P     . C     A 1 19 ? -5.192  4.443   -19.480 1.00 44.99 ? 20  C     A P     1 
ATOM   396  O OP1   . C     A 1 19 ? -5.121  3.323   -18.507 1.00 51.99 ? 20  C     A OP1   1 
ATOM   397  O OP2   . C     A 1 19 ? -6.102  5.589   -19.256 1.00 44.28 ? 20  C     A OP2   1 
ATOM   398  O "O5'" . C     A 1 19 ? -3.730  5.027   -19.628 1.00 45.60 ? 20  C     A "O5'" 1 
ATOM   399  C "C5'" . C     A 1 19 ? -2.800  4.443   -20.520 1.00 42.37 ? 20  C     A "C5'" 1 
ATOM   400  C "C4'" . C     A 1 19 ? -1.429  5.013   -20.292 1.00 44.68 ? 20  C     A "C4'" 1 
ATOM   401  O "O4'" . C     A 1 19 ? -0.966  4.634   -18.963 1.00 44.96 ? 20  C     A "O4'" 1 
ATOM   402  C "C3'" . C     A 1 19 ? -0.324  4.523   -21.214 1.00 40.10 ? 20  C     A "C3'" 1 
ATOM   403  O "O3'" . C     A 1 19 ? -0.317  5.146   -22.484 1.00 36.97 ? 20  C     A "O3'" 1 
ATOM   404  C "C2'" . C     A 1 19 ? 0.917   4.798   -20.384 1.00 41.41 ? 20  C     A "C2'" 1 
ATOM   405  O "O2'" . C     A 1 19 ? 1.177   6.191   -20.347 1.00 41.44 ? 20  C     A "O2'" 1 
ATOM   406  C "C1'" . C     A 1 19 ? 0.427   4.386   -19.000 1.00 46.78 ? 20  C     A "C1'" 1 
ATOM   407  N N1    . C     A 1 19 ? 0.674   2.944   -18.741 1.00 44.45 ? 20  C     A N1    1 
ATOM   408  C C2    . C     A 1 19 ? 1.968   2.559   -18.380 1.00 40.73 ? 20  C     A C2    1 
ATOM   409  O O2    . C     A 1 19 ? 2.823   3.439   -18.292 1.00 41.72 ? 20  C     A O2    1 
ATOM   410  N N3    . C     A 1 19 ? 2.249   1.260   -18.135 1.00 37.42 ? 20  C     A N3    1 
ATOM   411  C C4    . C     A 1 19 ? 1.287   0.338   -18.240 1.00 38.94 ? 20  C     A C4    1 
ATOM   412  N N4    . C     A 1 19 ? 1.592   -0.945  -17.985 1.00 34.11 ? 20  C     A N4    1 
ATOM   413  C C5    . C     A 1 19 ? -0.041  0.701   -18.615 1.00 37.40 ? 20  C     A C5    1 
ATOM   414  C C6    . C     A 1 19 ? -0.302  1.992   -18.850 1.00 37.31 ? 20  C     A C6    1 
ATOM   415  P P     . C     A 1 20 ? 0.554   4.511   -23.686 1.00 50.09 ? 21  C     A P     1 
ATOM   416  O OP1   . C     A 1 20 ? 0.465   5.400   -24.879 1.00 50.53 ? 21  C     A OP1   1 
ATOM   417  O OP2   . C     A 1 20 ? 0.255   3.064   -23.843 1.00 48.75 ? 21  C     A OP2   1 
ATOM   418  O "O5'" . C     A 1 20 ? 2.047   4.631   -23.161 1.00 46.37 ? 21  C     A "O5'" 1 
ATOM   419  C "C5'" . C     A 1 20 ? 3.073   3.826   -23.701 1.00 40.73 ? 21  C     A "C5'" 1 
ATOM   420  C "C4'" . C     A 1 20 ? 4.309   3.907   -22.851 1.00 44.33 ? 21  C     A "C4'" 1 
ATOM   421  O "O4'" . C     A 1 20 ? 4.024   3.371   -21.526 1.00 45.60 ? 21  C     A "O4'" 1 
ATOM   422  C "C3'" . C     A 1 20 ? 5.480   3.088   -23.360 1.00 42.58 ? 21  C     A "C3'" 1 
ATOM   423  O "O3'" . C     A 1 20 ? 6.249   3.800   -24.311 1.00 44.61 ? 21  C     A "O3'" 1 
ATOM   424  C "C2'" . C     A 1 20 ? 6.239   2.736   -22.090 1.00 40.66 ? 21  C     A "C2'" 1 
ATOM   425  O "O2'" . C     A 1 20 ? 7.042   3.824   -21.670 1.00 37.62 ? 21  C     A "O2'" 1 
ATOM   426  C "C1'" . C     A 1 20 ? 5.098   2.579   -21.082 1.00 45.49 ? 21  C     A "C1'" 1 
ATOM   427  N N1    . C     A 1 20 ? 4.617   1.182   -20.948 1.00 43.87 ? 21  C     A N1    1 
ATOM   428  C C2    . C     A 1 20 ? 5.463   0.235   -20.393 1.00 39.35 ? 21  C     A C2    1 
ATOM   429  O O2    . C     A 1 20 ? 6.598   0.579   -20.054 1.00 43.24 ? 21  C     A O2    1 
ATOM   430  N N3    . C     A 1 20 ? 5.033   -1.035  -20.254 1.00 40.63 ? 21  C     A N3    1 
ATOM   431  C C4    . C     A 1 20 ? 3.805   -1.387  -20.628 1.00 36.96 ? 21  C     A C4    1 
ATOM   432  N N4    . C     A 1 20 ? 3.462   -2.664  -20.438 1.00 31.17 ? 21  C     A N4    1 
ATOM   433  C C5    . C     A 1 20 ? 2.891   -0.446  -21.190 1.00 33.58 ? 21  C     A C5    1 
ATOM   434  C C6    . C     A 1 20 ? 3.342   0.812   -21.324 1.00 42.85 ? 21  C     A C6    1 
ATOM   435  P P     . G     A 1 21 ? 6.889   3.022   -25.563 1.00 44.69 ? 22  G     A P     1 
ATOM   436  O OP1   . G     A 1 21 ? 7.286   4.019   -26.594 1.00 45.85 ? 22  G     A OP1   1 
ATOM   437  O OP2   . G     A 1 21 ? 5.918   1.963   -25.934 1.00 36.27 ? 22  G     A OP2   1 
ATOM   438  O "O5'" . G     A 1 21 ? 8.223   2.381   -24.961 1.00 43.36 ? 22  G     A "O5'" 1 
ATOM   439  C "C5'" . G     A 1 21 ? 9.175   3.201   -24.304 1.00 37.57 ? 22  G     A "C5'" 1 
ATOM   440  C "C4'" . G     A 1 21 ? 10.295  2.397   -23.691 1.00 46.93 ? 22  G     A "C4'" 1 
ATOM   441  O "O4'" . G     A 1 21 ? 9.800   1.616   -22.577 1.00 50.16 ? 22  G     A "O4'" 1 
ATOM   442  C "C3'" . G     A 1 21 ? 10.968  1.374   -24.588 1.00 45.75 ? 22  G     A "C3'" 1 
ATOM   443  O "O3'" . G     A 1 21 ? 11.947  1.960   -25.413 1.00 45.04 ? 22  G     A "O3'" 1 
ATOM   444  C "C2'" . G     A 1 21 ? 11.554  0.390   -23.589 1.00 49.28 ? 22  G     A "C2'" 1 
ATOM   445  O "O2'" . G     A 1 21 ? 12.748  0.908   -23.020 1.00 47.89 ? 22  G     A "O2'" 1 
ATOM   446  C "C1'" . G     A 1 21 ? 10.484  0.388   -22.507 1.00 47.44 ? 22  G     A "C1'" 1 
ATOM   447  N N9    . G     A 1 21 ? 9.495   -0.677  -22.686 1.00 47.89 ? 22  G     A N9    1 
ATOM   448  C C8    . G     A 1 21 ? 8.196   -0.485  -23.072 1.00 44.31 ? 22  G     A C8    1 
ATOM   449  N N7    . G     A 1 21 ? 7.523   -1.595  -23.121 1.00 48.58 ? 22  G     A N7    1 
ATOM   450  C C5    . G     A 1 21 ? 8.438   -2.566  -22.736 1.00 48.66 ? 22  G     A C5    1 
ATOM   451  C C6    . G     A 1 21 ? 8.276   -3.963  -22.602 1.00 47.12 ? 22  G     A C6    1 
ATOM   452  O O6    . G     A 1 21 ? 7.265   -4.632  -22.799 1.00 49.89 ? 22  G     A O6    1 
ATOM   453  N N1    . G     A 1 21 ? 9.445   -4.584  -22.201 1.00 46.65 ? 22  G     A N1    1 
ATOM   454  C C2    . G     A 1 21 ? 10.623  -3.936  -21.950 1.00 49.46 ? 22  G     A C2    1 
ATOM   455  N N2    . G     A 1 21 ? 11.630  -4.729  -21.560 1.00 49.22 ? 22  G     A N2    1 
ATOM   456  N N3    . G     A 1 21 ? 10.792  -2.625  -22.068 1.00 46.36 ? 22  G     A N3    1 
ATOM   457  C C4    . G     A 1 21 ? 9.664   -2.015  -22.462 1.00 45.31 ? 22  G     A C4    1 
ATOM   458  P P     . C     A 1 22 ? 12.133  1.446   -26.917 1.00 52.50 ? 23  C     A P     1 
ATOM   459  O OP1   . C     A 1 22 ? 13.124  2.350   -27.547 1.00 54.91 ? 23  C     A OP1   1 
ATOM   460  O OP2   . C     A 1 22 ? 10.783  1.337   -27.541 1.00 51.74 ? 23  C     A OP2   1 
ATOM   461  O "O5'" . C     A 1 22 ? 12.782  -0.007  -26.734 1.00 49.83 ? 23  C     A "O5'" 1 
ATOM   462  C "C5'" . C     A 1 22 ? 13.998  -0.166  -26.016 1.00 44.66 ? 23  C     A "C5'" 1 
ATOM   463  C "C4'" . C     A 1 22 ? 14.325  -1.617  -25.749 1.00 50.81 ? 23  C     A "C4'" 1 
ATOM   464  O "O4'" . C     A 1 22 ? 13.421  -2.184  -24.764 1.00 48.05 ? 23  C     A "O4'" 1 
ATOM   465  C "C3'" . C     A 1 22 ? 14.220  -2.581  -26.920 1.00 52.14 ? 23  C     A "C3'" 1 
ATOM   466  O "O3'" . C     A 1 22 ? 15.301  -2.484  -27.825 1.00 41.00 ? 23  C     A "O3'" 1 
ATOM   467  C "C2'" . C     A 1 22 ? 14.137  -3.924  -26.212 1.00 52.41 ? 23  C     A "C2'" 1 
ATOM   468  O "O2'" . C     A 1 22 ? 15.410  -4.312  -25.721 1.00 55.62 ? 23  C     A "O2'" 1 
ATOM   469  C "C1'" . C     A 1 22 ? 13.263  -3.567  -25.010 1.00 50.36 ? 23  C     A "C1'" 1 
ATOM   470  N N1    . C     A 1 22 ? 11.840  -3.848  -25.285 1.00 52.17 ? 23  C     A N1    1 
ATOM   471  C C2    . C     A 1 22 ? 11.399  -5.158  -25.113 1.00 50.10 ? 23  C     A C2    1 
ATOM   472  O O2    . C     A 1 22 ? 12.208  -6.008  -24.726 1.00 47.99 ? 23  C     A O2    1 
ATOM   473  N N3    . C     A 1 22 ? 10.105  -5.457  -25.361 1.00 50.90 ? 23  C     A N3    1 
ATOM   474  C C4    . C     A 1 22 ? 9.281   -4.492  -25.765 1.00 48.72 ? 23  C     A C4    1 
ATOM   475  N N4    . C     A 1 22 ? 8.014   -4.818  -25.994 1.00 49.32 ? 23  C     A N4    1 
ATOM   476  C C5    . C     A 1 22 ? 9.706   -3.150  -25.956 1.00 48.65 ? 23  C     A C5    1 
ATOM   477  C C6    . C     A 1 22 ? 10.987  -2.871  -25.712 1.00 50.11 ? 23  C     A C6    1 
ATOM   478  P P     . G     B 1 2  ? 3.486   -14.285 -23.531 1.00 58.93 ? 3   G     B P     1 
ATOM   479  O OP1   . G     B 1 2  ? 2.983   -15.303 -22.569 1.00 64.20 ? 3   G     B OP1   1 
ATOM   480  O OP2   . G     B 1 2  ? 2.898   -12.925 -23.498 1.00 54.77 ? 3   G     B OP2   1 
ATOM   481  O "O5'" . G     B 1 2  ? 5.054   -14.145 -23.289 1.00 56.30 ? 3   G     B "O5'" 1 
ATOM   482  C "C5'" . G     B 1 2  ? 5.855   -15.295 -23.075 1.00 52.44 ? 3   G     B "C5'" 1 
ATOM   483  C "C4'" . G     B 1 2  ? 7.321   -15.005 -23.268 1.00 56.25 ? 3   G     B "C4'" 1 
ATOM   484  O "O4'" . G     B 1 2  ? 7.542   -14.382 -24.562 1.00 58.72 ? 3   G     B "O4'" 1 
ATOM   485  C "C3'" . G     B 1 2  ? 7.938   -14.033 -22.271 1.00 59.11 ? 3   G     B "C3'" 1 
ATOM   486  O "O3'" . G     B 1 2  ? 8.299   -14.668 -21.059 1.00 61.00 ? 3   G     B "O3'" 1 
ATOM   487  C "C2'" . G     B 1 2  ? 9.123   -13.465 -23.045 1.00 56.26 ? 3   G     B "C2'" 1 
ATOM   488  O "O2'" . G     B 1 2  ? 10.205  -14.387 -23.057 1.00 58.39 ? 3   G     B "O2'" 1 
ATOM   489  C "C1'" . G     B 1 2  ? 8.544   -13.386 -24.457 1.00 57.67 ? 3   G     B "C1'" 1 
ATOM   490  N N9    . G     B 1 2  ? 7.921   -12.072 -24.718 1.00 55.10 ? 3   G     B N9    1 
ATOM   491  C C8    . G     B 1 2  ? 6.588   -11.828 -24.934 1.00 52.13 ? 3   G     B C8    1 
ATOM   492  N N7    . G     B 1 2  ? 6.330   -10.569 -25.126 1.00 49.25 ? 3   G     B N7    1 
ATOM   493  C C5    . G     B 1 2  ? 7.559   -9.943  -25.031 1.00 48.21 ? 3   G     B C5    1 
ATOM   494  C C6    . G     B 1 2  ? 7.902   -8.575  -25.149 1.00 51.18 ? 3   G     B C6    1 
ATOM   495  O O6    . G     B 1 2  ? 7.166   -7.608  -25.368 1.00 48.90 ? 3   G     B O6    1 
ATOM   496  N N1    . G     B 1 2  ? 9.265   -8.376  -24.984 1.00 50.30 ? 3   G     B N1    1 
ATOM   497  C C2    . G     B 1 2  ? 10.176  -9.363  -24.730 1.00 51.42 ? 3   G     B C2    1 
ATOM   498  N N2    . G     B 1 2  ? 11.449  -8.969  -24.604 1.00 54.46 ? 3   G     B N2    1 
ATOM   499  N N3    . G     B 1 2  ? 9.871   -10.641 -24.614 1.00 54.45 ? 3   G     B N3    1 
ATOM   500  C C4    . G     B 1 2  ? 8.552   -10.855 -24.778 1.00 51.26 ? 3   G     B C4    1 
ATOM   501  P P     . C     B 1 3  ? 8.163   -13.897 -19.656 1.00 68.65 ? 4   C     B P     1 
ATOM   502  O OP1   . C     B 1 3  ? 8.401   -14.897 -18.578 1.00 63.33 ? 4   C     B OP1   1 
ATOM   503  O OP2   . C     B 1 3  ? 6.925   -13.065 -19.674 1.00 47.61 ? 4   C     B OP2   1 
ATOM   504  O "O5'" . C     B 1 3  ? 9.427   -12.937 -19.635 1.00 59.18 ? 4   C     B "O5'" 1 
ATOM   505  C "C5'" . C     B 1 3  ? 10.739  -13.461 -19.772 1.00 60.72 ? 4   C     B "C5'" 1 
ATOM   506  C "C4'" . C     B 1 3  ? 11.748  -12.345 -19.777 1.00 65.37 ? 4   C     B "C4'" 1 
ATOM   507  O "O4'" . C     B 1 3  ? 11.643  -11.605 -21.025 1.00 64.38 ? 4   C     B "O4'" 1 
ATOM   508  C "C3'" . C     B 1 3  ? 11.533  -11.288 -18.703 1.00 65.19 ? 4   C     B "C3'" 1 
ATOM   509  O "O3'" . C     B 1 3  ? 12.036  -11.666 -17.432 1.00 68.66 ? 4   C     B "O3'" 1 
ATOM   510  C "C2'" . C     B 1 3  ? 12.191  -10.055 -19.311 1.00 60.73 ? 4   C     B "C2'" 1 
ATOM   511  O "O2'" . C     B 1 3  ? 13.600  -10.130 -19.195 1.00 61.82 ? 4   C     B "O2'" 1 
ATOM   512  C "C1'" . C     B 1 3  ? 11.821  -10.220 -20.786 1.00 65.36 ? 4   C     B "C1'" 1 
ATOM   513  N N1    . C     B 1 3  ? 10.561  -9.505  -21.132 1.00 61.00 ? 4   C     B N1    1 
ATOM   514  C C2    . C     B 1 3  ? 10.618  -8.169  -21.544 1.00 52.51 ? 4   C     B C2    1 
ATOM   515  O O2    . C     B 1 3  ? 11.718  -7.606  -21.627 1.00 53.71 ? 4   C     B O2    1 
ATOM   516  N N3    . C     B 1 3  ? 9.472   -7.523  -21.850 1.00 49.93 ? 4   C     B N3    1 
ATOM   517  C C4    . C     B 1 3  ? 8.295   -8.143  -21.761 1.00 50.60 ? 4   C     B C4    1 
ATOM   518  N N4    . C     B 1 3  ? 7.189   -7.459  -22.076 1.00 46.02 ? 4   C     B N4    1 
ATOM   519  C C5    . C     B 1 3  ? 8.200   -9.495  -21.336 1.00 53.12 ? 4   C     B C5    1 
ATOM   520  C C6    . C     B 1 3  ? 9.341   -10.126 -21.036 1.00 56.45 ? 4   C     B C6    1 
ATOM   521  P P     . G     B 1 4  ? 11.408  -11.016 -16.104 1.00 78.75 ? 5   G     B P     1 
ATOM   522  O OP1   . G     B 1 4  ? 12.371  -11.271 -14.999 1.00 72.32 ? 5   G     B OP1   1 
ATOM   523  O OP2   . G     B 1 4  ? 9.981   -11.413 -15.973 1.00 70.44 ? 5   G     B OP2   1 
ATOM   524  O "O5'" . G     B 1 4  ? 11.393  -9.466  -16.460 1.00 72.44 ? 5   G     B "O5'" 1 
ATOM   525  C "C5'" . G     B 1 4  ? 11.149  -8.456  -15.499 1.00 64.83 ? 5   G     B "C5'" 1 
ATOM   526  C "C4'" . G     B 1 4  ? 11.603  -7.133  -16.052 1.00 60.78 ? 5   G     B "C4'" 1 
ATOM   527  O "O4'" . G     B 1 4  ? 11.284  -7.071  -17.469 1.00 57.80 ? 5   G     B "O4'" 1 
ATOM   528  C "C3'" . G     B 1 4  ? 10.950  -5.885  -15.478 1.00 60.00 ? 5   G     B "C3'" 1 
ATOM   529  O "O3'" . G     B 1 4  ? 11.493  -5.496  -14.224 1.00 57.23 ? 5   G     B "O3'" 1 
ATOM   530  C "C2'" . G     B 1 4  ? 11.176  -4.878  -16.596 1.00 58.97 ? 5   G     B "C2'" 1 
ATOM   531  O "O2'" . G     B 1 4  ? 12.539  -4.470  -16.626 1.00 58.36 ? 5   G     B "O2'" 1 
ATOM   532  C "C1'" . G     B 1 4  ? 10.930  -5.754  -17.825 1.00 54.63 ? 5   G     B "C1'" 1 
ATOM   533  N N9    . G     B 1 4  ? 9.508   -5.746  -18.229 1.00 51.68 ? 5   G     B N9    1 
ATOM   534  C C8    . G     B 1 4  ? 8.646   -6.813  -18.235 1.00 53.35 ? 5   G     B C8    1 
ATOM   535  N N7    . G     B 1 4  ? 7.441   -6.512  -18.643 1.00 48.16 ? 5   G     B N7    1 
ATOM   536  C C5    . G     B 1 4  ? 7.502   -5.151  -18.923 1.00 47.40 ? 5   G     B C5    1 
ATOM   537  C C6    . G     B 1 4  ? 6.499   -4.250  -19.393 1.00 43.49 ? 5   G     B C6    1 
ATOM   538  O O6    . G     B 1 4  ? 5.313   -4.479  -19.670 1.00 39.58 ? 5   G     B O6    1 
ATOM   539  N N1    . G     B 1 4  ? 6.991   -2.957  -19.538 1.00 44.53 ? 5   G     B N1    1 
ATOM   540  C C2    . G     B 1 4  ? 8.284   -2.579  -19.268 1.00 47.31 ? 5   G     B C2    1 
ATOM   541  N N2    . G     B 1 4  ? 8.584   -1.289  -19.461 1.00 45.58 ? 5   G     B N2    1 
ATOM   542  N N3    . G     B 1 4  ? 9.223   -3.405  -18.834 1.00 47.12 ? 5   G     B N3    1 
ATOM   543  C C4    . G     B 1 4  ? 8.771   -4.668  -18.679 1.00 48.08 ? 5   G     B C4    1 
ATOM   544  P P     . G     B 1 5  ? 10.548  -4.897  -13.060 1.00 71.28 ? 6   G     B P     1 
ATOM   545  O OP1   . G     B 1 5  ? 11.344  -4.927  -11.805 1.00 72.85 ? 6   G     B OP1   1 
ATOM   546  O OP2   . G     B 1 5  ? 9.207   -5.544  -13.067 1.00 47.43 ? 6   G     B OP2   1 
ATOM   547  O "O5'" . G     B 1 5  ? 10.368  -3.365  -13.466 1.00 61.79 ? 6   G     B "O5'" 1 
ATOM   548  C "C5'" . G     B 1 5  ? 11.491  -2.518  -13.644 1.00 54.38 ? 6   G     B "C5'" 1 
ATOM   549  C "C4'" . G     B 1 5  ? 11.083  -1.164  -14.165 1.00 57.52 ? 6   G     B "C4'" 1 
ATOM   550  O "O4'" . G     B 1 5  ? 10.594  -1.274  -15.534 1.00 57.87 ? 6   G     B "O4'" 1 
ATOM   551  C "C3'" . G     B 1 5  ? 9.936   -0.481  -13.440 1.00 55.85 ? 6   G     B "C3'" 1 
ATOM   552  O "O3'" . G     B 1 5  ? 10.288  0.084   -12.188 1.00 55.87 ? 6   G     B "O3'" 1 
ATOM   553  C "C2'" . G     B 1 5  ? 9.465   0.522   -14.487 1.00 55.26 ? 6   G     B "C2'" 1 
ATOM   554  O "O2'" . G     B 1 5  ? 10.371  1.609   -14.610 1.00 54.86 ? 6   G     B "O2'" 1 
ATOM   555  C "C1'" . G     B 1 5  ? 9.563   -0.325  -15.750 1.00 52.95 ? 6   G     B "C1'" 1 
ATOM   556  N N9    . G     B 1 5  ? 8.281   -1.024  -15.981 1.00 46.49 ? 6   G     B N9    1 
ATOM   557  C C8    . G     B 1 5  ? 7.960   -2.339  -15.787 1.00 44.03 ? 6   G     B C8    1 
ATOM   558  N N7    . G     B 1 5  ? 6.713   -2.608  -16.077 1.00 43.98 ? 6   G     B N7    1 
ATOM   559  C C5    . G     B 1 5  ? 6.169   -1.394  -16.464 1.00 46.57 ? 6   G     B C5    1 
ATOM   560  C C6    . G     B 1 5  ? 4.855   -1.036  -16.882 1.00 40.15 ? 6   G     B C6    1 
ATOM   561  O O6    . G     B 1 5  ? 3.849   -1.725  -17.015 1.00 38.42 ? 6   G     B O6    1 
ATOM   562  N N1    . G     B 1 5  ? 4.754   0.310   -17.175 1.00 41.59 ? 6   G     B N1    1 
ATOM   563  C C2    . G     B 1 5  ? 5.776   1.209   -17.088 1.00 43.42 ? 6   G     B C2    1 
ATOM   564  N N2    . G     B 1 5  ? 5.454   2.464   -17.435 1.00 43.50 ? 6   G     B N2    1 
ATOM   565  N N3    . G     B 1 5  ? 7.005   0.899   -16.706 1.00 41.95 ? 6   G     B N3    1 
ATOM   566  C C4    . G     B 1 5  ? 7.130   -0.408  -16.406 1.00 45.40 ? 6   G     B C4    1 
ATOM   567  P P     . G     B 1 6  ? 9.240   0.057   -10.962 1.00 62.66 ? 7   G     B P     1 
ATOM   568  O OP1   . G     B 1 6  ? 9.976   0.422   -9.723  1.00 59.86 ? 7   G     B OP1   1 
ATOM   569  O OP2   . G     B 1 6  ? 8.481   -1.216  -10.949 1.00 56.80 ? 7   G     B OP2   1 
ATOM   570  O "O5'" . G     B 1 6  ? 8.225   1.228   -11.335 1.00 59.43 ? 7   G     B "O5'" 1 
ATOM   571  C "C5'" . G     B 1 6  ? 8.701   2.445   -11.895 1.00 53.70 ? 7   G     B "C5'" 1 
ATOM   572  C "C4'" . G     B 1 6  ? 7.564   3.306   -12.367 1.00 53.41 ? 7   G     B "C4'" 1 
ATOM   573  O "O4'" . G     B 1 6  ? 7.023   2.810   -13.625 1.00 51.69 ? 7   G     B "O4'" 1 
ATOM   574  C "C3'" . G     B 1 6  ? 6.372   3.326   -11.434 1.00 55.45 ? 7   G     B "C3'" 1 
ATOM   575  O "O3'" . G     B 1 6  ? 6.575   4.176   -10.317 1.00 57.70 ? 7   G     B "O3'" 1 
ATOM   576  C "C2'" . G     B 1 6  ? 5.229   3.725   -12.363 1.00 49.95 ? 7   G     B "C2'" 1 
ATOM   577  O "O2'" . G     B 1 6  ? 5.239   5.122   -12.627 1.00 51.50 ? 7   G     B "O2'" 1 
ATOM   578  C "C1'" . G     B 1 6  ? 5.618   2.976   -13.643 1.00 48.43 ? 7   G     B "C1'" 1 
ATOM   579  N N9    . G     B 1 6  ? 4.989   1.639   -13.692 1.00 46.93 ? 7   G     B N9    1 
ATOM   580  C C8    . G     B 1 6  ? 5.565   0.451   -13.313 1.00 46.48 ? 7   G     B C8    1 
ATOM   581  N N7    . G     B 1 6  ? 4.781   -0.574  -13.451 1.00 43.20 ? 7   G     B N7    1 
ATOM   582  C C5    . G     B 1 6  ? 3.606   -0.032  -13.944 1.00 43.07 ? 7   G     B C5    1 
ATOM   583  C C6    . G     B 1 6  ? 2.386   -0.660  -14.287 1.00 42.17 ? 7   G     B C6    1 
ATOM   584  O O6    . G     B 1 6  ? 2.102   -1.857  -14.226 1.00 39.84 ? 7   G     B O6    1 
ATOM   585  N N1    . G     B 1 6  ? 1.445   0.251   -14.744 1.00 41.49 ? 7   G     B N1    1 
ATOM   586  C C2    . G     B 1 6  ? 1.648   1.597   -14.870 1.00 42.53 ? 7   G     B C2    1 
ATOM   587  N N2    . G     B 1 6  ? 0.611   2.311   -15.347 1.00 40.31 ? 7   G     B N2    1 
ATOM   588  N N3    . G     B 1 6  ? 2.787   2.193   -14.549 1.00 41.46 ? 7   G     B N3    1 
ATOM   589  C C4    . G     B 1 6  ? 3.713   1.329   -14.096 1.00 42.07 ? 7   G     B C4    1 
ATOM   590  P P     . G     B 1 7  ? 5.592   4.073   -9.058  1.00 52.44 ? 8   G     B P     1 
ATOM   591  O OP1   . G     B 1 7  ? 6.049   4.967   -7.961  1.00 65.60 ? 8   G     B OP1   1 
ATOM   592  O OP2   . G     B 1 7  ? 5.365   2.640   -8.747  1.00 54.27 ? 8   G     B OP2   1 
ATOM   593  O "O5'" . G     B 1 7  ? 4.271   4.730   -9.638  1.00 55.01 ? 8   G     B "O5'" 1 
ATOM   594  C "C5'" . G     B 1 7  ? 3.020   4.427   -9.079  1.00 51.93 ? 8   G     B "C5'" 1 
ATOM   595  C "C4'" . G     B 1 7  ? 1.917   4.611   -10.075 1.00 47.50 ? 8   G     B "C4'" 1 
ATOM   596  O "O4'" . G     B 1 7  ? 2.208   3.890   -11.304 1.00 49.15 ? 8   G     B "O4'" 1 
ATOM   597  C "C3'" . G     B 1 7  ? 0.612   4.035   -9.591  1.00 46.81 ? 8   G     B "C3'" 1 
ATOM   598  O "O3'" . G     B 1 7  ? -0.070  4.972   -8.798  1.00 47.84 ? 8   G     B "O3'" 1 
ATOM   599  C "C2'" . G     B 1 7  ? -0.101  3.656   -10.874 1.00 47.57 ? 8   G     B "C2'" 1 
ATOM   600  O "O2'" . G     B 1 7  ? -0.647  4.818   -11.478 1.00 51.44 ? 8   G     B "O2'" 1 
ATOM   601  C "C1'" . G     B 1 7  ? 1.073   3.162   -11.718 1.00 43.78 ? 8   G     B "C1'" 1 
ATOM   602  N N9    . G     B 1 7  ? 1.368   1.727   -11.480 1.00 48.87 ? 8   G     B N9    1 
ATOM   603  C C8    . G     B 1 7  ? 2.572   1.251   -11.005 1.00 44.80 ? 8   G     B C8    1 
ATOM   604  N N7    . G     B 1 7  ? 2.620   -0.042  -10.869 1.00 42.08 ? 8   G     B N7    1 
ATOM   605  C C5    . G     B 1 7  ? 1.367   -0.466  -11.268 1.00 42.54 ? 8   G     B C5    1 
ATOM   606  C C6    . G     B 1 7  ? 0.847   -1.778  -11.327 1.00 39.21 ? 8   G     B C6    1 
ATOM   607  O O6    . G     B 1 7  ? 1.404   -2.837  -11.032 1.00 41.82 ? 8   G     B O6    1 
ATOM   608  N N1    . G     B 1 7  ? -0.452  -1.792  -11.786 1.00 39.57 ? 8   G     B N1    1 
ATOM   609  C C2    . G     B 1 7  ? -1.167  -0.678  -12.148 1.00 43.98 ? 8   G     B C2    1 
ATOM   610  N N2    . G     B 1 7  ? -2.422  -0.896  -12.582 1.00 41.46 ? 8   G     B N2    1 
ATOM   611  N N3    . G     B 1 7  ? -0.693  0.558   -12.101 1.00 44.60 ? 8   G     B N3    1 
ATOM   612  C C4    . G     B 1 7  ? 0.579   0.600   -11.654 1.00 44.68 ? 8   G     B C4    1 
ATOM   613  P P     . U     B 1 8  ? -0.433  4.613   -7.283  1.00 48.43 ? 9   U     B P     1 
ATOM   614  O OP1   . U     B 1 8  ? -0.457  5.898   -6.529  1.00 54.30 ? 9   U     B OP1   1 
ATOM   615  O OP2   . U     B 1 8  ? 0.431   3.495   -6.829  1.00 49.72 ? 9   U     B OP2   1 
ATOM   616  O "O5'" . U     B 1 8  ? -1.929  4.099   -7.414  1.00 44.31 ? 9   U     B "O5'" 1 
ATOM   617  C "C5'" . U     B 1 8  ? -2.828  4.826   -8.232  1.00 47.18 ? 9   U     B "C5'" 1 
ATOM   618  C "C4'" . U     B 1 8  ? -3.934  3.956   -8.745  1.00 48.19 ? 9   U     B "C4'" 1 
ATOM   619  O "O4'" . U     B 1 8  ? -3.416  2.984   -9.690  1.00 48.12 ? 9   U     B "O4'" 1 
ATOM   620  C "C3'" . U     B 1 8  ? -4.626  3.104   -7.701  1.00 47.31 ? 9   U     B "C3'" 1 
ATOM   621  O "O3'" . U     B 1 8  ? -5.530  3.838   -6.892  1.00 48.97 ? 9   U     B "O3'" 1 
ATOM   622  C "C2'" . U     B 1 8  ? -5.262  2.009   -8.549  1.00 45.53 ? 9   U     B "C2'" 1 
ATOM   623  O "O2'" . U     B 1 8  ? -6.434  2.487   -9.199  1.00 44.74 ? 9   U     B "O2'" 1 
ATOM   624  C "C1'" . U     B 1 8  ? -4.179  1.793   -9.614  1.00 45.98 ? 9   U     B "C1'" 1 
ATOM   625  N N1    . U     B 1 8  ? -3.275  0.651   -9.312  1.00 42.32 ? 9   U     B N1    1 
ATOM   626  C C2    . U     B 1 8  ? -3.697  -0.639  -9.620  1.00 42.20 ? 9   U     B C2    1 
ATOM   627  O O2    . U     B 1 8  ? -4.788  -0.907  -10.100 1.00 39.29 ? 9   U     B O2    1 
ATOM   628  N N3    . U     B 1 8  ? -2.797  -1.635  -9.334  1.00 39.92 ? 9   U     B N3    1 
ATOM   629  C C4    . U     B 1 8  ? -1.542  -1.489  -8.790  1.00 42.52 ? 9   U     B C4    1 
ATOM   630  O O4    . U     B 1 8  ? -0.859  -2.495  -8.603  1.00 42.47 ? 9   U     B O4    1 
ATOM   631  C C5    . U     B 1 8  ? -1.166  -0.139  -8.501  1.00 42.52 ? 9   U     B C5    1 
ATOM   632  C C6    . U     B 1 8  ? -2.024  0.857   -8.771  1.00 44.66 ? 9   U     B C6    1 
ATOM   633  P P     . C     B 1 9  ? -5.720  3.435   -5.345  1.00 49.03 ? 10  C     B P     1 
ATOM   634  O OP1   . C     B 1 9  ? -6.488  4.523   -4.683  1.00 53.81 ? 10  C     B OP1   1 
ATOM   635  O OP2   . C     B 1 9  ? -4.399  3.034   -4.803  1.00 43.88 ? 10  C     B OP2   1 
ATOM   636  O "O5'" . C     B 1 9  ? -6.684  2.169   -5.426  1.00 45.00 ? 10  C     B "O5'" 1 
ATOM   637  C "C5'" . C     B 1 9  ? -7.867  2.246   -6.205  1.00 42.37 ? 10  C     B "C5'" 1 
ATOM   638  C "C4'" . C     B 1 9  ? -8.444  0.885   -6.481  1.00 47.39 ? 10  C     B "C4'" 1 
ATOM   639  O "O4'" . C     B 1 9  ? -7.635  0.165   -7.455  1.00 44.26 ? 10  C     B "O4'" 1 
ATOM   640  C "C3'" . C     B 1 9  ? -8.495  -0.062  -5.300  1.00 49.76 ? 10  C     B "C3'" 1 
ATOM   641  O "O3'" . C     B 1 9  ? -9.531  0.239   -4.379  1.00 43.11 ? 10  C     B "O3'" 1 
ATOM   642  C "C2'" . C     B 1 9  ? -8.629  -1.412  -5.998  1.00 44.49 ? 10  C     B "C2'" 1 
ATOM   643  O "O2'" . C     B 1 9  ? -9.925  -1.546  -6.556  1.00 44.02 ? 10  C     B "O2'" 1 
ATOM   644  C "C1'" . C     B 1 9  ? -7.671  -1.219  -7.169  1.00 41.44 ? 10  C     B "C1'" 1 
ATOM   645  N N1    . C     B 1 9  ? -6.299  -1.693  -6.860  1.00 39.88 ? 10  C     B N1    1 
ATOM   646  C C2    . C     B 1 9  ? -6.050  -3.065  -6.784  1.00 40.75 ? 10  C     B C2    1 
ATOM   647  O O2    . C     B 1 9  ? -6.992  -3.849  -6.976  1.00 41.09 ? 10  C     B O2    1 
ATOM   648  N N3    . C     B 1 9  ? -4.797  -3.502  -6.510  1.00 37.56 ? 10  C     B N3    1 
ATOM   649  C C4    . C     B 1 9  ? -3.810  -2.631  -6.322  1.00 38.24 ? 10  C     B C4    1 
ATOM   650  N N4    . C     B 1 9  ? -2.582  -3.089  -6.049  1.00 39.35 ? 10  C     B N4    1 
ATOM   651  C C5    . C     B 1 9  ? -4.040  -1.236  -6.379  1.00 38.99 ? 10  C     B C5    1 
ATOM   652  C C6    . C     B 1 9  ? -5.281  -0.818  -6.644  1.00 41.40 ? 10  C     B C6    1 
ATOM   653  P P     . C     B 1 10 ? -9.361  -0.140  -2.824  1.00 48.38 ? 11  C     B P     1 
ATOM   654  O OP1   . C     B 1 10 ? -10.511 0.470   -2.100  1.00 44.90 ? 11  C     B OP1   1 
ATOM   655  O OP2   . C     B 1 10 ? -7.968  0.174   -2.424  1.00 46.34 ? 11  C     B OP2   1 
ATOM   656  O "O5'" . C     B 1 10 ? -9.522  -1.732  -2.771  1.00 42.69 ? 11  C     B "O5'" 1 
ATOM   657  C "C5'" . C     B 1 10 ? -10.755 -2.359  -3.100  1.00 39.07 ? 11  C     B "C5'" 1 
ATOM   658  C "C4'" . C     B 1 10 ? -10.685 -3.859  -2.957  1.00 43.14 ? 11  C     B "C4'" 1 
ATOM   659  O "O4'" . C     B 1 10 ? -9.762  -4.392  -3.942  1.00 42.15 ? 11  C     B "O4'" 1 
ATOM   660  C "C3'" . C     B 1 10 ? -10.156 -4.402  -1.634  1.00 46.84 ? 11  C     B "C3'" 1 
ATOM   661  O "O3'" . C     B 1 10 ? -11.109 -4.437  -0.586  1.00 40.06 ? 11  C     B "O3'" 1 
ATOM   662  C "C2'" . C     B 1 10 ? -9.644  -5.778  -2.022  1.00 43.48 ? 11  C     B "C2'" 1 
ATOM   663  O "O2'" . C     B 1 10 ? -10.723 -6.691  -2.169  1.00 44.98 ? 11  C     B "O2'" 1 
ATOM   664  C "C1'" . C     B 1 10 ? -9.068  -5.497  -3.405  1.00 39.31 ? 11  C     B "C1'" 1 
ATOM   665  N N1    . C     B 1 10 ? -7.627  -5.171  -3.345  1.00 42.04 ? 11  C     B N1    1 
ATOM   666  C C2    . C     B 1 10 ? -6.762  -6.261  -3.345  1.00 40.41 ? 11  C     B C2    1 
ATOM   667  O O2    . C     B 1 10 ? -7.281  -7.387  -3.379  1.00 40.54 ? 11  C     B O2    1 
ATOM   668  N N3    . C     B 1 10 ? -5.420  -6.058  -3.305  1.00 39.46 ? 11  C     B N3    1 
ATOM   669  C C4    . C     B 1 10 ? -4.944  -4.808  -3.263  1.00 40.95 ? 11  C     B C4    1 
ATOM   670  N N4    . C     B 1 10 ? -3.619  -4.650  -3.218  1.00 34.28 ? 11  C     B N4    1 
ATOM   671  C C5    . C     B 1 10 ? -5.811  -3.668  -3.258  1.00 38.55 ? 11  C     B C5    1 
ATOM   672  C C6    . C     B 1 10 ? -7.134  -3.891  -3.296  1.00 40.83 ? 11  C     B C6    1 
ATOM   673  P P     . C     B 1 11 ? -10.608 -4.230  0.927   1.00 49.98 ? 12  C     B P     1 
ATOM   674  O OP1   . C     B 1 11 ? -11.824 -4.181  1.786   1.00 46.62 ? 12  C     B OP1   1 
ATOM   675  O OP2   . C     B 1 11 ? -9.613  -3.133  0.936   1.00 44.97 ? 12  C     B OP2   1 
ATOM   676  O "O5'" . C     B 1 11 ? -9.811  -5.570  1.274   1.00 47.39 ? 12  C     B "O5'" 1 
ATOM   677  C "C5'" . C     B 1 11 ? -10.518 -6.787  1.444   1.00 44.20 ? 12  C     B "C5'" 1 
ATOM   678  C "C4'" . C     B 1 11 ? -9.604  -7.968  1.625   1.00 44.44 ? 12  C     B "C4'" 1 
ATOM   679  O "O4'" . C     B 1 11 ? -8.729  -8.106  0.478   1.00 42.02 ? 12  C     B "O4'" 1 
ATOM   680  C "C3'" . C     B 1 11 ? -8.638  -7.919  2.797   1.00 47.81 ? 12  C     B "C3'" 1 
ATOM   681  O "O3'" . C     B 1 11 ? -9.245  -8.190  4.049   1.00 49.59 ? 12  C     B "O3'" 1 
ATOM   682  C "C2'" . C     B 1 11 ? -7.601  -8.951  2.387   1.00 40.70 ? 12  C     B "C2'" 1 
ATOM   683  O "O2'" . C     B 1 11 ? -8.125  -10.260 2.553   1.00 45.14 ? 12  C     B "O2'" 1 
ATOM   684  C "C1'" . C     B 1 11 ? -7.500  -8.675  0.887   1.00 42.34 ? 12  C     B "C1'" 1 
ATOM   685  N N1    . C     B 1 11 ? -6.398  -7.737  0.586   1.00 41.90 ? 12  C     B N1    1 
ATOM   686  C C2    . C     B 1 11 ? -5.122  -8.293  0.453   1.00 38.59 ? 12  C     B C2    1 
ATOM   687  O O2    . C     B 1 11 ? -5.001  -9.524  0.597   1.00 35.87 ? 12  C     B O2    1 
ATOM   688  N N3    . C     B 1 11 ? -4.076  -7.480  0.182   1.00 36.02 ? 12  C     B N3    1 
ATOM   689  C C4    . C     B 1 11 ? -4.282  -6.166  0.052   1.00 39.70 ? 12  C     B C4    1 
ATOM   690  N N4    . C     B 1 11 ? -3.234  -5.388  -0.212  1.00 41.51 ? 12  C     B N4    1 
ATOM   691  C C5    . C     B 1 11 ? -5.571  -5.575  0.180   1.00 38.64 ? 12  C     B C5    1 
ATOM   692  C C6    . C     B 1 11 ? -6.593  -6.392  0.458   1.00 39.07 ? 12  C     B C6    1 
ATOM   693  P P     . G     B 1 12 ? -8.744  -7.413  5.365   1.00 46.53 ? 13  G     B P     1 
ATOM   694  O OP1   . G     B 1 12 ? -9.801  -7.607  6.397   1.00 45.20 ? 13  G     B OP1   1 
ATOM   695  O OP2   . G     B 1 12 ? -8.269  -6.048  5.005   1.00 38.10 ? 13  G     B OP2   1 
ATOM   696  O "O5'" . G     B 1 12 ? -7.436  -8.201  5.798   1.00 44.03 ? 13  G     B "O5'" 1 
ATOM   697  C "C5'" . G     B 1 12 ? -7.419  -9.612  5.834   1.00 40.55 ? 13  G     B "C5'" 1 
ATOM   698  C "C4'" . G     B 1 12 ? -6.010  -10.132 5.898   1.00 46.34 ? 13  G     B "C4'" 1 
ATOM   699  O "O4'" . G     B 1 12 ? -5.361  -10.010 4.606   1.00 38.40 ? 13  G     B "O4'" 1 
ATOM   700  C "C3'" . G     B 1 12 ? -5.050  -9.414  6.830   1.00 45.29 ? 13  G     B "C3'" 1 
ATOM   701  O "O3'" . G     B 1 12 ? -5.262  -9.687  8.204   1.00 38.82 ? 13  G     B "O3'" 1 
ATOM   702  C "C2'" . G     B 1 12 ? -3.706  -9.893  6.302   1.00 42.68 ? 13  G     B "C2'" 1 
ATOM   703  O "O2'" . G     B 1 12 ? -3.482  -11.242 6.676   1.00 44.76 ? 13  G     B "O2'" 1 
ATOM   704  C "C1'" . G     B 1 12 ? -3.968  -9.860  4.798   1.00 41.28 ? 13  G     B "C1'" 1 
ATOM   705  N N9    . G     B 1 12 ? -3.553  -8.570  4.247   1.00 42.92 ? 13  G     B N9    1 
ATOM   706  C C8    . G     B 1 12 ? -4.324  -7.493  3.888   1.00 43.12 ? 13  G     B C8    1 
ATOM   707  N N7    . G     B 1 12 ? -3.600  -6.490  3.455   1.00 42.45 ? 13  G     B N7    1 
ATOM   708  C C5    . G     B 1 12 ? -2.291  -6.934  3.574   1.00 39.23 ? 13  G     B C5    1 
ATOM   709  C C6    . G     B 1 12 ? -1.073  -6.297  3.271   1.00 36.79 ? 13  G     B C6    1 
ATOM   710  O O6    . G     B 1 12 ? -0.886  -5.172  2.817   1.00 35.65 ? 13  G     B O6    1 
ATOM   711  N N1    . G     B 1 12 ? 0.010   -7.118  3.535   1.00 39.47 ? 13  G     B N1    1 
ATOM   712  C C2    . G     B 1 12 ? -0.061  -8.390  4.035   1.00 41.29 ? 13  G     B C2    1 
ATOM   713  N N2    . G     B 1 12 ? 1.109   -9.016  4.225   1.00 39.73 ? 13  G     B N2    1 
ATOM   714  N N3    . G     B 1 12 ? -1.197  -8.995  4.332   1.00 40.00 ? 13  G     B N3    1 
ATOM   715  C C4    . G     B 1 12 ? -2.251  -8.213  4.065   1.00 38.16 ? 13  G     B C4    1 
ATOM   716  P P     . G     B 1 13 ? -4.738  -8.653  9.338   1.00 53.41 ? 14  G     B P     1 
ATOM   717  O OP1   . G     B 1 13 ? -5.154  -9.256  10.639  1.00 43.46 ? 14  G     B OP1   1 
ATOM   718  O OP2   . G     B 1 13 ? -5.095  -7.247  8.997   1.00 43.39 ? 14  G     B OP2   1 
ATOM   719  O "O5'" . G     B 1 13 ? -3.149  -8.694  9.230   1.00 43.21 ? 14  G     B "O5'" 1 
ATOM   720  C "C5'" . G     B 1 13 ? -2.432  -9.854  9.602   1.00 44.05 ? 14  G     B "C5'" 1 
ATOM   721  C "C4'" . G     B 1 13 ? -0.954  -9.694  9.363   1.00 51.24 ? 14  G     B "C4'" 1 
ATOM   722  O "O4'" . G     B 1 13 ? -0.694  -9.395  7.967   1.00 49.40 ? 14  G     B "O4'" 1 
ATOM   723  C "C3'" . G     B 1 13 ? -0.265  -8.552  10.081  1.00 49.49 ? 14  G     B "C3'" 1 
ATOM   724  O "O3'" . G     B 1 13 ? -0.042  -8.778  11.452  1.00 54.86 ? 14  G     B "O3'" 1 
ATOM   725  C "C2'" . G     B 1 13 ? 1.011   -8.414  9.276   1.00 47.12 ? 14  G     B "C2'" 1 
ATOM   726  O "O2'" . G     B 1 13 ? 1.860   -9.515  9.532   1.00 43.06 ? 14  G     B "O2'" 1 
ATOM   727  C "C1'" . G     B 1 13 ? 0.465   -8.585  7.870   1.00 48.85 ? 14  G     B "C1'" 1 
ATOM   728  N N9    . G     B 1 13 ? 0.100   -7.292  7.273   1.00 48.18 ? 14  G     B N9    1 
ATOM   729  C C8    . G     B 1 13 ? -1.155  -6.743  7.165   1.00 42.95 ? 14  G     B C8    1 
ATOM   730  N N7    . G     B 1 13 ? -1.134  -5.590  6.548   1.00 46.00 ? 14  G     B N7    1 
ATOM   731  C C5    . G     B 1 13 ? 0.210   -5.371  6.252   1.00 41.32 ? 14  G     B C5    1 
ATOM   732  C C6    . G     B 1 13 ? 0.837   -4.283  5.603   1.00 38.29 ? 14  G     B C6    1 
ATOM   733  O O6    . G     B 1 13 ? 0.302   -3.270  5.145   1.00 44.30 ? 14  G     B O6    1 
ATOM   734  N N1    . G     B 1 13 ? 2.212   -4.455  5.507   1.00 37.81 ? 14  G     B N1    1 
ATOM   735  C C2    . G     B 1 13 ? 2.910   -5.543  5.984   1.00 44.30 ? 14  G     B C2    1 
ATOM   736  N N2    . G     B 1 13 ? 4.247   -5.525  5.785   1.00 38.73 ? 14  G     B N2    1 
ATOM   737  N N3    . G     B 1 13 ? 2.332   -6.573  6.605   1.00 44.26 ? 14  G     B N3    1 
ATOM   738  C C4    . G     B 1 13 ? 0.989   -6.414  6.696   1.00 44.38 ? 14  G     B C4    1 
ATOM   739  P P     . G     B 1 14 ? 0.105   -7.515  12.430  1.00 54.44 ? 15  G     B P     1 
ATOM   740  O OP1   . G     B 1 14 ? 0.055   -8.072  13.803  1.00 47.69 ? 15  G     B OP1   1 
ATOM   741  O OP2   . G     B 1 14 ? -0.902  -6.483  12.045  1.00 47.72 ? 15  G     B OP2   1 
ATOM   742  O "O5'" . G     B 1 14 ? 1.548   -6.922  12.082  1.00 47.53 ? 15  G     B "O5'" 1 
ATOM   743  C "C5'" . G     B 1 14 ? 2.716   -7.714  12.226  1.00 47.57 ? 15  G     B "C5'" 1 
ATOM   744  C "C4'" . G     B 1 14 ? 3.956   -7.003  11.734  1.00 52.30 ? 15  G     B "C4'" 1 
ATOM   745  O "O4'" . G     B 1 14 ? 3.861   -6.711  10.313  1.00 49.04 ? 15  G     B "O4'" 1 
ATOM   746  C "C3'" . G     B 1 14 ? 4.263   -5.649  12.363  1.00 50.38 ? 15  G     B "C3'" 1 
ATOM   747  O "O3'" . G     B 1 14 ? 4.851   -5.769  13.644  1.00 52.11 ? 15  G     B "O3'" 1 
ATOM   748  C "C2'" . G     B 1 14 ? 5.192   -5.022  11.330  1.00 46.87 ? 15  G     B "C2'" 1 
ATOM   749  O "O2'" . G     B 1 14 ? 6.492   -5.586  11.438  1.00 45.19 ? 15  G     B "O2'" 1 
ATOM   750  C "C1'" . G     B 1 14 ? 4.563   -5.510  10.023  1.00 47.12 ? 15  G     B "C1'" 1 
ATOM   751  N N9    . G     B 1 14 ? 3.619   -4.519  9.458   1.00 43.87 ? 15  G     B N9    1 
ATOM   752  C C8    . G     B 1 14 ? 2.247   -4.616  9.473   1.00 42.90 ? 15  G     B C8    1 
ATOM   753  N N7    . G     B 1 14 ? 1.649   -3.602  8.910   1.00 40.81 ? 15  G     B N7    1 
ATOM   754  C C5    . G     B 1 14 ? 2.681   -2.776  8.509   1.00 39.45 ? 15  G     B C5    1 
ATOM   755  C C6    . G     B 1 14 ? 2.621   -1.538  7.842   1.00 40.29 ? 15  G     B C6    1 
ATOM   756  O O6    . G     B 1 14 ? 1.605   -0.945  7.484   1.00 42.72 ? 15  G     B O6    1 
ATOM   757  N N1    . G     B 1 14 ? 3.882   -0.999  7.599   1.00 38.56 ? 15  G     B N1    1 
ATOM   758  C C2    . G     B 1 14 ? 5.059   -1.604  7.961   1.00 39.82 ? 15  G     B C2    1 
ATOM   759  N N2    . G     B 1 14 ? 6.180   -0.945  7.631   1.00 40.12 ? 15  G     B N2    1 
ATOM   760  N N3    . G     B 1 14 ? 5.136   -2.775  8.585   1.00 41.15 ? 15  G     B N3    1 
ATOM   761  C C4    . G     B 1 14 ? 3.910   -3.314  8.830   1.00 43.47 ? 15  G     B C4    1 
ATOM   762  P P     . A     B 1 15 ? 4.763   -4.574  14.719  1.00 55.03 ? 16  A     B P     1 
ATOM   763  O OP1   . A     B 1 15 ? 5.415   -5.109  15.953  1.00 46.38 ? 16  A     B OP1   1 
ATOM   764  O OP2   . A     B 1 15 ? 3.357   -4.116  14.804  1.00 48.92 ? 16  A     B OP2   1 
ATOM   765  O "O5'" . A     B 1 15 ? 5.648   -3.399  14.080  1.00 47.49 ? 16  A     B "O5'" 1 
ATOM   766  C "C5'" . A     B 1 15 ? 7.045   -3.555  13.852  1.00 37.82 ? 16  A     B "C5'" 1 
ATOM   767  C "C4'" . A     B 1 15 ? 7.649   -2.326  13.209  1.00 42.44 ? 16  A     B "C4'" 1 
ATOM   768  O "O4'" . A     B 1 15 ? 7.056   -2.110  11.903  1.00 46.83 ? 16  A     B "O4'" 1 
ATOM   769  C "C3'" . A     B 1 15 ? 7.428   -1.010  13.942  1.00 47.25 ? 16  A     B "C3'" 1 
ATOM   770  O "O3'" . A     B 1 15 ? 8.345   -0.821  15.011  1.00 46.98 ? 16  A     B "O3'" 1 
ATOM   771  C "C2'" . A     B 1 15 ? 7.557   0.029   12.827  1.00 47.44 ? 16  A     B "C2'" 1 
ATOM   772  O "O2'" . A     B 1 15 ? 8.923   0.318   12.571  1.00 48.37 ? 16  A     B "O2'" 1 
ATOM   773  C "C1'" . A     B 1 15 ? 6.982   -0.725  11.621  1.00 43.66 ? 16  A     B "C1'" 1 
ATOM   774  N N9    . A     B 1 15 ? 5.569   -0.389  11.314  1.00 42.66 ? 16  A     B N9    1 
ATOM   775  C C8    . A     B 1 15 ? 4.465   -1.041  11.806  1.00 43.90 ? 16  A     B C8    1 
ATOM   776  N N7    . A     B 1 15 ? 3.307   -0.583  11.376  1.00 37.59 ? 16  A     B N7    1 
ATOM   777  C C5    . A     B 1 15 ? 3.659   0.439   10.534  1.00 38.09 ? 16  A     B C5    1 
ATOM   778  C C6    . A     B 1 15 ? 2.854   1.308   9.779   1.00 40.04 ? 16  A     B C6    1 
ATOM   779  N N6    . A     B 1 15 ? 1.514   1.237   9.778   1.00 36.03 ? 16  A     B N6    1 
ATOM   780  N N1    . A     B 1 15 ? 3.491   2.234   9.026   1.00 38.49 ? 16  A     B N1    1 
ATOM   781  C C2    . A     B 1 15 ? 4.836   2.254   9.064   1.00 40.20 ? 16  A     B C2    1 
ATOM   782  N N3    . A     B 1 15 ? 5.699   1.489   9.746   1.00 39.21 ? 16  A     B N3    1 
ATOM   783  C C4    . A     B 1 15 ? 5.043   0.578   10.474  1.00 39.02 ? 16  A     B C4    1 
ATOM   784  P P     . G     B 1 16 ? 7.949   0.056   16.301  1.00 56.00 ? 17  G     B P     1 
ATOM   785  O OP1   . G     B 1 16 ? 9.000   -0.153  17.329  1.00 57.28 ? 17  G     B OP1   1 
ATOM   786  O OP2   . G     B 1 16 ? 6.550   -0.240  16.722  1.00 45.26 ? 17  G     B OP2   1 
ATOM   787  O "O5'" . G     B 1 16 ? 8.075   1.557   15.769  1.00 47.62 ? 17  G     B "O5'" 1 
ATOM   788  C "C5'" . G     B 1 16 ? 9.289   2.006   15.175  1.00 48.84 ? 17  G     B "C5'" 1 
ATOM   789  C "C4'" . G     B 1 16 ? 9.157   3.360   14.513  1.00 52.99 ? 17  G     B "C4'" 1 
ATOM   790  O "O4'" . G     B 1 16 ? 8.125   3.321   13.479  1.00 52.52 ? 17  G     B "O4'" 1 
ATOM   791  C "C3'" . G     B 1 16 ? 8.801   4.538   15.438  1.00 47.33 ? 17  G     B "C3'" 1 
ATOM   792  O "O3'" . G     B 1 16 ? 9.543   5.698   15.046  1.00 52.30 ? 17  G     B "O3'" 1 
ATOM   793  C "C2'" . G     B 1 16 ? 7.327   4.775   15.123  1.00 48.31 ? 17  G     B "C2'" 1 
ATOM   794  O "O2'" . G     B 1 16 ? 6.873   6.088   15.384  1.00 46.84 ? 17  G     B "O2'" 1 
ATOM   795  C "C1'" . G     B 1 16 ? 7.283   4.443   13.632  1.00 46.05 ? 17  G     B "C1'" 1 
ATOM   796  N N9    . G     B 1 16 ? 5.931   4.178   13.121  1.00 45.08 ? 17  G     B N9    1 
ATOM   797  C C8    . G     B 1 16 ? 5.282   4.968   12.201  1.00 40.87 ? 17  G     B C8    1 
ATOM   798  N N7    . G     B 1 16 ? 4.070   4.569   11.941  1.00 39.51 ? 17  G     B N7    1 
ATOM   799  C C5    . G     B 1 16 ? 3.893   3.459   12.744  1.00 36.45 ? 17  G     B C5    1 
ATOM   800  C C6    . G     B 1 16 ? 2.765   2.618   12.879  1.00 38.50 ? 17  G     B C6    1 
ATOM   801  O O6    . G     B 1 16 ? 1.679   2.698   12.305  1.00 37.26 ? 17  G     B O6    1 
ATOM   802  N N1    . G     B 1 16 ? 2.985   1.598   13.792  1.00 38.88 ? 17  G     B N1    1 
ATOM   803  C C2    . G     B 1 16 ? 4.159   1.414   14.479  1.00 40.85 ? 17  G     B C2    1 
ATOM   804  N N2    . G     B 1 16 ? 4.169   0.379   15.322  1.00 39.21 ? 17  G     B N2    1 
ATOM   805  N N3    . G     B 1 16 ? 5.228   2.195   14.366  1.00 42.35 ? 17  G     B N3    1 
ATOM   806  C C4    . G     B 1 16 ? 5.025   3.199   13.486  1.00 42.01 ? 17  G     B C4    1 
ATOM   807  P P     . G     B 1 17 ? 10.569  6.415   16.065  1.00 55.91 ? 18  G     B P     1 
ATOM   808  O OP1   . G     B 1 17 ? 11.733  6.856   15.256  1.00 45.65 ? 18  G     B OP1   1 
ATOM   809  O OP2   . G     B 1 17 ? 10.731  5.561   17.279  1.00 50.71 ? 18  G     B OP2   1 
ATOM   810  O "O5'" . G     B 1 17 ? 9.798   7.712   16.572  1.00 47.61 ? 18  G     B "O5'" 1 
ATOM   811  C "C5'" . G     B 1 17 ? 8.751   7.570   17.513  1.00 53.19 ? 18  G     B "C5'" 1 
ATOM   812  C "C4'" . G     B 1 17 ? 8.593   8.781   18.392  1.00 55.61 ? 18  G     B "C4'" 1 
ATOM   813  O "O4'" . G     B 1 17 ? 9.866   9.214   18.925  1.00 52.51 ? 18  G     B "O4'" 1 
ATOM   814  C "C3'" . G     B 1 17 ? 8.040   10.032  17.739  1.00 54.38 ? 18  G     B "C3'" 1 
ATOM   815  O "O3'" . G     B 1 17 ? 6.645   9.938   17.531  1.00 51.82 ? 18  G     B "O3'" 1 
ATOM   816  C "C2'" . G     B 1 17 ? 8.433   11.105  18.745  1.00 51.62 ? 18  G     B "C2'" 1 
ATOM   817  O "O2'" . G     B 1 17 ? 7.554   11.077  19.862  1.00 49.61 ? 18  G     B "O2'" 1 
ATOM   818  C "C1'" . G     B 1 17 ? 9.802   10.594  19.214  1.00 49.89 ? 18  G     B "C1'" 1 
ATOM   819  N N9    . G     B 1 17 ? 10.926  11.294  18.569  1.00 48.88 ? 18  G     B N9    1 
ATOM   820  C C8    . G     B 1 17 ? 11.847  10.835  17.657  1.00 53.02 ? 18  G     B C8    1 
ATOM   821  N N7    . G     B 1 17 ? 12.711  11.758  17.303  1.00 50.50 ? 18  G     B N7    1 
ATOM   822  C C5    . G     B 1 17 ? 12.342  12.881  18.027  1.00 53.59 ? 18  G     B C5    1 
ATOM   823  C C6    . G     B 1 17 ? 12.893  14.193  18.079  1.00 56.91 ? 18  G     B C6    1 
ATOM   824  O O6    . G     B 1 17 ? 13.867  14.648  17.472  1.00 61.46 ? 18  G     B O6    1 
ATOM   825  N N1    . G     B 1 17 ? 12.192  15.018  18.950  1.00 53.47 ? 18  G     B N1    1 
ATOM   826  C C2    . G     B 1 17 ? 11.101  14.621  19.680  1.00 55.25 ? 18  G     B C2    1 
ATOM   827  N N2    . G     B 1 17 ? 10.543  15.537  20.477  1.00 62.26 ? 18  G     B N2    1 
ATOM   828  N N3    . G     B 1 17 ? 10.580  13.411  19.647  1.00 56.24 ? 18  G     B N3    1 
ATOM   829  C C4    . G     B 1 17 ? 11.245  12.600  18.808  1.00 51.88 ? 18  G     B C4    1 
ATOM   830  P P     . A     B 1 18 ? 5.971   10.396  16.149  1.00 45.18 ? 19  A     B P     1 
ATOM   831  O OP1   . A     B 1 18 ? 4.729   9.588   16.124  1.00 38.97 ? 19  A     B OP1   1 
ATOM   832  O OP2   . A     B 1 18 ? 6.874   10.386  14.970  1.00 35.55 ? 19  A     B OP2   1 
ATOM   833  O "O5'" . A     B 1 18 ? 5.696   11.958  16.360  1.00 51.41 ? 19  A     B "O5'" 1 
ATOM   834  C "C5'" . A     B 1 18 ? 4.968   12.457  17.472  1.00 44.42 ? 19  A     B "C5'" 1 
ATOM   835  C "C4'" . A     B 1 18 ? 5.057   13.964  17.541  1.00 48.29 ? 19  A     B "C4'" 1 
ATOM   836  O "O4'" . A     B 1 18 ? 6.358   14.341  18.054  1.00 49.49 ? 19  A     B "O4'" 1 
ATOM   837  C "C3'" . A     B 1 18 ? 4.938   14.712  16.214  1.00 43.93 ? 19  A     B "C3'" 1 
ATOM   838  O "O3'" . A     B 1 18 ? 3.590   14.980  15.865  1.00 41.05 ? 19  A     B "O3'" 1 
ATOM   839  C "C2'" . A     B 1 18 ? 5.719   15.995  16.470  1.00 45.96 ? 19  A     B "C2'" 1 
ATOM   840  O "O2'" . A     B 1 18 ? 4.907   16.951  17.132  1.00 43.67 ? 19  A     B "O2'" 1 
ATOM   841  C "C1'" . A     B 1 18 ? 6.801   15.528  17.443  1.00 44.99 ? 19  A     B "C1'" 1 
ATOM   842  N N9    . A     B 1 18 ? 8.078   15.258  16.763  1.00 51.92 ? 19  A     B N9    1 
ATOM   843  C C8    . A     B 1 18 ? 8.433   14.135  16.060  1.00 52.31 ? 19  A     B C8    1 
ATOM   844  N N7    . A     B 1 18 ? 9.636   14.190  15.555  1.00 49.30 ? 19  A     B N7    1 
ATOM   845  C C5    . A     B 1 18 ? 10.117  15.427  15.954  1.00 53.33 ? 19  A     B C5    1 
ATOM   846  C C6    . A     B 1 18 ? 11.344  16.084  15.750  1.00 47.72 ? 19  A     B C6    1 
ATOM   847  N N6    . A     B 1 18 ? 12.364  15.580  15.057  1.00 44.40 ? 19  A     B N6    1 
ATOM   848  N N1    . A     B 1 18 ? 11.487  17.314  16.278  1.00 47.03 ? 19  A     B N1    1 
ATOM   849  C C2    . A     B 1 18 ? 10.476  17.833  16.983  1.00 47.09 ? 19  A     B C2    1 
ATOM   850  N N3    . A     B 1 18 ? 9.278   17.318  17.248  1.00 51.12 ? 19  A     B N3    1 
ATOM   851  C C4    . A     B 1 18 ? 9.160   16.099  16.697  1.00 54.73 ? 19  A     B C4    1 
ATOM   852  P P     . C     B 1 19 ? 2.994   14.532  14.448  1.00 39.01 ? 20  C     B P     1 
ATOM   853  O OP1   . C     B 1 19 ? 3.002   13.045  14.519  1.00 46.89 ? 20  C     B OP1   1 
ATOM   854  O OP2   . C     B 1 19 ? 3.547   15.271  13.283  1.00 29.31 ? 20  C     B OP2   1 
ATOM   855  O "O5'" . C     B 1 19 ? 1.494   15.043  14.484  1.00 40.84 ? 20  C     B "O5'" 1 
ATOM   856  C "C5'" . C     B 1 19 ? 0.604   14.652  15.507  1.00 35.80 ? 20  C     B "C5'" 1 
ATOM   857  C "C4'" . C     B 1 19 ? -0.817  14.776  15.030  1.00 35.30 ? 20  C     B "C4'" 1 
ATOM   858  O "O4'" . C     B 1 19 ? -1.020  13.885  13.900  1.00 31.15 ? 20  C     B "O4'" 1 
ATOM   859  C "C3'" . C     B 1 19 ? -1.889  14.368  16.035  1.00 36.37 ? 20  C     B "C3'" 1 
ATOM   860  O "O3'" . C     B 1 19 ? -2.228  15.401  16.947  1.00 31.54 ? 20  C     B "O3'" 1 
ATOM   861  C "C2'" . C     B 1 19 ? -3.040  13.948  15.135  1.00 33.72 ? 20  C     B "C2'" 1 
ATOM   862  O "O2'" . C     B 1 19 ? -3.700  15.088  14.612  1.00 37.26 ? 20  C     B "O2'" 1 
ATOM   863  C "C1'" . C     B 1 19 ? -2.286  13.261  13.998  1.00 37.95 ? 20  C     B "C1'" 1 
ATOM   864  N N1    . C     B 1 19 ? -2.095  11.822  14.306  1.00 38.82 ? 20  C     B N1    1 
ATOM   865  C C2    . C     B 1 19 ? -3.197  10.976  14.198  1.00 34.41 ? 20  C     B C2    1 
ATOM   866  O O2    . C     B 1 19 ? -4.266  11.465  13.826  1.00 39.29 ? 20  C     B O2    1 
ATOM   867  N N3    . C     B 1 19 ? -3.074  9.661   14.503  1.00 34.85 ? 20  C     B N3    1 
ATOM   868  C C4    . C     B 1 19 ? -1.891  9.177   14.905  1.00 34.93 ? 20  C     B C4    1 
ATOM   869  N N4    . C     B 1 19 ? -1.793  7.878   15.199  1.00 29.34 ? 20  C     B N4    1 
ATOM   870  C C5    . C     B 1 19 ? -0.743  10.021  15.023  1.00 33.42 ? 20  C     B C5    1 
ATOM   871  C C6    . C     B 1 19 ? -0.889  11.315  14.726  1.00 35.28 ? 20  C     B C6    1 
ATOM   872  P P     . C     B 1 20 ? -2.811  15.037  18.398  1.00 33.96 ? 21  C     B P     1 
ATOM   873  O OP1   . C     B 1 20 ? -3.071  16.295  19.141  1.00 35.68 ? 21  C     B OP1   1 
ATOM   874  O OP2   . C     B 1 20 ? -1.945  13.972  18.983  1.00 37.45 ? 21  C     B OP2   1 
ATOM   875  O "O5'" . C     B 1 20 ? -4.209  14.335  18.116  1.00 38.00 ? 21  C     B "O5'" 1 
ATOM   876  C "C5'" . C     B 1 20 ? -5.340  15.077  17.702  1.00 34.93 ? 21  C     B "C5'" 1 
ATOM   877  C "C4'" . C     B 1 20 ? -6.503  14.156  17.458  1.00 37.43 ? 21  C     B "C4'" 1 
ATOM   878  O "O4'" . C     B 1 20 ? -6.105  13.100  16.542  1.00 36.34 ? 21  C     B "O4'" 1 
ATOM   879  C "C3'" . C     B 1 20 ? -7.028  13.393  18.662  1.00 33.05 ? 21  C     B "C3'" 1 
ATOM   880  O "O3'" . C     B 1 20 ? -7.848  14.171  19.505  1.00 29.49 ? 21  C     B "O3'" 1 
ATOM   881  C "C2'" . C     B 1 20 ? -7.758  12.238  18.002  1.00 37.71 ? 21  C     B "C2'" 1 
ATOM   882  O "O2'" . C     B 1 20 ? -8.977  12.685  17.431  1.00 44.31 ? 21  C     B "O2'" 1 
ATOM   883  C "C1'" . C     B 1 20 ? -6.812  11.916  16.849  1.00 37.51 ? 21  C     B "C1'" 1 
ATOM   884  N N1    . C     B 1 20 ? -5.852  10.858  17.235  1.00 39.31 ? 21  C     B N1    1 
ATOM   885  C C2    . C     B 1 20 ? -6.300  9.538   17.232  1.00 36.02 ? 21  C     B C2    1 
ATOM   886  O O2    . C     B 1 20 ? -7.466  9.300   16.880  1.00 39.49 ? 21  C     B O2    1 
ATOM   887  N N3    . C     B 1 20 ? -5.450  8.559   17.591  1.00 36.72 ? 21  C     B N3    1 
ATOM   888  C C4    . C     B 1 20 ? -4.205  8.863   17.960  1.00 38.39 ? 21  C     B C4    1 
ATOM   889  N N4    . C     B 1 20 ? -3.396  7.865   18.307  1.00 33.01 ? 21  C     B N4    1 
ATOM   890  C C5    . C     B 1 20 ? -3.719  10.200  17.975  1.00 35.58 ? 21  C     B C5    1 
ATOM   891  C C6    . C     B 1 20 ? -4.574  11.158  17.611  1.00 39.55 ? 21  C     B C6    1 
ATOM   892  P P     . G     B 1 21 ? -8.012  13.794  21.063  1.00 38.27 ? 22  G     B P     1 
ATOM   893  O OP1   . G     B 1 21 ? -8.701  14.908  21.750  1.00 36.50 ? 22  G     B OP1   1 
ATOM   894  O OP2   . G     B 1 21 ? -6.692  13.384  21.612  1.00 38.80 ? 22  G     B OP2   1 
ATOM   895  O "O5'" . G     B 1 21 ? -8.997  12.547  21.046  1.00 36.30 ? 22  G     B "O5'" 1 
ATOM   896  C "C5'" . G     B 1 21 ? -10.293 12.676  20.478  1.00 40.64 ? 22  G     B "C5'" 1 
ATOM   897  C "C4'" . G     B 1 21 ? -11.014 11.351  20.411  1.00 45.78 ? 22  G     B "C4'" 1 
ATOM   898  O "O4'" . G     B 1 21 ? -10.335 10.444  19.496  1.00 49.61 ? 22  G     B "O4'" 1 
ATOM   899  C "C3'" . G     B 1 21 ? -11.091 10.571  21.708  1.00 41.28 ? 22  G     B "C3'" 1 
ATOM   900  O "O3'" . G     B 1 21 ? -12.105 11.060  22.567  1.00 40.31 ? 22  G     B "O3'" 1 
ATOM   901  C "C2'" . G     B 1 21 ? -11.316 9.145   21.214  1.00 40.76 ? 22  G     B "C2'" 1 
ATOM   902  O "O2'" . G     B 1 21 ? -12.660 8.953   20.803  1.00 38.80 ? 22  G     B "O2'" 1 
ATOM   903  C "C1'" . G     B 1 21 ? -10.437 9.118   19.969  1.00 43.84 ? 22  G     B "C1'" 1 
ATOM   904  N N9    . G     B 1 21 ? -9.087  8.631   20.292  1.00 42.76 ? 22  G     B N9    1 
ATOM   905  C C8    . G     B 1 21 ? -7.952  9.380   20.430  1.00 41.90 ? 22  G     B C8    1 
ATOM   906  N N7    . G     B 1 21 ? -6.907  8.668   20.743  1.00 38.99 ? 22  G     B N7    1 
ATOM   907  C C5    . G     B 1 21 ? -7.392  7.377   20.828  1.00 41.03 ? 22  G     B C5    1 
ATOM   908  C C6    . G     B 1 21 ? -6.711  6.175   21.132  1.00 39.65 ? 22  G     B C6    1 
ATOM   909  O O6    . G     B 1 21 ? -5.514  6.048   21.396  1.00 41.33 ? 22  G     B O6    1 
ATOM   910  N N1    . G     B 1 21 ? -7.565  5.082   21.114  1.00 38.05 ? 22  G     B N1    1 
ATOM   911  C C2    . G     B 1 21 ? -8.914  5.147   20.841  1.00 43.96 ? 22  G     B C2    1 
ATOM   912  N N2    . G     B 1 21 ? -9.587  3.985   20.861  1.00 44.31 ? 22  G     B N2    1 
ATOM   913  N N3    . G     B 1 21 ? -9.563  6.269   20.549  1.00 41.20 ? 22  G     B N3    1 
ATOM   914  C C4    . G     B 1 21 ? -8.739  7.336   20.562  1.00 41.52 ? 22  G     B C4    1 
ATOM   915  P P     . C     B 1 22 ? -11.966 10.955  24.167  1.00 41.24 ? 23  C     B P     1 
ATOM   916  O OP1   . C     B 1 22 ? -13.210 11.549  24.716  1.00 49.14 ? 23  C     B OP1   1 
ATOM   917  O OP2   . C     B 1 22 ? -10.663 11.487  24.633  1.00 42.17 ? 23  C     B OP2   1 
ATOM   918  O "O5'" . C     B 1 22 ? -11.984 9.384   24.464  1.00 42.07 ? 23  C     B "O5'" 1 
ATOM   919  C "C5'" . C     B 1 22 ? -13.064 8.574   24.020  1.00 37.68 ? 23  C     B "C5'" 1 
ATOM   920  C "C4'" . C     B 1 22 ? -12.783 7.096   24.183  1.00 41.90 ? 23  C     B "C4'" 1 
ATOM   921  O "O4'" . C     B 1 22 ? -11.701 6.644   23.324  1.00 35.62 ? 23  C     B "O4'" 1 
ATOM   922  C "C3'" . C     B 1 22 ? -12.365 6.631   25.559  1.00 37.81 ? 23  C     B "C3'" 1 
ATOM   923  O "O3'" . C     B 1 22 ? -13.457 6.574   26.452  1.00 39.51 ? 23  C     B "O3'" 1 
ATOM   924  C "C2'" . C     B 1 22 ? -11.752 5.270   25.261  1.00 43.93 ? 23  C     B "C2'" 1 
ATOM   925  O "O2'" . C     B 1 22 ? -12.771 4.301   25.081  1.00 49.55 ? 23  C     B "O2'" 1 
ATOM   926  C "C1'" . C     B 1 22 ? -11.074 5.523   23.909  1.00 35.33 ? 23  C     B "C1'" 1 
ATOM   927  N N1    . C     B 1 22 ? -9.635  5.808   24.079  1.00 40.13 ? 23  C     B N1    1 
ATOM   928  C C2    . C     B 1 22 ? -8.745  4.757   24.317  1.00 43.10 ? 23  C     B C2    1 
ATOM   929  O O2    . C     B 1 22 ? -9.154  3.591   24.354  1.00 47.83 ? 23  C     B O2    1 
ATOM   930  N N3    . C     B 1 22 ? -7.436  5.024   24.498  1.00 42.80 ? 23  C     B N3    1 
ATOM   931  C C4    . C     B 1 22 ? -7.005  6.276   24.470  1.00 39.87 ? 23  C     B C4    1 
ATOM   932  N N4    . C     B 1 22 ? -5.709  6.473   24.650  1.00 40.81 ? 23  C     B N4    1 
ATOM   933  C C5    . C     B 1 22 ? -7.877  7.370   24.245  1.00 39.21 ? 23  C     B C5    1 
ATOM   934  C C6    . C     B 1 22 ? -9.169  7.091   24.064  1.00 42.05 ? 23  C     B C6    1 
HETATM 935  C C10   . A1L3Y C 2 .  ? 1.385   6.735   13.872  1.00 37.29 ? 101 A1L3Y A C10   1 
HETATM 936  C C13   . A1L3Y C 2 .  ? 4.170   9.773   12.310  1.00 36.02 ? 101 A1L3Y A C13   1 
HETATM 937  C C15   . A1L3Y C 2 .  ? 3.673   7.662   13.670  1.00 39.75 ? 101 A1L3Y A C15   1 
HETATM 938  C C17   . A1L3Y C 2 .  ? 2.983   3.775   16.213  1.00 35.38 ? 101 A1L3Y A C17   1 
HETATM 939  C C20   . A1L3Y C 2 .  ? 0.254   3.750   15.706  1.00 35.45 ? 101 A1L3Y A C20   1 
HETATM 940  C C21   . A1L3Y C 2 .  ? -1.965  2.785   15.973  1.00 34.01 ? 101 A1L3Y A C21   1 
HETATM 941  C C22   . A1L3Y C 2 .  ? -3.376  3.016   15.285  1.00 39.98 ? 101 A1L3Y A C22   1 
HETATM 942  C C01   . A1L3Y C 2 .  ? 1.880   13.255  7.460   1.00 52.95 ? 101 A1L3Y A C01   1 
HETATM 943  C C02   . A1L3Y C 2 .  ? 0.492   13.473  8.212   1.00 54.86 ? 101 A1L3Y A C02   1 
HETATM 944  C C06   . A1L3Y C 2 .  ? 0.538   13.561  10.665  1.00 47.67 ? 101 A1L3Y A C06   1 
HETATM 945  C C07   . A1L3Y C 2 .  ? 4.109   12.146  7.807   1.00 52.74 ? 101 A1L3Y A C07   1 
HETATM 946  C C09   . A1L3Y C 2 .  ? 1.049   4.781   15.144  1.00 37.69 ? 101 A1L3Y A C09   1 
HETATM 947  C C11   . A1L3Y C 2 .  ? 1.843   8.708   12.609  1.00 40.51 ? 101 A1L3Y A C11   1 
HETATM 948  C C12   . A1L3Y C 2 .  ? 2.429   4.766   15.418  1.00 35.03 ? 101 A1L3Y A C12   1 
HETATM 949  C C14   . A1L3Y C 2 .  ? 4.361   9.625   10.837  1.00 43.88 ? 101 A1L3Y A C14   1 
HETATM 950  C C16   . A1L3Y C 2 .  ? 2.829   6.716   14.153  1.00 36.99 ? 101 A1L3Y A C16   1 
HETATM 951  C C18   . A1L3Y C 2 .  ? 2.187   2.780   16.742  1.00 35.97 ? 101 A1L3Y A C18   1 
HETATM 952  C C19   . A1L3Y C 2 .  ? 0.820   2.756   16.504  1.00 35.60 ? 101 A1L3Y A C19   1 
HETATM 953  C C23   . A1L3Y C 2 .  ? 4.758   10.870  8.521   1.00 48.75 ? 101 A1L3Y A C23   1 
HETATM 954  N N02   . A1L3Y C 2 .  ? -3.242  3.417   13.846  1.00 38.46 ? 101 A1L3Y A N02   1 
HETATM 955  N N03   . A1L3Y C 2 .  ? 0.525   5.832   14.324  1.00 37.29 ? 101 A1L3Y A N03   1 
HETATM 956  N N04   . A1L3Y C 2 .  ? 0.952   7.818   13.054  1.00 38.53 ? 101 A1L3Y A N04   1 
HETATM 957  N N05   . A1L3Y C 2 .  ? 3.234   8.740   12.849  1.00 41.19 ? 101 A1L3Y A N05   1 
HETATM 958  N N06   . A1L3Y C 2 .  ? 4.565   10.804  10.002  1.00 47.28 ? 101 A1L3Y A N06   1 
HETATM 959  O O02   . A1L3Y C 2 .  ? 0.631   14.269  9.411   1.00 60.90 ? 101 A1L3Y A O02   1 
HETATM 960  O O03   . A1L3Y C 2 .  ? 2.700   12.266  8.142   1.00 64.72 ? 101 A1L3Y A O03   1 
HETATM 961  O O05   . A1L3Y C 2 .  ? 3.290   5.692   14.917  1.00 35.38 ? 101 A1L3Y A O05   1 
HETATM 962  O O06   . A1L3Y C 2 .  ? 1.423   9.726   11.826  1.00 43.18 ? 101 A1L3Y A O06   1 
HETATM 963  O O07   . A1L3Y C 2 .  ? 4.311   8.496   10.384  1.00 48.84 ? 101 A1L3Y A O07   1 
HETATM 964  O O08   . A1L3Y C 2 .  ? -1.063  3.759   15.445  1.00 37.53 ? 101 A1L3Y A O08   1 
HETATM 965  C C10   . A1L3Y D 2 .  ? -1.240  -2.003  -15.653 1.00 41.87 ? 101 A1L3Y B C10   1 
HETATM 966  C C13   . A1L3Y D 2 .  ? -4.515  0.784   -16.430 1.00 45.04 ? 101 A1L3Y B C13   1 
HETATM 967  C C15   . A1L3Y D 2 .  ? -3.598  -1.588  -16.357 1.00 38.18 ? 101 A1L3Y B C15   1 
HETATM 968  C C17   . A1L3Y D 2 .  ? -1.998  -5.984  -16.216 1.00 36.79 ? 101 A1L3Y B C17   1 
HETATM 969  C C20   . A1L3Y D 2 .  ? 0.575   -5.275  -15.339 1.00 42.06 ? 101 A1L3Y B C20   1 
HETATM 970  C C21   . A1L3Y D 2 .  ? 2.157   -5.014  -13.533 1.00 41.21 ? 101 A1L3Y B C21   1 
HETATM 971  C C22   . A1L3Y D 2 .  ? 3.673   -4.624  -13.252 1.00 43.20 ? 101 A1L3Y B C22   1 
HETATM 972  C C01   . A1L3Y D 2 .  ? -4.994  6.180   -12.776 1.00 52.47 ? 101 A1L3Y B C01   1 
HETATM 973  C C02   . A1L3Y D 2 .  ? -3.578  5.824   -13.342 1.00 59.14 ? 101 A1L3Y B C02   1 
HETATM 974  C C03   . A1L3Y D 2 .  ? -3.591  8.228   -15.879 1.00 59.74 ? 101 A1L3Y B C03   1 
HETATM 975  C C06   . A1L3Y D 2 .  ? -2.624  4.924   -15.450 1.00 53.62 ? 101 A1L3Y B C06   1 
HETATM 976  C C07   . A1L3Y D 2 .  ? -6.581  4.372   -13.384 1.00 55.18 ? 101 A1L3Y B C07   1 
HETATM 977  C C08   . A1L3Y D 2 .  ? -2.667  6.102   -16.513 1.00 48.00 ? 101 A1L3Y B C08   1 
HETATM 978  C C09   . A1L3Y D 2 .  ? -0.417  -4.233  -15.576 1.00 42.04 ? 101 A1L3Y B C09   1 
HETATM 979  C C11   . A1L3Y D 2 .  ? -2.163  0.170   -15.773 1.00 41.47 ? 101 A1L3Y B C11   1 
HETATM 980  C C12   . A1L3Y D 2 .  ? -1.708  -4.653  -16.017 1.00 39.60 ? 101 A1L3Y B C12   1 
HETATM 981  C C14   . A1L3Y D 2 .  ? -5.007  1.208   -15.020 1.00 43.82 ? 101 A1L3Y B C14   1 
HETATM 982  C C16   . A1L3Y D 2 .  ? -2.588  -2.449  -16.109 1.00 40.29 ? 101 A1L3Y B C16   1 
HETATM 983  C C18   . A1L3Y D 2 .  ? -1.046  -6.942  -15.987 1.00 34.49 ? 101 A1L3Y B C18   1 
HETATM 984  C C19   . A1L3Y D 2 .  ? 0.233   -6.606  -15.555 1.00 37.63 ? 101 A1L3Y B C19   1 
HETATM 985  C C23   . A1L3Y D 2 .  ? -6.377  2.814   -13.461 1.00 46.69 ? 101 A1L3Y B C23   1 
HETATM 986  N N02   . A1L3Y D 2 .  ? 4.116   -3.427  -13.983 1.00 43.40 ? 101 A1L3Y B N02   1 
HETATM 987  N N03   . A1L3Y D 2 .  ? -0.205  -2.810  -15.393 1.00 41.13 ? 101 A1L3Y B N03   1 
HETATM 988  N N04   . A1L3Y D 2 .  ? -1.118  -0.599  -15.514 1.00 39.27 ? 101 A1L3Y B N04   1 
HETATM 989  N N05   . A1L3Y D 2 .  ? -3.435  -0.203  -16.214 1.00 42.51 ? 101 A1L3Y B N05   1 
HETATM 990  N N06   . A1L3Y D 2 .  ? -5.866  2.343   -14.789 1.00 49.97 ? 101 A1L3Y B N06   1 
HETATM 991  O O01   . A1L3Y D 2 .  ? -2.461  7.353   -15.886 1.00 52.07 ? 101 A1L3Y B O01   1 
HETATM 992  O O02   . A1L3Y D 2 .  ? -3.720  4.936   -14.501 1.00 61.18 ? 101 A1L3Y B O02   1 
HETATM 993  O O03   . A1L3Y D 2 .  ? -5.671  4.960   -12.442 1.00 63.31 ? 101 A1L3Y B O03   1 
HETATM 994  O O05   . A1L3Y D 2 .  ? -2.769  -3.794  -16.269 1.00 41.49 ? 101 A1L3Y B O05   1 
HETATM 995  O O06   . A1L3Y D 2 .  ? -2.065  1.499   -15.631 1.00 42.81 ? 101 A1L3Y B O06   1 
HETATM 996  O O07   . A1L3Y D 2 .  ? -4.644  0.548   -14.066 1.00 45.17 ? 101 A1L3Y B O07   1 
HETATM 997  O O08   . A1L3Y D 2 .  ? 1.873   -5.029  -14.924 1.00 44.80 ? 101 A1L3Y B O08   1 
HETATM 998  O O     . HOH   E 3 .  ? 1.846   7.254   -25.561 0.33 39.53 ? 201 HOH   A O     1 
HETATM 999  O O     . HOH   E 3 .  ? -0.655  1.642   12.391  1.00 39.91 ? 202 HOH   A O     1 
HETATM 1000 O O     . HOH   E 3 .  ? -2.309  -6.769  23.038  1.00 44.53 ? 203 HOH   A O     1 
HETATM 1001 O O     . HOH   E 3 .  ? -4.624  11.205  10.244  1.00 33.02 ? 204 HOH   A O     1 
HETATM 1002 O O     . HOH   E 3 .  ? -1.855  -15.309 -10.974 1.00 42.79 ? 205 HOH   A O     1 
HETATM 1003 O O     . HOH   E 3 .  ? 1.393   8.031   -22.500 0.33 40.01 ? 206 HOH   A O     1 
HETATM 1004 O O     . HOH   E 3 .  ? -3.600  1.935   10.600  1.00 45.10 ? 207 HOH   A O     1 
HETATM 1005 O O     . HOH   E 3 .  ? -15.150 -3.919  -20.820 1.00 50.60 ? 208 HOH   A O     1 
HETATM 1006 O O     . HOH   E 3 .  ? -7.735  -15.198 -11.047 0.33 29.49 ? 209 HOH   A O     1 
HETATM 1007 O O     . HOH   E 3 .  ? -1.621  5.352   26.430  0.50 53.43 ? 210 HOH   A O     1 
HETATM 1008 O O     . HOH   F 3 .  ? 0.752   -5.180  -10.717 1.00 43.25 ? 201 HOH   B O     1 
HETATM 1009 O O     . HOH   F 3 .  ? -3.151  -3.949  6.186   1.00 40.16 ? 202 HOH   B O     1 
HETATM 1010 O O     . HOH   F 3 .  ? 10.918  5.534   -9.868  1.00 54.13 ? 203 HOH   B O     1 
# 
